data_5TBI
#
_entry.id   5TBI
#
_cell.length_a   74.494
_cell.length_b   98.029
_cell.length_c   205.730
_cell.angle_alpha   90.00
_cell.angle_beta   90.00
_cell.angle_gamma   90.00
#
_symmetry.space_group_name_H-M   'P 21 21 2'
#
loop_
_entity.id
_entity.type
_entity.pdbx_description
1 polymer 'Histone-arginine methyltransferase CARM1'
2 non-polymer 1,2-ETHANEDIOL
3 non-polymer "5'-S-[(3S)-3-azaniumyl-3-carboxypropyl]-5'-thioadenosine"
4 non-polymer 3,6,9,12,15,18,21-HEPTAOXATRICOSANE-1,23-DIOL
5 non-polymer 4-[2-[[(2~{R},3~{S},4~{R},5~{R})-5-(6-aminopurin-9-yl)-3,4-bis(oxidanyl)oxolan-2-yl]methylamino]ethylamino]-1-(methoxymethyl)pyrimidin-2-one
6 water water
#
_entity_poly.entity_id   1
_entity_poly.type   'polypeptide(L)'
_entity_poly.pdbx_seq_one_letter_code
;GHMGHTLERSVFSERTEESSAVQYFQFYGYLSQQQNMMQDYVRTGTYQRAILQNHTDFKDKIVLDVGCGSGILSFFAAQA
GARKIYAVEASTMAQHAEVLVKSNNLTDRIVVIPGKVEEVSLPEQVDIIISEPMGYMLFNERMLESYLHAKKYLKPSGNM
FPTIGDVHLAPFTDEQLYMEQFTKANFWYQPSFHGVDLSALRGAAVDEYFRQPVVDTFDIRILMAKSVKYTVNFLEAKEG
DLHRIEIPFKFHMLHSGLVHGLAFWFDVAFIGSIMTVWLSTAPTEPLTHWYQVRCLFQSPLFAKAGDTLSGTCLLIANKR
QSYDISIVAQVDQTGSKSSNLLDLKNPFFRYTGTTPSPPPG
;
_entity_poly.pdbx_strand_id   A,B,C,D
#
# COMPACT_ATOMS: atom_id res chain seq x y z
N SER A 10 0.33 -12.58 -44.52
CA SER A 10 0.09 -11.16 -44.29
C SER A 10 1.38 -10.37 -44.47
N VAL A 11 1.25 -9.05 -44.65
CA VAL A 11 2.40 -8.19 -44.83
C VAL A 11 3.28 -8.22 -43.58
N PHE A 12 2.66 -8.30 -42.41
CA PHE A 12 3.41 -8.29 -41.16
C PHE A 12 4.29 -9.53 -41.02
N SER A 13 3.69 -10.70 -41.19
CA SER A 13 4.39 -11.97 -40.99
C SER A 13 5.52 -12.15 -41.99
N GLU A 14 5.35 -11.57 -43.18
CA GLU A 14 6.36 -11.70 -44.23
C GLU A 14 7.63 -10.91 -43.89
N ARG A 15 7.47 -9.83 -43.14
CA ARG A 15 8.62 -8.97 -42.81
C ARG A 15 9.14 -9.20 -41.39
N THR A 16 8.58 -10.19 -40.70
CA THR A 16 8.89 -10.41 -39.29
C THR A 16 9.15 -11.88 -38.96
N GLU A 17 10.30 -12.16 -38.34
CA GLU A 17 10.55 -13.47 -37.77
C GLU A 17 9.57 -13.73 -36.64
N GLU A 18 8.97 -14.91 -36.66
CA GLU A 18 7.96 -15.28 -35.67
C GLU A 18 8.53 -15.10 -34.26
N SER A 19 9.78 -15.50 -34.07
CA SER A 19 10.44 -15.40 -32.78
C SER A 19 10.33 -13.97 -32.21
N SER A 20 10.66 -13.02 -33.09
CA SER A 20 10.65 -11.61 -32.76
C SER A 20 9.23 -11.12 -32.48
N ALA A 21 8.28 -11.57 -33.28
CA ALA A 21 6.89 -11.17 -33.15
C ALA A 21 6.31 -11.64 -31.83
N VAL A 22 6.52 -12.92 -31.52
CA VAL A 22 6.08 -13.50 -30.27
C VAL A 22 6.66 -12.69 -29.12
N GLN A 23 7.98 -12.53 -29.08
CA GLN A 23 8.58 -11.76 -27.99
C GLN A 23 7.98 -10.35 -27.92
N TYR A 24 7.83 -9.74 -29.09
CA TYR A 24 7.33 -8.37 -29.19
C TYR A 24 5.94 -8.22 -28.59
N PHE A 25 5.00 -9.07 -29.00
CA PHE A 25 3.63 -8.93 -28.52
C PHE A 25 3.45 -9.51 -27.12
N GLN A 26 4.34 -10.40 -26.70
CA GLN A 26 4.35 -10.78 -25.29
C GLN A 26 4.76 -9.58 -24.44
N PHE A 27 5.78 -8.86 -24.88
CA PHE A 27 6.24 -7.66 -24.17
C PHE A 27 5.09 -6.68 -23.90
N TYR A 28 4.28 -6.42 -24.91
CA TYR A 28 3.21 -5.43 -24.78
C TYR A 28 1.93 -6.00 -24.17
N GLY A 29 1.93 -7.30 -23.90
CA GLY A 29 0.80 -7.93 -23.23
C GLY A 29 0.77 -7.66 -21.74
N TYR A 30 1.86 -7.09 -21.22
CA TYR A 30 1.97 -6.78 -19.79
C TYR A 30 1.38 -5.42 -19.48
N LEU A 31 0.51 -5.39 -18.48
CA LEU A 31 -0.09 -4.15 -18.02
C LEU A 31 0.98 -3.18 -17.53
N SER A 32 2.06 -3.71 -16.97
CA SER A 32 3.14 -2.89 -16.45
C SER A 32 3.85 -2.10 -17.55
N GLN A 33 3.93 -2.69 -18.74
CA GLN A 33 4.62 -2.05 -19.85
C GLN A 33 3.73 -0.93 -20.39
N GLN A 34 2.44 -1.24 -20.50
CA GLN A 34 1.43 -0.27 -20.89
C GLN A 34 1.46 0.89 -19.90
N GLN A 35 1.50 0.52 -18.62
CA GLN A 35 1.58 1.48 -17.53
C GLN A 35 2.83 2.34 -17.70
N ASN A 36 3.95 1.70 -18.01
CA ASN A 36 5.18 2.45 -18.25
C ASN A 36 4.96 3.52 -19.31
N MET A 37 4.34 3.13 -20.41
CA MET A 37 4.05 4.11 -21.47
C MET A 37 3.04 5.17 -21.01
N MET A 38 2.01 4.74 -20.28
CA MET A 38 0.95 5.63 -19.85
C MET A 38 1.47 6.66 -18.85
N GLN A 39 2.44 6.24 -18.03
CA GLN A 39 2.99 7.09 -16.98
C GLN A 39 4.01 8.10 -17.52
N ASP A 40 4.37 7.97 -18.78
CA ASP A 40 5.17 8.98 -19.46
C ASP A 40 4.27 10.18 -19.74
N TYR A 41 4.30 11.17 -18.85
CA TYR A 41 3.34 12.27 -18.90
C TYR A 41 3.49 13.12 -20.17
N VAL A 42 4.72 13.34 -20.60
CA VAL A 42 4.96 14.12 -21.82
C VAL A 42 4.22 13.47 -22.97
N ARG A 43 4.52 12.19 -23.18
CA ARG A 43 3.92 11.41 -24.25
C ARG A 43 2.39 11.44 -24.19
N THR A 44 1.85 10.91 -23.09
CA THR A 44 0.42 10.72 -22.94
C THR A 44 -0.31 12.07 -22.94
N GLY A 45 0.19 12.99 -22.14
CA GLY A 45 -0.40 14.32 -22.05
C GLY A 45 -0.37 15.05 -23.36
N THR A 46 0.74 14.94 -24.10
CA THR A 46 0.84 15.62 -25.38
C THR A 46 -0.14 15.00 -26.38
N TYR A 47 -0.26 13.67 -26.38
CA TYR A 47 -1.27 13.05 -27.23
C TYR A 47 -2.67 13.57 -26.88
N GLN A 48 -2.99 13.59 -25.59
CA GLN A 48 -4.31 14.07 -25.17
C GLN A 48 -4.53 15.52 -25.62
N ARG A 49 -3.53 16.37 -25.42
CA ARG A 49 -3.63 17.77 -25.84
C ARG A 49 -3.84 17.86 -27.35
N ALA A 50 -3.04 17.12 -28.10
CA ALA A 50 -3.11 17.15 -29.55
C ALA A 50 -4.50 16.77 -30.02
N ILE A 51 -5.06 15.73 -29.41
CA ILE A 51 -6.39 15.27 -29.82
C ILE A 51 -7.48 16.25 -29.39
N LEU A 52 -7.49 16.63 -28.13
CA LEU A 52 -8.57 17.47 -27.60
C LEU A 52 -8.55 18.90 -28.15
N GLN A 53 -7.37 19.47 -28.30
CA GLN A 53 -7.25 20.83 -28.81
C GLN A 53 -7.53 20.90 -30.31
N ASN A 54 -7.57 19.74 -30.98
CA ASN A 54 -8.00 19.65 -32.37
C ASN A 54 -9.31 18.85 -32.46
N HIS A 55 -10.26 19.22 -31.61
CA HIS A 55 -11.52 18.49 -31.48
C HIS A 55 -12.31 18.43 -32.79
N THR A 56 -12.09 19.39 -33.68
CA THR A 56 -12.82 19.42 -34.95
C THR A 56 -12.33 18.32 -35.89
N ASP A 57 -11.14 17.80 -35.63
CA ASP A 57 -10.62 16.67 -36.40
C ASP A 57 -11.18 15.34 -35.90
N PHE A 58 -11.95 15.39 -34.81
CA PHE A 58 -12.45 14.17 -34.20
C PHE A 58 -13.97 14.17 -34.00
N LYS A 59 -14.56 15.33 -33.78
CA LYS A 59 -15.98 15.40 -33.49
C LYS A 59 -16.81 14.69 -34.56
N ASP A 60 -17.50 13.63 -34.14
CA ASP A 60 -18.39 12.87 -35.03
C ASP A 60 -17.64 12.22 -36.18
N LYS A 61 -16.37 11.88 -35.96
CA LYS A 61 -15.54 11.27 -36.99
C LYS A 61 -15.37 9.77 -36.77
N ILE A 62 -15.00 9.07 -37.83
CA ILE A 62 -14.63 7.66 -37.73
C ILE A 62 -13.12 7.62 -37.51
N VAL A 63 -12.68 6.91 -36.47
CA VAL A 63 -11.28 6.90 -36.07
C VAL A 63 -10.71 5.50 -36.06
N LEU A 64 -9.44 5.37 -36.45
CA LEU A 64 -8.70 4.12 -36.27
C LEU A 64 -7.53 4.30 -35.32
N ASP A 65 -7.49 3.52 -34.25
CA ASP A 65 -6.36 3.53 -33.32
C ASP A 65 -5.49 2.30 -33.57
N VAL A 66 -4.31 2.51 -34.16
CA VAL A 66 -3.46 1.38 -34.53
C VAL A 66 -2.57 0.96 -33.36
N GLY A 67 -2.83 -0.23 -32.82
CA GLY A 67 -2.10 -0.71 -31.66
C GLY A 67 -2.52 0.04 -30.41
N CYS A 68 -3.79 -0.10 -30.04
CA CYS A 68 -4.37 0.73 -28.98
C CYS A 68 -3.85 0.40 -27.60
N GLY A 69 -3.26 -0.77 -27.42
CA GLY A 69 -2.80 -1.19 -26.12
C GLY A 69 -3.93 -1.17 -25.11
N SER A 70 -3.77 -0.38 -24.05
CA SER A 70 -4.80 -0.23 -23.03
C SER A 70 -6.04 0.46 -23.59
N GLY A 71 -5.88 1.20 -24.68
CA GLY A 71 -6.98 1.88 -25.34
C GLY A 71 -7.03 3.37 -25.04
N ILE A 72 -6.00 3.87 -24.37
CA ILE A 72 -5.99 5.24 -23.86
C ILE A 72 -6.23 6.30 -24.95
N LEU A 73 -5.57 6.15 -26.10
CA LEU A 73 -5.69 7.12 -27.17
C LEU A 73 -7.11 7.14 -27.75
N SER A 74 -7.73 5.97 -27.76
CA SER A 74 -9.11 5.85 -28.24
C SER A 74 -10.06 6.56 -27.29
N PHE A 75 -9.79 6.45 -25.99
CA PHE A 75 -10.59 7.17 -25.00
C PHE A 75 -10.38 8.66 -25.19
N PHE A 76 -9.15 9.08 -25.47
CA PHE A 76 -8.92 10.47 -25.84
C PHE A 76 -9.75 10.85 -27.06
N ALA A 77 -9.76 10.00 -28.07
CA ALA A 77 -10.58 10.26 -29.26
C ALA A 77 -12.06 10.36 -28.89
N ALA A 78 -12.50 9.53 -27.95
CA ALA A 78 -13.89 9.57 -27.48
C ALA A 78 -14.17 10.88 -26.75
N GLN A 79 -13.22 11.32 -25.93
CA GLN A 79 -13.34 12.59 -25.22
C GLN A 79 -13.48 13.76 -26.20
N ALA A 80 -12.87 13.62 -27.38
CA ALA A 80 -12.88 14.69 -28.37
C ALA A 80 -14.17 14.69 -29.19
N GLY A 81 -15.03 13.70 -28.96
CA GLY A 81 -16.35 13.68 -29.58
C GLY A 81 -16.48 12.76 -30.77
N ALA A 82 -15.53 11.84 -30.92
CA ALA A 82 -15.55 10.91 -32.05
C ALA A 82 -16.80 10.03 -32.03
N ARG A 83 -17.34 9.77 -33.21
CA ARG A 83 -18.52 8.92 -33.38
C ARG A 83 -18.19 7.44 -33.22
N LYS A 84 -17.07 7.03 -33.82
CA LYS A 84 -16.68 5.62 -33.81
C LYS A 84 -15.18 5.44 -33.93
N ILE A 85 -14.64 4.66 -33.02
CA ILE A 85 -13.21 4.40 -32.97
C ILE A 85 -12.97 2.90 -33.03
N TYR A 86 -12.26 2.46 -34.07
CA TYR A 86 -11.83 1.08 -34.15
C TYR A 86 -10.44 0.97 -33.55
N ALA A 87 -10.34 0.23 -32.44
CA ALA A 87 -9.09 0.13 -31.69
C ALA A 87 -8.46 -1.24 -31.90
N VAL A 88 -7.45 -1.30 -32.77
CA VAL A 88 -6.85 -2.56 -33.17
C VAL A 88 -5.66 -2.90 -32.29
N GLU A 89 -5.62 -4.13 -31.78
CA GLU A 89 -4.50 -4.55 -30.92
C GLU A 89 -4.20 -6.04 -31.05
N ALA A 90 -2.92 -6.35 -31.27
CA ALA A 90 -2.50 -7.72 -31.58
C ALA A 90 -2.10 -8.54 -30.35
N SER A 91 -1.62 -7.86 -29.31
CA SER A 91 -1.20 -8.56 -28.09
C SER A 91 -2.42 -8.92 -27.25
N THR A 92 -2.20 -9.57 -26.11
CA THR A 92 -3.29 -9.93 -25.21
C THR A 92 -3.78 -8.73 -24.42
N MET A 93 -3.21 -7.55 -24.66
CA MET A 93 -3.69 -6.34 -24.02
C MET A 93 -5.08 -6.00 -24.56
N ALA A 94 -5.42 -6.58 -25.70
CA ALA A 94 -6.72 -6.37 -26.32
C ALA A 94 -7.86 -6.80 -25.39
N GLN A 95 -7.63 -7.86 -24.62
CA GLN A 95 -8.65 -8.36 -23.69
C GLN A 95 -8.94 -7.28 -22.65
N HIS A 96 -7.88 -6.68 -22.14
CA HIS A 96 -7.99 -5.66 -21.10
C HIS A 96 -8.60 -4.36 -21.64
N ALA A 97 -8.29 -4.04 -22.89
CA ALA A 97 -8.85 -2.85 -23.52
C ALA A 97 -10.37 -2.96 -23.62
N GLU A 98 -10.83 -4.14 -24.02
CA GLU A 98 -12.27 -4.41 -24.12
C GLU A 98 -12.94 -4.20 -22.76
N VAL A 99 -12.30 -4.71 -21.71
CA VAL A 99 -12.80 -4.54 -20.36
C VAL A 99 -12.96 -3.06 -20.04
N LEU A 100 -11.96 -2.26 -20.42
CA LEU A 100 -11.99 -0.83 -20.11
C LEU A 100 -13.07 -0.09 -20.89
N VAL A 101 -13.31 -0.50 -22.13
CA VAL A 101 -14.36 0.11 -22.92
C VAL A 101 -15.71 -0.14 -22.26
N LYS A 102 -15.92 -1.36 -21.77
CA LYS A 102 -17.17 -1.72 -21.12
C LYS A 102 -17.37 -0.96 -19.82
N SER A 103 -16.34 -0.96 -18.97
CA SER A 103 -16.43 -0.34 -17.66
C SER A 103 -16.51 1.20 -17.76
N ASN A 104 -16.11 1.75 -18.90
CA ASN A 104 -16.21 3.19 -19.13
C ASN A 104 -17.45 3.54 -19.96
N ASN A 105 -18.35 2.58 -20.12
CA ASN A 105 -19.62 2.78 -20.83
C ASN A 105 -19.39 3.39 -22.20
N LEU A 106 -18.48 2.82 -22.98
CA LEU A 106 -18.19 3.32 -24.32
C LEU A 106 -18.28 2.23 -25.38
N THR A 107 -19.07 1.21 -25.11
CA THR A 107 -19.22 0.09 -26.03
C THR A 107 -19.83 0.54 -27.36
N ASP A 108 -20.60 1.63 -27.33
CA ASP A 108 -21.29 2.10 -28.53
C ASP A 108 -20.41 2.92 -29.46
N ARG A 109 -19.21 3.30 -29.02
CA ARG A 109 -18.35 4.16 -29.82
C ARG A 109 -16.96 3.57 -30.05
N ILE A 110 -16.45 2.78 -29.10
CA ILE A 110 -15.15 2.14 -29.27
C ILE A 110 -15.33 0.64 -29.53
N VAL A 111 -14.73 0.18 -30.62
CA VAL A 111 -14.76 -1.24 -30.95
C VAL A 111 -13.32 -1.78 -30.94
N VAL A 112 -13.02 -2.63 -29.97
CA VAL A 112 -11.70 -3.24 -29.90
C VAL A 112 -11.64 -4.38 -30.91
N ILE A 113 -10.63 -4.34 -31.78
CA ILE A 113 -10.45 -5.40 -32.76
C ILE A 113 -9.13 -6.11 -32.46
N PRO A 114 -9.20 -7.33 -31.90
CA PRO A 114 -7.98 -8.11 -31.62
C PRO A 114 -7.33 -8.62 -32.89
N GLY A 115 -6.02 -8.43 -33.00
CA GLY A 115 -5.28 -8.91 -34.15
C GLY A 115 -4.34 -7.85 -34.68
N LYS A 116 -3.54 -8.24 -35.68
CA LYS A 116 -2.61 -7.31 -36.31
C LYS A 116 -3.34 -6.48 -37.35
N VAL A 117 -2.99 -5.21 -37.44
CA VAL A 117 -3.69 -4.29 -38.33
C VAL A 117 -3.54 -4.73 -39.79
N GLU A 118 -2.50 -5.51 -40.06
CA GLU A 118 -2.25 -6.01 -41.41
C GLU A 118 -3.14 -7.21 -41.74
N GLU A 119 -3.85 -7.73 -40.74
CA GLU A 119 -4.56 -8.99 -40.89
C GLU A 119 -6.05 -8.87 -40.59
N VAL A 120 -6.42 -7.99 -39.68
CA VAL A 120 -7.82 -7.79 -39.33
C VAL A 120 -8.54 -7.09 -40.48
N SER A 121 -9.87 -7.12 -40.44
CA SER A 121 -10.71 -6.38 -41.38
C SER A 121 -11.48 -5.30 -40.65
N LEU A 122 -11.49 -4.10 -41.20
CA LEU A 122 -12.29 -3.02 -40.64
C LEU A 122 -13.62 -2.95 -41.38
N PRO A 123 -14.72 -2.63 -40.67
CA PRO A 123 -16.03 -2.63 -41.34
C PRO A 123 -16.20 -1.48 -42.34
N GLU A 124 -15.49 -0.37 -42.09
CA GLU A 124 -15.64 0.84 -42.90
C GLU A 124 -14.35 1.64 -42.93
N GLN A 125 -14.30 2.62 -43.83
CA GLN A 125 -13.17 3.53 -43.90
C GLN A 125 -13.26 4.57 -42.80
N VAL A 126 -12.10 5.07 -42.37
CA VAL A 126 -12.04 6.00 -41.25
C VAL A 126 -11.63 7.39 -41.74
N ASP A 127 -11.92 8.41 -40.93
CA ASP A 127 -11.57 9.78 -41.27
C ASP A 127 -10.15 10.13 -40.81
N ILE A 128 -9.70 9.45 -39.77
CA ILE A 128 -8.40 9.75 -39.19
C ILE A 128 -7.78 8.54 -38.50
N ILE A 129 -6.46 8.41 -38.61
CA ILE A 129 -5.75 7.35 -37.91
C ILE A 129 -4.91 7.95 -36.78
N ILE A 130 -5.03 7.35 -35.60
CA ILE A 130 -4.18 7.69 -34.48
C ILE A 130 -3.36 6.47 -34.07
N SER A 131 -2.16 6.73 -33.56
CA SER A 131 -1.27 5.67 -33.15
C SER A 131 -0.06 6.23 -32.43
N GLU A 132 0.60 5.39 -31.64
CA GLU A 132 1.89 5.73 -31.09
C GLU A 132 2.87 4.63 -31.51
N PRO A 133 3.40 4.73 -32.73
CA PRO A 133 4.27 3.70 -33.28
C PRO A 133 5.76 4.01 -33.21
N MET A 134 6.13 5.03 -32.43
CA MET A 134 7.53 5.45 -32.36
C MET A 134 8.34 4.58 -31.42
N GLY A 135 9.53 4.19 -31.87
CA GLY A 135 10.48 3.48 -31.05
C GLY A 135 11.75 4.31 -30.87
N TYR A 136 12.78 3.71 -30.29
CA TYR A 136 14.07 4.38 -30.17
C TYR A 136 14.54 4.93 -31.51
N MET A 137 15.03 6.16 -31.50
CA MET A 137 15.47 6.87 -32.70
C MET A 137 14.36 6.76 -33.77
N LEU A 138 13.12 6.77 -33.27
CA LEU A 138 11.89 6.74 -34.07
C LEU A 138 11.56 5.41 -34.75
N PHE A 139 12.51 4.82 -35.47
CA PHE A 139 12.19 3.71 -36.37
C PHE A 139 12.19 2.32 -35.74
N ASN A 140 12.81 2.18 -34.57
CA ASN A 140 12.89 0.88 -33.90
C ASN A 140 11.49 0.30 -33.72
N GLU A 141 11.41 -1.04 -33.82
CA GLU A 141 10.16 -1.82 -33.70
C GLU A 141 9.41 -1.91 -35.02
N ARG A 142 9.75 -1.06 -35.99
CA ARG A 142 9.17 -1.11 -37.32
C ARG A 142 7.64 -0.98 -37.30
N MET A 143 7.11 -0.36 -36.25
CA MET A 143 5.67 -0.22 -36.14
C MET A 143 5.15 0.91 -37.04
N LEU A 144 6.02 1.82 -37.42
CA LEU A 144 5.64 2.89 -38.35
C LEU A 144 5.04 2.30 -39.64
N GLU A 145 5.55 1.13 -40.03
CA GLU A 145 5.07 0.46 -41.23
C GLU A 145 3.64 -0.03 -41.05
N SER A 146 3.29 -0.45 -39.83
CA SER A 146 1.93 -0.86 -39.54
C SER A 146 1.01 0.37 -39.63
N TYR A 147 1.49 1.46 -39.06
CA TYR A 147 0.80 2.73 -39.06
C TYR A 147 0.51 3.17 -40.49
N LEU A 148 1.53 3.12 -41.34
CA LEU A 148 1.38 3.49 -42.75
C LEU A 148 0.50 2.48 -43.48
N HIS A 149 0.67 1.21 -43.15
CA HIS A 149 -0.11 0.15 -43.78
C HIS A 149 -1.59 0.39 -43.54
N ALA A 150 -1.91 0.85 -42.33
CA ALA A 150 -3.30 1.12 -41.96
C ALA A 150 -3.99 2.16 -42.85
N LYS A 151 -3.24 2.86 -43.71
CA LYS A 151 -3.86 3.89 -44.56
C LYS A 151 -4.73 3.28 -45.65
N LYS A 152 -4.71 1.96 -45.79
CA LYS A 152 -5.64 1.31 -46.71
C LYS A 152 -7.07 1.52 -46.20
N TYR A 153 -7.21 1.86 -44.92
CA TYR A 153 -8.52 2.12 -44.33
C TYR A 153 -8.82 3.62 -44.20
N LEU A 154 -7.92 4.46 -44.68
CA LEU A 154 -8.10 5.90 -44.52
C LEU A 154 -8.79 6.49 -45.74
N LYS A 155 -9.86 7.24 -45.51
CA LYS A 155 -10.53 7.94 -46.59
C LYS A 155 -9.56 8.90 -47.26
N PRO A 156 -9.74 9.14 -48.57
CA PRO A 156 -8.86 10.14 -49.21
C PRO A 156 -8.91 11.44 -48.41
N SER A 157 -7.78 12.12 -48.26
CA SER A 157 -7.71 13.36 -47.47
C SER A 157 -8.01 13.14 -45.99
N GLY A 158 -7.89 11.90 -45.54
CA GLY A 158 -8.07 11.60 -44.14
C GLY A 158 -6.83 12.13 -43.45
N ASN A 159 -6.76 12.07 -42.12
CA ASN A 159 -5.61 12.62 -41.43
C ASN A 159 -4.89 11.58 -40.59
N MET A 160 -3.67 11.93 -40.19
CA MET A 160 -2.81 11.03 -39.42
C MET A 160 -2.30 11.77 -38.19
N PHE A 161 -2.47 11.13 -37.03
CA PHE A 161 -1.99 11.70 -35.77
C PHE A 161 -1.07 10.68 -35.09
N PRO A 162 0.26 10.91 -35.14
CA PRO A 162 0.97 12.08 -35.67
C PRO A 162 0.95 12.18 -37.19
N THR A 163 1.23 13.38 -37.69
CA THR A 163 1.19 13.66 -39.12
C THR A 163 2.58 13.50 -39.73
N ILE A 164 3.59 13.99 -39.04
CA ILE A 164 4.97 13.84 -39.50
C ILE A 164 5.88 13.44 -38.35
N GLY A 165 7.01 12.83 -38.72
CA GLY A 165 8.05 12.51 -37.77
C GLY A 165 9.41 13.01 -38.23
N ASP A 166 10.08 13.76 -37.37
CA ASP A 166 11.41 14.27 -37.65
C ASP A 166 12.46 13.50 -36.85
N VAL A 167 13.43 12.92 -37.55
CA VAL A 167 14.60 12.35 -36.89
C VAL A 167 15.73 13.35 -36.98
N HIS A 168 16.33 13.65 -35.84
CA HIS A 168 17.47 14.54 -35.75
C HIS A 168 18.75 13.77 -35.43
N LEU A 169 19.78 14.07 -36.23
CA LEU A 169 21.12 13.54 -36.06
C LEU A 169 22.09 14.66 -35.75
N ALA A 170 22.99 14.48 -34.79
CA ALA A 170 24.02 15.48 -34.57
C ALA A 170 25.33 14.88 -34.05
N PRO A 171 26.48 15.40 -34.49
CA PRO A 171 27.74 14.84 -34.00
C PRO A 171 27.98 15.20 -32.54
N PHE A 172 28.54 14.28 -31.76
CA PHE A 172 28.79 14.58 -30.35
C PHE A 172 30.22 14.22 -29.93
N THR A 173 30.64 14.82 -28.83
CA THR A 173 31.90 14.44 -28.21
C THR A 173 31.61 13.96 -26.78
N ASP A 174 32.07 12.75 -26.48
CA ASP A 174 31.93 12.18 -25.15
C ASP A 174 33.06 11.18 -24.94
N GLU A 175 34.22 11.69 -24.52
CA GLU A 175 35.42 10.88 -24.35
C GLU A 175 35.19 9.68 -23.42
N GLN A 176 34.48 9.92 -22.32
CA GLN A 176 34.29 8.92 -21.29
C GLN A 176 33.40 7.76 -21.79
N LEU A 177 32.35 8.11 -22.53
CA LEU A 177 31.49 7.10 -23.13
C LEU A 177 32.31 6.22 -24.06
N TYR A 178 33.14 6.86 -24.87
CA TYR A 178 34.00 6.14 -25.81
C TYR A 178 34.95 5.21 -25.07
N MET A 179 35.68 5.73 -24.09
CA MET A 179 36.67 4.93 -23.35
C MET A 179 36.03 3.80 -22.55
N GLU A 180 34.80 4.02 -22.11
CA GLU A 180 34.03 3.00 -21.39
C GLU A 180 34.00 1.66 -22.14
N GLN A 181 33.87 1.72 -23.46
CA GLN A 181 33.74 0.53 -24.27
C GLN A 181 34.97 -0.36 -24.14
N PHE A 182 36.14 0.26 -24.26
CA PHE A 182 37.40 -0.46 -24.12
C PHE A 182 37.61 -0.88 -22.68
N THR A 183 37.20 -0.04 -21.74
CA THR A 183 37.30 -0.43 -20.34
C THR A 183 36.58 -1.75 -20.12
N LYS A 184 35.36 -1.85 -20.64
CA LYS A 184 34.61 -3.10 -20.51
C LYS A 184 35.22 -4.25 -21.31
N ALA A 185 35.58 -3.97 -22.56
CA ALA A 185 36.12 -5.02 -23.43
C ALA A 185 37.46 -5.55 -22.93
N ASN A 186 38.25 -4.71 -22.27
CA ASN A 186 39.58 -5.12 -21.83
C ASN A 186 39.55 -6.20 -20.74
N PHE A 187 38.35 -6.57 -20.30
CA PHE A 187 38.22 -7.74 -19.44
C PHE A 187 38.86 -8.94 -20.10
N TRP A 188 38.70 -9.05 -21.42
CA TRP A 188 39.20 -10.20 -22.13
C TRP A 188 40.69 -10.09 -22.43
N TYR A 189 41.29 -8.94 -22.15
CA TYR A 189 42.70 -8.77 -22.47
C TYR A 189 43.58 -9.07 -21.26
N GLN A 190 43.59 -10.34 -20.86
CA GLN A 190 44.39 -10.79 -19.72
C GLN A 190 44.89 -12.20 -20.06
N PRO A 191 46.19 -12.46 -19.84
CA PRO A 191 46.80 -13.73 -20.25
C PRO A 191 46.48 -14.92 -19.35
N SER A 192 45.92 -14.67 -18.18
CA SER A 192 45.62 -15.78 -17.27
C SER A 192 44.42 -15.50 -16.37
N PHE A 193 43.24 -15.49 -16.97
CA PHE A 193 42.01 -15.46 -16.19
C PHE A 193 41.73 -16.86 -15.69
N HIS A 194 42.00 -17.09 -14.41
CA HIS A 194 41.92 -18.44 -13.86
C HIS A 194 42.75 -19.41 -14.70
N GLY A 195 43.89 -18.93 -15.17
CA GLY A 195 44.81 -19.73 -15.96
C GLY A 195 44.52 -19.74 -17.44
N VAL A 196 43.51 -18.98 -17.87
CA VAL A 196 43.11 -18.96 -19.27
C VAL A 196 43.43 -17.62 -19.92
N ASP A 197 44.08 -17.68 -21.08
CA ASP A 197 44.38 -16.48 -21.86
C ASP A 197 43.17 -16.14 -22.70
N LEU A 198 42.52 -15.03 -22.35
CA LEU A 198 41.27 -14.62 -23.00
C LEU A 198 41.50 -13.61 -24.13
N SER A 199 42.75 -13.16 -24.28
CA SER A 199 43.06 -11.98 -25.09
C SER A 199 42.58 -12.08 -26.54
N ALA A 200 42.55 -13.29 -27.08
CA ALA A 200 42.20 -13.49 -28.48
C ALA A 200 40.77 -13.03 -28.78
N LEU A 201 39.97 -12.84 -27.75
CA LEU A 201 38.58 -12.43 -27.93
C LEU A 201 38.37 -10.95 -27.65
N ARG A 202 39.44 -10.23 -27.35
CA ARG A 202 39.29 -8.82 -27.02
C ARG A 202 38.68 -8.05 -28.19
N GLY A 203 39.15 -8.34 -29.40
CA GLY A 203 38.65 -7.68 -30.58
C GLY A 203 37.15 -7.88 -30.78
N ALA A 204 36.70 -9.12 -30.61
CA ALA A 204 35.29 -9.45 -30.76
C ALA A 204 34.46 -8.73 -29.71
N ALA A 205 35.00 -8.58 -28.51
CA ALA A 205 34.30 -7.91 -27.42
C ALA A 205 34.14 -6.42 -27.73
N VAL A 206 35.20 -5.81 -28.24
CA VAL A 206 35.14 -4.41 -28.65
C VAL A 206 34.07 -4.23 -29.72
N ASP A 207 34.10 -5.09 -30.73
CA ASP A 207 33.12 -5.05 -31.81
C ASP A 207 31.71 -5.13 -31.26
N GLU A 208 31.45 -6.12 -30.41
CA GLU A 208 30.12 -6.34 -29.85
C GLU A 208 29.61 -5.08 -29.16
N TYR A 209 30.49 -4.44 -28.38
CA TYR A 209 30.11 -3.26 -27.61
C TYR A 209 29.79 -2.06 -28.51
N PHE A 210 30.55 -1.90 -29.59
CA PHE A 210 30.34 -0.75 -30.47
C PHE A 210 29.15 -0.95 -31.39
N ARG A 211 28.67 -2.19 -31.50
CA ARG A 211 27.49 -2.48 -32.31
C ARG A 211 26.20 -2.09 -31.59
N GLN A 212 26.30 -1.76 -30.31
CA GLN A 212 25.12 -1.43 -29.51
C GLN A 212 24.86 0.08 -29.51
N PRO A 213 23.71 0.51 -30.05
CA PRO A 213 23.42 1.92 -29.83
C PRO A 213 23.20 2.19 -28.34
N VAL A 214 23.69 3.33 -27.88
CA VAL A 214 23.60 3.68 -26.46
C VAL A 214 22.36 4.50 -26.19
N VAL A 215 21.46 3.96 -25.38
CA VAL A 215 20.25 4.67 -24.99
C VAL A 215 20.43 5.34 -23.65
N ASP A 216 20.32 6.66 -23.64
CA ASP A 216 20.29 7.44 -22.40
C ASP A 216 20.25 8.91 -22.78
N THR A 217 20.44 9.79 -21.80
CA THR A 217 20.39 11.22 -22.07
C THR A 217 21.76 11.84 -21.80
N PHE A 218 21.90 13.12 -22.15
CA PHE A 218 23.19 13.78 -22.04
C PHE A 218 23.05 15.30 -22.01
N ASP A 219 24.13 15.97 -21.63
CA ASP A 219 24.19 17.43 -21.65
C ASP A 219 24.29 17.91 -23.09
N ILE A 220 23.50 18.91 -23.46
CA ILE A 220 23.45 19.36 -24.85
C ILE A 220 24.79 19.96 -25.29
N ARG A 221 25.66 20.28 -24.35
CA ARG A 221 26.93 20.92 -24.68
C ARG A 221 27.92 19.92 -25.27
N ILE A 222 27.56 18.64 -25.32
CA ILE A 222 28.40 17.64 -25.97
C ILE A 222 28.14 17.68 -27.48
N LEU A 223 27.08 18.37 -27.90
CA LEU A 223 26.76 18.47 -29.31
C LEU A 223 27.67 19.49 -30.00
N MET A 224 28.22 19.11 -31.14
CA MET A 224 29.25 19.91 -31.80
C MET A 224 28.78 20.60 -33.08
N ALA A 225 27.53 20.39 -33.45
CA ALA A 225 26.97 21.03 -34.64
C ALA A 225 25.45 20.99 -34.60
N LYS A 226 24.83 21.93 -35.32
CA LYS A 226 23.38 21.94 -35.45
C LYS A 226 22.94 20.63 -36.09
N SER A 227 21.84 20.07 -35.58
CA SER A 227 21.40 18.76 -36.02
C SER A 227 20.94 18.78 -37.47
N VAL A 228 21.00 17.62 -38.11
CA VAL A 228 20.42 17.43 -39.43
C VAL A 228 19.12 16.67 -39.24
N LYS A 229 18.11 17.07 -40.03
CA LYS A 229 16.77 16.54 -39.87
C LYS A 229 16.33 15.71 -41.08
N TYR A 230 15.76 14.54 -40.80
CA TYR A 230 15.15 13.70 -41.81
C TYR A 230 13.68 13.51 -41.47
N THR A 231 12.81 13.87 -42.40
CA THR A 231 11.37 13.91 -42.13
C THR A 231 10.61 12.80 -42.84
N VAL A 232 9.73 12.13 -42.10
CA VAL A 232 8.78 11.21 -42.68
C VAL A 232 7.40 11.83 -42.57
N ASN A 233 6.79 12.06 -43.74
CA ASN A 233 5.42 12.55 -43.81
C ASN A 233 4.49 11.34 -43.93
N PHE A 234 3.80 11.03 -42.84
CA PHE A 234 2.98 9.84 -42.76
C PHE A 234 1.78 9.90 -43.69
N LEU A 235 1.39 11.10 -44.09
CA LEU A 235 0.30 11.26 -45.03
C LEU A 235 0.71 10.81 -46.42
N GLU A 236 2.00 10.91 -46.72
CA GLU A 236 2.51 10.64 -48.07
C GLU A 236 3.32 9.36 -48.17
N ALA A 237 4.02 8.99 -47.09
CA ALA A 237 4.96 7.87 -47.14
C ALA A 237 4.26 6.51 -47.31
N LYS A 238 4.99 5.56 -47.89
CA LYS A 238 4.53 4.19 -48.02
C LYS A 238 5.35 3.29 -47.08
N GLU A 239 4.83 2.11 -46.78
CA GLU A 239 5.57 1.11 -46.01
C GLU A 239 6.98 0.94 -46.52
N GLY A 240 7.09 0.64 -47.81
CA GLY A 240 8.37 0.33 -48.43
C GLY A 240 9.40 1.44 -48.29
N ASP A 241 8.93 2.66 -48.08
CA ASP A 241 9.84 3.79 -47.92
C ASP A 241 10.72 3.62 -46.69
N LEU A 242 10.26 2.79 -45.74
CA LEU A 242 10.98 2.65 -44.47
C LEU A 242 11.83 1.37 -44.41
N HIS A 243 11.89 0.63 -45.50
CA HIS A 243 12.72 -0.57 -45.57
C HIS A 243 14.18 -0.17 -45.73
N ARG A 244 14.40 0.93 -46.43
CA ARG A 244 15.72 1.48 -46.64
C ARG A 244 15.70 2.98 -46.41
N ILE A 245 16.33 3.44 -45.34
CA ILE A 245 16.32 4.85 -45.01
C ILE A 245 17.71 5.44 -45.12
N GLU A 246 17.93 6.30 -46.10
CA GLU A 246 19.23 6.93 -46.29
C GLU A 246 19.20 8.37 -45.80
N ILE A 247 20.00 8.65 -44.79
CA ILE A 247 20.07 9.99 -44.22
C ILE A 247 21.46 10.57 -44.49
N PRO A 248 21.60 11.33 -45.59
CA PRO A 248 22.88 11.99 -45.82
C PRO A 248 23.05 13.17 -44.88
N PHE A 249 24.28 13.48 -44.50
CA PHE A 249 24.51 14.61 -43.62
C PHE A 249 25.79 15.36 -43.93
N LYS A 250 25.72 16.67 -43.71
CA LYS A 250 26.87 17.54 -43.84
C LYS A 250 26.83 18.49 -42.65
N PHE A 251 27.56 18.17 -41.60
CA PHE A 251 27.55 18.98 -40.39
C PHE A 251 28.61 20.07 -40.45
N HIS A 252 28.20 21.27 -40.07
CA HIS A 252 29.10 22.39 -39.98
C HIS A 252 29.51 22.57 -38.52
N MET A 253 30.74 22.18 -38.20
CA MET A 253 31.19 22.08 -36.82
C MET A 253 31.22 23.44 -36.12
N LEU A 254 30.58 23.50 -34.96
CA LEU A 254 30.51 24.73 -34.17
C LEU A 254 31.61 24.77 -33.13
N HIS A 255 32.16 23.59 -32.81
CA HIS A 255 33.21 23.49 -31.82
C HIS A 255 34.33 22.63 -32.35
N SER A 256 35.54 22.90 -31.88
CA SER A 256 36.70 22.08 -32.23
C SER A 256 36.78 20.91 -31.25
N GLY A 257 37.20 19.76 -31.76
CA GLY A 257 37.40 18.60 -30.90
C GLY A 257 37.24 17.26 -31.58
N LEU A 258 37.23 16.21 -30.75
CA LEU A 258 37.04 14.85 -31.22
C LEU A 258 35.55 14.47 -31.27
N VAL A 259 35.10 14.06 -32.44
CA VAL A 259 33.76 13.53 -32.64
C VAL A 259 33.77 12.02 -32.42
N HIS A 260 33.02 11.57 -31.42
CA HIS A 260 33.00 10.16 -31.04
C HIS A 260 31.83 9.41 -31.67
N GLY A 261 30.88 10.14 -32.23
CA GLY A 261 29.74 9.53 -32.90
C GLY A 261 28.56 10.45 -33.15
N LEU A 262 27.43 9.85 -33.50
CA LEU A 262 26.22 10.61 -33.81
C LEU A 262 25.14 10.37 -32.77
N ALA A 263 24.50 11.46 -32.38
CA ALA A 263 23.39 11.42 -31.45
C ALA A 263 22.09 11.58 -32.23
N PHE A 264 21.09 10.83 -31.78
CA PHE A 264 19.80 10.73 -32.44
C PHE A 264 18.68 11.05 -31.46
N TRP A 265 17.73 11.84 -31.95
CA TRP A 265 16.45 11.98 -31.26
C TRP A 265 15.37 12.24 -32.30
N PHE A 266 14.12 12.35 -31.87
CA PHE A 266 13.04 12.58 -32.84
C PHE A 266 11.90 13.42 -32.28
N ASP A 267 11.20 14.10 -33.18
CA ASP A 267 9.97 14.82 -32.85
C ASP A 267 8.84 14.27 -33.71
N VAL A 268 7.60 14.34 -33.24
CA VAL A 268 6.47 14.08 -34.11
C VAL A 268 5.50 15.24 -34.00
N ALA A 269 4.82 15.54 -35.10
CA ALA A 269 3.88 16.65 -35.10
C ALA A 269 2.47 16.20 -35.43
N PHE A 270 1.53 16.63 -34.60
CA PHE A 270 0.12 16.44 -34.86
C PHE A 270 -0.42 17.70 -35.53
N ILE A 271 -0.57 17.64 -36.85
CA ILE A 271 -1.00 18.78 -37.65
C ILE A 271 -2.50 18.74 -37.81
N GLY A 272 -3.21 19.38 -36.88
CA GLY A 272 -4.67 19.39 -36.92
C GLY A 272 -5.23 20.64 -37.55
N SER A 273 -6.55 20.68 -37.67
CA SER A 273 -7.24 21.79 -38.32
C SER A 273 -7.16 23.06 -37.49
N ILE A 274 -7.09 22.91 -36.16
CA ILE A 274 -7.08 24.05 -35.26
C ILE A 274 -5.65 24.47 -34.95
N MET A 275 -4.78 23.48 -34.73
CA MET A 275 -3.40 23.79 -34.40
C MET A 275 -2.47 22.58 -34.59
N THR A 276 -1.18 22.87 -34.62
CA THR A 276 -0.17 21.83 -34.70
C THR A 276 0.44 21.65 -33.31
N VAL A 277 0.44 20.41 -32.84
CA VAL A 277 1.01 20.11 -31.52
C VAL A 277 2.24 19.23 -31.69
N TRP A 278 3.32 19.57 -31.01
CA TRP A 278 4.57 18.84 -31.14
C TRP A 278 4.86 17.95 -29.94
N LEU A 279 5.33 16.73 -30.22
CA LEU A 279 5.88 15.86 -29.19
C LEU A 279 7.36 15.67 -29.49
N SER A 280 8.21 16.15 -28.60
CA SER A 280 9.66 16.16 -28.83
C SER A 280 10.40 15.33 -27.79
N THR A 281 11.39 14.57 -28.26
CA THR A 281 12.25 13.80 -27.37
C THR A 281 13.68 14.34 -27.41
N ALA A 282 13.82 15.61 -27.78
CA ALA A 282 15.13 16.25 -27.88
C ALA A 282 15.77 16.37 -26.51
N PRO A 283 17.11 16.43 -26.46
CA PRO A 283 17.83 16.55 -25.19
C PRO A 283 17.66 17.92 -24.53
N THR A 284 17.07 18.86 -25.27
CA THR A 284 16.71 20.16 -24.72
C THR A 284 15.35 20.13 -24.03
N GLU A 285 14.62 19.04 -24.24
CA GLU A 285 13.26 18.92 -23.71
C GLU A 285 13.22 17.94 -22.54
N PRO A 286 12.15 18.01 -21.73
CA PRO A 286 11.99 17.04 -20.63
C PRO A 286 12.11 15.59 -21.12
N LEU A 287 12.73 14.77 -20.30
CA LEU A 287 13.04 13.39 -20.66
C LEU A 287 11.80 12.53 -20.86
N THR A 288 11.86 11.64 -21.84
CA THR A 288 10.80 10.66 -22.09
C THR A 288 11.37 9.26 -22.00
N HIS A 289 10.52 8.25 -22.10
CA HIS A 289 10.98 6.86 -21.99
C HIS A 289 11.77 6.47 -23.24
N TRP A 290 11.82 7.36 -24.23
CA TRP A 290 12.66 7.15 -25.41
C TRP A 290 14.09 7.64 -25.19
N TYR A 291 14.27 8.52 -24.20
CA TYR A 291 15.59 9.10 -23.91
C TYR A 291 16.20 9.66 -25.18
N GLN A 292 17.52 9.50 -25.37
CA GLN A 292 18.13 9.75 -26.66
C GLN A 292 19.04 8.59 -27.00
N VAL A 293 19.46 8.52 -28.28
CA VAL A 293 20.26 7.40 -28.73
C VAL A 293 21.58 7.88 -29.32
N ARG A 294 22.68 7.25 -28.92
CA ARG A 294 23.97 7.61 -29.51
C ARG A 294 24.66 6.41 -30.14
N CYS A 295 25.08 6.61 -31.39
CA CYS A 295 25.87 5.61 -32.11
C CYS A 295 27.30 6.10 -32.18
N LEU A 296 28.21 5.31 -31.63
CA LEU A 296 29.62 5.65 -31.61
C LEU A 296 30.29 5.32 -32.94
N PHE A 297 31.30 6.13 -33.27
CA PHE A 297 32.23 5.78 -34.33
C PHE A 297 33.29 4.85 -33.77
N GLN A 298 33.76 3.92 -34.58
CA GLN A 298 34.80 2.99 -34.14
C GLN A 298 36.08 3.76 -33.82
N SER A 299 36.33 4.83 -34.58
CA SER A 299 37.45 5.72 -34.33
C SER A 299 36.96 7.15 -34.34
N PRO A 300 37.29 7.92 -33.30
CA PRO A 300 36.81 9.31 -33.30
C PRO A 300 37.43 10.12 -34.42
N LEU A 301 36.75 11.19 -34.83
CA LEU A 301 37.25 12.06 -35.89
C LEU A 301 37.57 13.44 -35.33
N PHE A 302 38.77 13.95 -35.60
CA PHE A 302 39.09 15.31 -35.15
C PHE A 302 38.53 16.34 -36.12
N ALA A 303 37.87 17.34 -35.59
CA ALA A 303 37.37 18.43 -36.42
C ALA A 303 37.60 19.78 -35.76
N LYS A 304 37.97 20.75 -36.59
CA LYS A 304 38.14 22.12 -36.13
C LYS A 304 36.82 22.85 -36.30
N ALA A 305 36.57 23.86 -35.49
CA ALA A 305 35.37 24.66 -35.65
C ALA A 305 35.42 25.27 -37.05
N GLY A 306 34.33 25.13 -37.79
CA GLY A 306 34.28 25.61 -39.15
C GLY A 306 34.47 24.51 -40.18
N ASP A 307 35.06 23.40 -39.76
CA ASP A 307 35.21 22.24 -40.64
C ASP A 307 33.85 21.65 -40.98
N THR A 308 33.84 20.75 -41.97
CA THR A 308 32.62 20.08 -42.37
C THR A 308 32.74 18.57 -42.17
N LEU A 309 31.78 17.99 -41.46
CA LEU A 309 31.73 16.55 -41.26
C LEU A 309 30.63 15.96 -42.12
N SER A 310 30.99 15.26 -43.18
CA SER A 310 29.99 14.81 -44.15
C SER A 310 29.93 13.29 -44.22
N GLY A 311 28.76 12.78 -44.58
CA GLY A 311 28.62 11.35 -44.76
C GLY A 311 27.19 10.86 -44.81
N THR A 312 26.99 9.62 -44.39
CA THR A 312 25.68 8.99 -44.51
C THR A 312 25.35 8.06 -43.35
N CYS A 313 24.10 8.15 -42.91
CA CYS A 313 23.51 7.19 -42.00
C CYS A 313 22.45 6.37 -42.74
N LEU A 314 22.75 5.09 -42.96
CA LEU A 314 21.85 4.21 -43.68
C LEU A 314 21.19 3.21 -42.74
N LEU A 315 19.86 3.22 -42.72
CA LEU A 315 19.10 2.33 -41.85
C LEU A 315 18.46 1.26 -42.72
N ILE A 316 18.84 0.00 -42.48
CA ILE A 316 18.30 -1.12 -43.26
C ILE A 316 17.45 -1.99 -42.37
N ALA A 317 16.16 -2.05 -42.67
CA ALA A 317 15.21 -2.83 -41.86
C ALA A 317 15.53 -4.32 -41.90
N ASN A 318 15.39 -4.98 -40.76
CA ASN A 318 15.59 -6.43 -40.68
C ASN A 318 14.33 -7.12 -40.16
N LYS A 319 14.29 -8.45 -40.24
CA LYS A 319 13.09 -9.19 -39.88
C LYS A 319 12.92 -9.34 -38.37
N ARG A 320 13.81 -8.72 -37.60
CA ARG A 320 13.67 -8.72 -36.14
C ARG A 320 13.03 -7.43 -35.66
N GLN A 321 12.22 -6.84 -36.54
CA GLN A 321 11.48 -5.62 -36.20
C GLN A 321 12.39 -4.48 -35.77
N SER A 322 13.55 -4.39 -36.42
CA SER A 322 14.51 -3.35 -36.11
C SER A 322 15.33 -3.01 -37.34
N TYR A 323 16.47 -2.35 -37.12
CA TYR A 323 17.31 -1.89 -38.22
C TYR A 323 18.78 -2.19 -38.01
N ASP A 324 19.45 -2.53 -39.10
CA ASP A 324 20.90 -2.51 -39.16
C ASP A 324 21.33 -1.11 -39.54
N ILE A 325 22.14 -0.48 -38.70
CA ILE A 325 22.55 0.90 -38.89
C ILE A 325 23.97 0.93 -39.45
N SER A 326 24.13 1.57 -40.60
CA SER A 326 25.46 1.79 -41.17
C SER A 326 25.77 3.28 -41.18
N ILE A 327 26.82 3.68 -40.48
CA ILE A 327 27.20 5.10 -40.46
C ILE A 327 28.60 5.28 -41.00
N VAL A 328 28.72 6.14 -42.02
CA VAL A 328 30.04 6.52 -42.54
C VAL A 328 30.16 8.04 -42.52
N ALA A 329 31.26 8.52 -41.95
CA ALA A 329 31.49 9.97 -41.82
C ALA A 329 32.94 10.33 -42.09
N GLN A 330 33.15 11.51 -42.68
CA GLN A 330 34.50 11.99 -42.92
C GLN A 330 34.57 13.51 -42.77
N VAL A 331 35.68 13.97 -42.21
CA VAL A 331 35.99 15.38 -42.15
C VAL A 331 36.51 15.81 -43.52
N ASP A 332 35.75 16.63 -44.22
CA ASP A 332 36.07 16.99 -45.60
C ASP A 332 37.44 17.65 -45.71
N GLN A 333 37.79 18.46 -44.72
CA GLN A 333 39.01 19.25 -44.77
C GLN A 333 40.27 18.40 -44.62
N THR A 334 40.15 17.19 -44.07
CA THR A 334 41.32 16.37 -43.79
C THR A 334 41.23 14.97 -44.40
N GLY A 335 40.03 14.57 -44.81
CA GLY A 335 39.82 13.25 -45.37
C GLY A 335 39.79 12.15 -44.32
N SER A 336 39.86 12.54 -43.06
CA SER A 336 39.81 11.59 -41.96
C SER A 336 38.45 10.91 -41.91
N LYS A 337 38.44 9.58 -41.98
CA LYS A 337 37.22 8.81 -42.20
C LYS A 337 36.93 7.80 -41.09
N SER A 338 35.65 7.64 -40.78
CA SER A 338 35.22 6.63 -39.82
C SER A 338 33.89 5.97 -40.20
N SER A 339 33.79 4.69 -39.86
CA SER A 339 32.60 3.89 -40.12
C SER A 339 32.12 3.19 -38.86
N ASN A 340 30.84 2.86 -38.79
CA ASN A 340 30.40 1.89 -37.79
C ASN A 340 29.13 1.19 -38.26
N LEU A 341 28.96 -0.03 -37.77
CA LEU A 341 27.79 -0.84 -38.03
C LEU A 341 27.15 -1.16 -36.69
N LEU A 342 25.87 -0.87 -36.57
CA LEU A 342 25.19 -1.03 -35.29
C LEU A 342 23.91 -1.84 -35.44
N ASP A 343 23.56 -2.56 -34.37
CA ASP A 343 22.36 -3.38 -34.33
C ASP A 343 21.34 -2.74 -33.39
N LEU A 344 20.36 -2.03 -33.96
CA LEU A 344 19.40 -1.28 -33.16
C LEU A 344 18.50 -2.15 -32.29
N LYS A 345 18.40 -3.44 -32.61
CA LYS A 345 17.53 -4.32 -31.84
C LYS A 345 18.07 -4.58 -30.44
N ASN A 346 19.39 -4.53 -30.29
CA ASN A 346 20.04 -4.83 -29.01
C ASN A 346 20.79 -3.61 -28.49
N PRO A 347 20.06 -2.57 -28.06
CA PRO A 347 20.78 -1.38 -27.59
C PRO A 347 21.26 -1.54 -26.16
N PHE A 348 22.17 -0.67 -25.73
CA PHE A 348 22.68 -0.71 -24.38
C PHE A 348 21.98 0.36 -23.58
N PHE A 349 21.16 -0.03 -22.61
CA PHE A 349 20.50 0.94 -21.75
C PHE A 349 21.48 1.39 -20.67
N ARG A 350 21.98 2.61 -20.85
CA ARG A 350 23.07 3.13 -20.02
C ARG A 350 22.54 4.05 -18.92
N TYR A 351 21.34 4.59 -19.13
CA TYR A 351 20.76 5.57 -18.22
C TYR A 351 20.74 5.11 -16.77
N THR A 352 21.13 6.01 -15.87
CA THR A 352 21.16 5.72 -14.44
C THR A 352 20.42 6.81 -13.66
N ARG B 9 12.13 -33.39 -33.47
CA ARG B 9 12.14 -34.77 -33.00
C ARG B 9 13.08 -34.92 -31.80
N SER B 10 13.96 -33.95 -31.59
CA SER B 10 14.77 -33.96 -30.38
C SER B 10 13.88 -33.64 -29.19
N VAL B 11 14.31 -34.08 -28.01
CA VAL B 11 13.53 -33.83 -26.81
C VAL B 11 13.52 -32.32 -26.55
N PHE B 12 14.62 -31.64 -26.88
CA PHE B 12 14.70 -30.21 -26.62
C PHE B 12 13.61 -29.48 -27.39
N SER B 13 13.55 -29.75 -28.69
CA SER B 13 12.59 -29.07 -29.56
C SER B 13 11.15 -29.44 -29.17
N GLU B 14 10.96 -30.65 -28.68
CA GLU B 14 9.63 -31.10 -28.29
C GLU B 14 9.14 -30.40 -27.03
N ARG B 15 10.06 -30.00 -26.16
CA ARG B 15 9.68 -29.34 -24.91
C ARG B 15 9.88 -27.83 -24.93
N THR B 16 10.25 -27.27 -26.09
CA THR B 16 10.59 -25.86 -26.16
C THR B 16 9.95 -25.15 -27.34
N GLU B 17 9.23 -24.06 -27.04
CA GLU B 17 8.74 -23.17 -28.09
C GLU B 17 9.95 -22.54 -28.76
N GLU B 18 9.98 -22.59 -30.09
CA GLU B 18 11.13 -22.10 -30.85
C GLU B 18 11.42 -20.65 -30.50
N SER B 19 10.37 -19.86 -30.38
CA SER B 19 10.49 -18.43 -30.05
C SER B 19 11.36 -18.25 -28.81
N SER B 20 11.11 -19.06 -27.80
CA SER B 20 11.86 -19.02 -26.56
C SER B 20 13.31 -19.42 -26.77
N ALA B 21 13.51 -20.46 -27.57
CA ALA B 21 14.86 -21.00 -27.82
C ALA B 21 15.75 -19.99 -28.54
N VAL B 22 15.22 -19.39 -29.60
CA VAL B 22 15.95 -18.39 -30.37
C VAL B 22 16.46 -17.30 -29.42
N GLN B 23 15.53 -16.68 -28.72
CA GLN B 23 15.84 -15.62 -27.78
C GLN B 23 16.86 -16.11 -26.74
N TYR B 24 16.62 -17.31 -26.23
CA TYR B 24 17.46 -17.89 -25.20
C TYR B 24 18.92 -17.99 -25.65
N PHE B 25 19.14 -18.56 -26.82
CA PHE B 25 20.52 -18.76 -27.29
C PHE B 25 21.15 -17.50 -27.88
N GLN B 26 20.33 -16.57 -28.32
CA GLN B 26 20.84 -15.25 -28.68
C GLN B 26 21.37 -14.56 -27.43
N PHE B 27 20.63 -14.65 -26.33
CA PHE B 27 21.07 -14.06 -25.06
C PHE B 27 22.47 -14.50 -24.69
N TYR B 28 22.73 -15.81 -24.80
CA TYR B 28 24.01 -16.35 -24.39
C TYR B 28 25.07 -16.24 -25.47
N GLY B 29 24.68 -15.75 -26.65
CA GLY B 29 25.64 -15.52 -27.71
C GLY B 29 26.49 -14.28 -27.48
N TYR B 30 26.10 -13.47 -26.50
CA TYR B 30 26.82 -12.24 -26.22
C TYR B 30 27.99 -12.45 -25.26
N LEU B 31 29.16 -11.95 -25.66
CA LEU B 31 30.36 -12.02 -24.85
C LEU B 31 30.19 -11.28 -23.52
N SER B 32 29.38 -10.22 -23.51
CA SER B 32 29.19 -9.41 -22.31
C SER B 32 28.54 -10.25 -21.20
N GLN B 33 27.67 -11.17 -21.61
CA GLN B 33 26.97 -12.03 -20.68
C GLN B 33 27.93 -13.09 -20.14
N GLN B 34 28.76 -13.63 -21.03
CA GLN B 34 29.81 -14.55 -20.62
C GLN B 34 30.70 -13.87 -19.59
N GLN B 35 31.09 -12.63 -19.89
CA GLN B 35 31.89 -11.84 -18.97
C GLN B 35 31.16 -11.70 -17.64
N ASN B 36 29.87 -11.38 -17.71
CA ASN B 36 29.07 -11.24 -16.49
C ASN B 36 29.15 -12.51 -15.64
N MET B 37 28.94 -13.67 -16.26
CA MET B 37 29.01 -14.93 -15.52
C MET B 37 30.43 -15.22 -15.00
N MET B 38 31.42 -14.98 -15.85
CA MET B 38 32.80 -15.30 -15.53
C MET B 38 33.33 -14.43 -14.40
N GLN B 39 32.87 -13.18 -14.33
CA GLN B 39 33.36 -12.25 -13.32
C GLN B 39 32.73 -12.49 -11.94
N ASP B 40 31.77 -13.40 -11.86
CA ASP B 40 31.30 -13.88 -10.57
C ASP B 40 32.37 -14.78 -9.98
N TYR B 41 33.24 -14.23 -9.14
CA TYR B 41 34.41 -14.97 -8.67
C TYR B 41 34.03 -16.17 -7.81
N VAL B 42 32.97 -16.05 -7.03
CA VAL B 42 32.52 -17.15 -6.19
C VAL B 42 32.23 -18.36 -7.07
N ARG B 43 31.39 -18.15 -8.08
CA ARG B 43 31.02 -19.21 -9.02
C ARG B 43 32.25 -19.82 -9.68
N THR B 44 32.97 -18.98 -10.42
CA THR B 44 34.08 -19.43 -11.25
C THR B 44 35.17 -20.06 -10.40
N GLY B 45 35.53 -19.37 -9.32
CA GLY B 45 36.53 -19.87 -8.39
C GLY B 45 36.14 -21.18 -7.74
N THR B 46 34.87 -21.29 -7.35
CA THR B 46 34.39 -22.53 -6.73
C THR B 46 34.38 -23.68 -7.73
N TYR B 47 33.96 -23.41 -8.96
CA TYR B 47 34.02 -24.43 -10.00
C TYR B 47 35.46 -24.89 -10.20
N GLN B 48 36.37 -23.93 -10.33
CA GLN B 48 37.77 -24.27 -10.51
C GLN B 48 38.28 -25.07 -9.31
N ARG B 49 37.90 -24.66 -8.10
CA ARG B 49 38.28 -25.39 -6.89
C ARG B 49 37.79 -26.83 -6.94
N ALA B 50 36.51 -27.00 -7.26
CA ALA B 50 35.89 -28.32 -7.31
C ALA B 50 36.60 -29.21 -8.32
N ILE B 51 36.91 -28.65 -9.48
CA ILE B 51 37.56 -29.44 -10.52
C ILE B 51 39.03 -29.75 -10.18
N LEU B 52 39.79 -28.74 -9.82
CA LEU B 52 41.23 -28.92 -9.59
C LEU B 52 41.51 -29.71 -8.31
N GLN B 53 40.72 -29.48 -7.25
CA GLN B 53 40.94 -30.20 -6.01
C GLN B 53 40.52 -31.67 -6.16
N ASN B 54 39.76 -31.97 -7.20
CA ASN B 54 39.42 -33.35 -7.54
C ASN B 54 40.03 -33.73 -8.88
N HIS B 55 41.31 -33.40 -9.06
CA HIS B 55 41.97 -33.58 -10.35
C HIS B 55 41.98 -35.04 -10.80
N THR B 56 41.96 -35.97 -9.84
CA THR B 56 42.02 -37.39 -10.17
C THR B 56 40.72 -37.87 -10.80
N ASP B 57 39.65 -37.09 -10.62
CA ASP B 57 38.38 -37.40 -11.28
C ASP B 57 38.41 -36.94 -12.73
N PHE B 58 39.51 -36.29 -13.13
CA PHE B 58 39.63 -35.73 -14.47
C PHE B 58 40.89 -36.23 -15.19
N LYS B 59 41.94 -36.54 -14.43
CA LYS B 59 43.21 -36.94 -15.01
C LYS B 59 43.06 -38.10 -16.00
N ASP B 60 43.39 -37.82 -17.26
CA ASP B 60 43.35 -38.83 -18.33
C ASP B 60 41.95 -39.36 -18.57
N LYS B 61 40.94 -38.56 -18.26
CA LYS B 61 39.56 -38.98 -18.42
C LYS B 61 38.90 -38.29 -19.62
N ILE B 62 37.79 -38.85 -20.08
CA ILE B 62 36.97 -38.21 -21.11
C ILE B 62 35.90 -37.36 -20.44
N VAL B 63 35.76 -36.12 -20.88
CA VAL B 63 34.87 -35.16 -20.24
C VAL B 63 33.83 -34.62 -21.21
N LEU B 64 32.61 -34.42 -20.71
CA LEU B 64 31.60 -33.67 -21.46
C LEU B 64 31.22 -32.39 -20.73
N ASP B 65 31.39 -31.25 -21.40
CA ASP B 65 30.98 -29.96 -20.84
C ASP B 65 29.69 -29.50 -21.50
N VAL B 66 28.60 -29.52 -20.73
CA VAL B 66 27.29 -29.19 -21.30
C VAL B 66 27.04 -27.68 -21.21
N GLY B 67 26.98 -27.04 -22.36
CA GLY B 67 26.80 -25.59 -22.42
C GLY B 67 28.06 -24.87 -21.98
N CYS B 68 29.13 -25.07 -22.75
CA CYS B 68 30.46 -24.62 -22.35
C CYS B 68 30.63 -23.11 -22.40
N GLY B 69 29.75 -22.44 -23.13
CA GLY B 69 29.86 -21.00 -23.30
C GLY B 69 31.22 -20.62 -23.85
N SER B 70 31.93 -19.78 -23.10
CA SER B 70 33.28 -19.37 -23.47
C SER B 70 34.25 -20.55 -23.41
N GLY B 71 33.88 -21.57 -22.65
CA GLY B 71 34.68 -22.78 -22.53
C GLY B 71 35.47 -22.89 -21.25
N ILE B 72 35.22 -22.00 -20.30
CA ILE B 72 36.03 -21.88 -19.09
C ILE B 72 36.14 -23.21 -18.32
N LEU B 73 35.01 -23.90 -18.15
CA LEU B 73 35.00 -25.14 -17.38
C LEU B 73 35.79 -26.24 -18.10
N SER B 74 35.76 -26.22 -19.42
CA SER B 74 36.53 -27.18 -20.20
C SER B 74 38.02 -26.90 -19.99
N PHE B 75 38.38 -25.63 -19.89
CA PHE B 75 39.76 -25.25 -19.59
C PHE B 75 40.13 -25.73 -18.20
N PHE B 76 39.23 -25.58 -17.25
CA PHE B 76 39.48 -26.14 -15.92
C PHE B 76 39.71 -27.65 -16.01
N ALA B 77 38.87 -28.34 -16.78
CA ALA B 77 39.05 -29.78 -16.99
C ALA B 77 40.39 -30.08 -17.64
N ALA B 78 40.83 -29.23 -18.57
CA ALA B 78 42.12 -29.40 -19.23
C ALA B 78 43.27 -29.21 -18.24
N GLN B 79 43.14 -28.20 -17.38
CA GLN B 79 44.12 -27.94 -16.33
C GLN B 79 44.26 -29.13 -15.39
N ALA B 80 43.16 -29.86 -15.20
CA ALA B 80 43.12 -30.98 -14.27
C ALA B 80 43.68 -32.26 -14.88
N GLY B 81 44.01 -32.20 -16.17
CA GLY B 81 44.68 -33.32 -16.82
C GLY B 81 43.80 -34.21 -17.67
N ALA B 82 42.60 -33.74 -18.01
CA ALA B 82 41.68 -34.54 -18.81
C ALA B 82 42.28 -34.86 -20.17
N ARG B 83 42.03 -36.07 -20.64
CA ARG B 83 42.56 -36.54 -21.91
C ARG B 83 41.80 -35.92 -23.09
N LYS B 84 40.48 -35.83 -22.98
CA LYS B 84 39.67 -35.32 -24.07
C LYS B 84 38.40 -34.69 -23.51
N ILE B 85 38.12 -33.47 -23.93
CA ILE B 85 36.95 -32.73 -23.45
C ILE B 85 36.07 -32.33 -24.61
N TYR B 86 34.83 -32.82 -24.61
CA TYR B 86 33.86 -32.39 -25.61
C TYR B 86 33.04 -31.24 -25.05
N ALA B 87 33.19 -30.09 -25.68
CA ALA B 87 32.54 -28.86 -25.21
C ALA B 87 31.36 -28.52 -26.11
N VAL B 88 30.16 -28.83 -25.62
CA VAL B 88 28.95 -28.65 -26.39
C VAL B 88 28.32 -27.29 -26.08
N GLU B 89 28.01 -26.54 -27.12
CA GLU B 89 27.40 -25.22 -26.98
C GLU B 89 26.51 -24.93 -28.18
N ALA B 90 25.28 -24.50 -27.91
CA ALA B 90 24.28 -24.33 -28.97
C ALA B 90 24.28 -22.92 -29.54
N SER B 91 24.71 -21.93 -28.75
CA SER B 91 24.72 -20.55 -29.22
C SER B 91 25.93 -20.29 -30.11
N THR B 92 26.05 -19.08 -30.63
CA THR B 92 27.19 -18.70 -31.47
C THR B 92 28.44 -18.45 -30.65
N MET B 93 28.34 -18.62 -29.33
CA MET B 93 29.49 -18.50 -28.45
C MET B 93 30.46 -19.66 -28.72
N ALA B 94 29.95 -20.70 -29.38
CA ALA B 94 30.76 -21.87 -29.68
C ALA B 94 32.00 -21.49 -30.50
N GLN B 95 31.83 -20.57 -31.44
CA GLN B 95 32.96 -20.12 -32.26
C GLN B 95 34.02 -19.39 -31.43
N HIS B 96 33.58 -18.57 -30.48
CA HIS B 96 34.53 -17.84 -29.64
C HIS B 96 35.29 -18.83 -28.75
N ALA B 97 34.62 -19.90 -28.33
CA ALA B 97 35.27 -20.94 -27.54
C ALA B 97 36.38 -21.59 -28.37
N GLU B 98 36.09 -21.88 -29.63
CA GLU B 98 37.07 -22.48 -30.53
C GLU B 98 38.31 -21.60 -30.62
N VAL B 99 38.09 -20.29 -30.77
CA VAL B 99 39.18 -19.34 -30.83
C VAL B 99 40.07 -19.46 -29.60
N LEU B 100 39.46 -19.53 -28.42
CA LEU B 100 40.23 -19.60 -27.17
C LEU B 100 40.97 -20.92 -27.05
N VAL B 101 40.36 -21.99 -27.55
CA VAL B 101 41.00 -23.30 -27.52
C VAL B 101 42.28 -23.25 -28.34
N LYS B 102 42.21 -22.61 -29.51
CA LYS B 102 43.38 -22.48 -30.36
C LYS B 102 44.44 -21.57 -29.77
N SER B 103 44.03 -20.39 -29.31
CA SER B 103 44.97 -19.41 -28.77
C SER B 103 45.60 -19.90 -27.46
N ASN B 104 44.94 -20.85 -26.80
CA ASN B 104 45.50 -21.44 -25.58
C ASN B 104 46.19 -22.78 -25.86
N ASN B 105 46.40 -23.08 -27.14
CA ASN B 105 47.13 -24.28 -27.56
C ASN B 105 46.60 -25.55 -26.90
N LEU B 106 45.28 -25.74 -26.95
CA LEU B 106 44.66 -26.94 -26.37
C LEU B 106 43.77 -27.65 -27.40
N THR B 107 44.10 -27.48 -28.67
CA THR B 107 43.33 -28.07 -29.77
C THR B 107 43.32 -29.60 -29.69
N ASP B 108 44.36 -30.16 -29.06
CA ASP B 108 44.49 -31.60 -28.97
C ASP B 108 43.66 -32.20 -27.83
N ARG B 109 43.08 -31.34 -27.00
CA ARG B 109 42.40 -31.81 -25.79
C ARG B 109 40.95 -31.31 -25.66
N ILE B 110 40.68 -30.09 -26.13
CA ILE B 110 39.33 -29.55 -26.09
C ILE B 110 38.74 -29.54 -27.50
N VAL B 111 37.59 -30.20 -27.64
CA VAL B 111 36.89 -30.26 -28.91
C VAL B 111 35.52 -29.61 -28.76
N VAL B 112 35.33 -28.47 -29.40
CA VAL B 112 34.05 -27.79 -29.39
C VAL B 112 33.10 -28.48 -30.37
N ILE B 113 31.93 -28.87 -29.88
CA ILE B 113 30.92 -29.45 -30.74
C ILE B 113 29.71 -28.51 -30.71
N PRO B 114 29.55 -27.68 -31.75
CA PRO B 114 28.42 -26.75 -31.78
C PRO B 114 27.07 -27.45 -31.96
N GLY B 115 26.10 -27.03 -31.18
CA GLY B 115 24.77 -27.60 -31.25
C GLY B 115 24.19 -27.89 -29.89
N LYS B 116 22.94 -28.32 -29.89
CA LYS B 116 22.24 -28.62 -28.65
C LYS B 116 22.64 -30.02 -28.21
N VAL B 117 22.84 -30.21 -26.91
CA VAL B 117 23.33 -31.48 -26.39
C VAL B 117 22.32 -32.59 -26.69
N GLU B 118 21.07 -32.21 -26.92
CA GLU B 118 20.02 -33.17 -27.25
C GLU B 118 20.07 -33.58 -28.73
N GLU B 119 20.90 -32.89 -29.52
CA GLU B 119 20.87 -33.06 -30.97
C GLU B 119 22.21 -33.47 -31.57
N VAL B 120 23.32 -33.05 -30.96
CA VAL B 120 24.64 -33.40 -31.48
C VAL B 120 24.92 -34.87 -31.21
N SER B 121 25.92 -35.41 -31.88
CA SER B 121 26.41 -36.76 -31.59
C SER B 121 27.85 -36.65 -31.08
N LEU B 122 28.15 -37.31 -29.97
CA LEU B 122 29.51 -37.35 -29.47
C LEU B 122 30.21 -38.61 -29.96
N PRO B 123 31.53 -38.53 -30.20
CA PRO B 123 32.24 -39.69 -30.74
C PRO B 123 32.33 -40.85 -29.76
N GLU B 124 32.31 -40.56 -28.46
CA GLU B 124 32.50 -41.60 -27.46
C GLU B 124 31.76 -41.29 -26.16
N GLN B 125 31.65 -42.29 -25.31
CA GLN B 125 31.06 -42.13 -23.98
C GLN B 125 32.08 -41.45 -23.08
N VAL B 126 31.60 -40.68 -22.11
CA VAL B 126 32.49 -39.89 -21.26
C VAL B 126 32.52 -40.42 -19.83
N ASP B 127 33.58 -40.07 -19.11
CA ASP B 127 33.75 -40.50 -17.72
C ASP B 127 33.04 -39.56 -16.77
N ILE B 128 32.91 -38.30 -17.17
CA ILE B 128 32.31 -37.32 -16.29
C ILE B 128 31.68 -36.18 -17.08
N ILE B 129 30.54 -35.72 -16.57
CA ILE B 129 29.87 -34.57 -17.18
C ILE B 129 30.04 -33.38 -16.26
N ILE B 130 30.48 -32.27 -16.82
CA ILE B 130 30.53 -31.03 -16.09
C ILE B 130 29.60 -30.04 -16.75
N SER B 131 29.03 -29.18 -15.93
CA SER B 131 28.14 -28.16 -16.45
C SER B 131 27.83 -27.14 -15.39
N GLU B 132 27.37 -25.98 -15.85
CA GLU B 132 26.82 -25.00 -14.96
C GLU B 132 25.42 -24.74 -15.51
N PRO B 133 24.45 -25.59 -15.16
CA PRO B 133 23.11 -25.47 -15.72
C PRO B 133 22.08 -24.82 -14.80
N MET B 134 22.54 -24.18 -13.73
CA MET B 134 21.62 -23.63 -12.74
C MET B 134 21.10 -22.26 -13.15
N GLY B 135 19.80 -22.06 -12.99
CA GLY B 135 19.20 -20.75 -13.22
C GLY B 135 18.63 -20.17 -11.94
N TYR B 136 17.94 -19.05 -12.07
CA TYR B 136 17.26 -18.46 -10.91
C TYR B 136 16.38 -19.52 -10.26
N MET B 137 16.37 -19.55 -8.94
CA MET B 137 15.62 -20.56 -8.20
C MET B 137 16.02 -21.97 -8.67
N LEU B 138 17.26 -22.09 -9.14
CA LEU B 138 17.85 -23.34 -9.62
C LEU B 138 17.26 -23.85 -10.94
N PHE B 139 15.94 -23.94 -11.03
CA PHE B 139 15.31 -24.67 -12.13
C PHE B 139 15.03 -23.84 -13.37
N ASN B 140 15.03 -22.52 -13.25
CA ASN B 140 14.74 -21.65 -14.39
C ASN B 140 15.69 -21.96 -15.55
N GLU B 141 15.16 -21.83 -16.77
CA GLU B 141 15.87 -22.11 -18.03
C GLU B 141 15.78 -23.58 -18.45
N ARG B 142 15.41 -24.45 -17.52
CA ARG B 142 15.22 -25.87 -17.82
C ARG B 142 16.49 -26.55 -18.37
N MET B 143 17.65 -26.00 -18.04
CA MET B 143 18.89 -26.58 -18.55
C MET B 143 19.31 -27.83 -17.78
N LEU B 144 18.82 -27.96 -16.55
CA LEU B 144 19.09 -29.17 -15.77
C LEU B 144 18.65 -30.40 -16.56
N GLU B 145 17.60 -30.27 -17.35
CA GLU B 145 17.11 -31.38 -18.15
C GLU B 145 18.08 -31.73 -19.27
N SER B 146 18.76 -30.73 -19.82
CA SER B 146 19.79 -30.98 -20.82
C SER B 146 20.94 -31.69 -20.14
N TYR B 147 21.27 -31.21 -18.95
CA TYR B 147 22.32 -31.79 -18.12
C TYR B 147 22.04 -33.26 -17.85
N LEU B 148 20.82 -33.57 -17.44
CA LEU B 148 20.40 -34.94 -17.18
C LEU B 148 20.32 -35.73 -18.48
N HIS B 149 19.86 -35.08 -19.53
CA HIS B 149 19.74 -35.71 -20.84
C HIS B 149 21.10 -36.19 -21.32
N ALA B 150 22.14 -35.38 -21.06
CA ALA B 150 23.50 -35.71 -21.47
C ALA B 150 24.04 -37.01 -20.87
N LYS B 151 23.33 -37.57 -19.90
CA LYS B 151 23.76 -38.80 -19.23
C LYS B 151 23.65 -40.03 -20.14
N LYS B 152 23.05 -39.86 -21.31
CA LYS B 152 23.05 -40.90 -22.32
C LYS B 152 24.48 -41.14 -22.82
N TYR B 153 25.35 -40.17 -22.58
CA TYR B 153 26.76 -40.27 -22.98
C TYR B 153 27.65 -40.63 -21.80
N LEU B 154 27.05 -40.85 -20.64
CA LEU B 154 27.83 -41.12 -19.44
C LEU B 154 28.02 -42.61 -19.18
N LYS B 155 29.27 -43.00 -18.97
CA LYS B 155 29.59 -44.37 -18.58
C LYS B 155 28.86 -44.73 -17.30
N PRO B 156 28.58 -46.03 -17.11
CA PRO B 156 27.90 -46.46 -15.88
C PRO B 156 28.54 -45.92 -14.60
N SER B 157 29.86 -46.07 -14.48
CA SER B 157 30.56 -45.62 -13.27
C SER B 157 30.93 -44.14 -13.32
N GLY B 158 30.26 -43.37 -14.19
CA GLY B 158 30.57 -41.97 -14.35
C GLY B 158 30.09 -41.03 -13.25
N ASN B 159 30.54 -39.77 -13.33
CA ASN B 159 30.20 -38.76 -12.33
C ASN B 159 29.62 -37.49 -12.97
N MET B 160 29.00 -36.68 -12.11
CA MET B 160 28.37 -35.44 -12.52
C MET B 160 28.86 -34.28 -11.66
N PHE B 161 29.31 -33.21 -12.32
CA PHE B 161 29.79 -32.00 -11.64
C PHE B 161 28.99 -30.78 -12.11
N PRO B 162 28.06 -30.30 -11.26
CA PRO B 162 27.77 -30.71 -9.88
C PRO B 162 27.05 -32.07 -9.78
N THR B 163 27.09 -32.67 -8.61
CA THR B 163 26.51 -34.00 -8.40
C THR B 163 25.08 -33.91 -7.87
N ILE B 164 24.84 -33.00 -6.94
CA ILE B 164 23.50 -32.78 -6.40
C ILE B 164 23.21 -31.29 -6.30
N GLY B 165 21.91 -30.98 -6.26
CA GLY B 165 21.43 -29.62 -6.05
C GLY B 165 20.40 -29.54 -4.94
N ASP B 166 20.63 -28.65 -3.99
CA ASP B 166 19.69 -28.42 -2.90
C ASP B 166 18.96 -27.10 -3.11
N VAL B 167 17.63 -27.16 -3.13
CA VAL B 167 16.81 -25.96 -3.11
C VAL B 167 16.36 -25.71 -1.68
N HIS B 168 16.61 -24.51 -1.19
CA HIS B 168 16.15 -24.12 0.12
C HIS B 168 15.03 -23.10 0.00
N LEU B 169 13.91 -23.37 0.68
CA LEU B 169 12.82 -22.40 0.77
C LEU B 169 12.53 -22.07 2.23
N ALA B 170 12.28 -20.79 2.52
CA ALA B 170 11.91 -20.38 3.88
C ALA B 170 10.98 -19.17 3.91
N PRO B 171 10.03 -19.12 4.86
CA PRO B 171 9.11 -17.98 4.92
C PRO B 171 9.79 -16.69 5.36
N PHE B 172 9.42 -15.56 4.77
CA PHE B 172 10.03 -14.29 5.16
C PHE B 172 9.00 -13.19 5.44
N THR B 173 9.44 -12.15 6.13
CA THR B 173 8.64 -10.94 6.31
C THR B 173 9.36 -9.73 5.73
N ASP B 174 8.69 -9.02 4.82
CA ASP B 174 9.24 -7.80 4.24
C ASP B 174 8.12 -6.88 3.78
N GLU B 175 7.60 -6.08 4.71
CA GLU B 175 6.47 -5.20 4.45
C GLU B 175 6.73 -4.25 3.27
N GLN B 176 7.95 -3.72 3.22
CA GLN B 176 8.28 -2.69 2.23
C GLN B 176 8.26 -3.24 0.80
N LEU B 177 8.76 -4.47 0.62
CA LEU B 177 8.72 -5.12 -0.70
C LEU B 177 7.27 -5.32 -1.14
N TYR B 178 6.46 -5.83 -0.22
CA TYR B 178 5.05 -6.07 -0.47
C TYR B 178 4.38 -4.77 -0.92
N MET B 179 4.58 -3.73 -0.13
CA MET B 179 3.98 -2.44 -0.44
C MET B 179 4.57 -1.88 -1.73
N GLU B 180 5.85 -2.16 -1.98
CA GLU B 180 6.48 -1.72 -3.22
C GLU B 180 5.73 -2.27 -4.42
N GLN B 181 5.43 -3.56 -4.41
CA GLN B 181 4.65 -4.17 -5.50
C GLN B 181 3.19 -3.70 -5.54
N PHE B 182 2.56 -3.61 -4.37
CA PHE B 182 1.15 -3.21 -4.33
C PHE B 182 0.99 -1.79 -4.87
N THR B 183 1.96 -0.93 -4.54
CA THR B 183 1.96 0.44 -5.03
C THR B 183 1.96 0.47 -6.56
N LYS B 184 2.77 -0.39 -7.17
CA LYS B 184 2.81 -0.46 -8.63
C LYS B 184 1.47 -0.91 -9.15
N ALA B 185 0.91 -1.95 -8.53
CA ALA B 185 -0.38 -2.45 -8.96
C ALA B 185 -1.48 -1.39 -8.77
N ASN B 186 -1.32 -0.53 -7.78
CA ASN B 186 -2.36 0.47 -7.48
C ASN B 186 -2.56 1.53 -8.56
N PHE B 187 -1.71 1.56 -9.57
CA PHE B 187 -1.91 2.45 -10.72
C PHE B 187 -3.24 2.15 -11.41
N TRP B 188 -3.56 0.85 -11.50
CA TRP B 188 -4.75 0.37 -12.20
C TRP B 188 -6.01 0.49 -11.34
N TYR B 189 -5.84 1.11 -10.18
CA TYR B 189 -6.92 1.39 -9.25
C TYR B 189 -7.59 2.73 -9.55
N GLN B 190 -6.92 3.55 -10.35
CA GLN B 190 -7.40 4.89 -10.65
C GLN B 190 -8.76 4.96 -11.37
N PRO B 191 -9.69 5.76 -10.82
CA PRO B 191 -11.01 5.90 -11.46
C PRO B 191 -11.00 6.92 -12.60
N SER B 192 -9.95 7.74 -12.69
CA SER B 192 -9.89 8.77 -13.71
C SER B 192 -8.46 9.15 -14.08
N PHE B 193 -7.76 8.23 -14.75
CA PHE B 193 -6.45 8.53 -15.31
C PHE B 193 -6.63 9.26 -16.64
N HIS B 194 -6.36 10.56 -16.64
CA HIS B 194 -6.66 11.42 -17.78
C HIS B 194 -8.13 11.27 -18.18
N GLY B 195 -9.00 11.12 -17.20
CA GLY B 195 -10.43 11.01 -17.45
C GLY B 195 -10.90 9.60 -17.75
N VAL B 196 -9.98 8.63 -17.65
CA VAL B 196 -10.31 7.25 -17.97
C VAL B 196 -10.35 6.41 -16.69
N ASP B 197 -11.41 5.63 -16.55
CA ASP B 197 -11.55 4.74 -15.40
C ASP B 197 -10.84 3.42 -15.65
N LEU B 198 -9.73 3.21 -14.93
CA LEU B 198 -8.92 2.02 -15.11
C LEU B 198 -9.23 0.94 -14.09
N SER B 199 -10.07 1.26 -13.11
CA SER B 199 -10.23 0.44 -11.92
C SER B 199 -10.61 -1.00 -12.25
N ALA B 200 -11.36 -1.20 -13.33
CA ALA B 200 -11.87 -2.53 -13.65
C ALA B 200 -10.71 -3.52 -13.87
N LEU B 201 -9.50 -3.01 -14.05
CA LEU B 201 -8.34 -3.86 -14.30
C LEU B 201 -7.40 -4.03 -13.11
N ARG B 202 -7.73 -3.46 -11.95
CA ARG B 202 -6.83 -3.57 -10.79
C ARG B 202 -6.56 -5.02 -10.39
N GLY B 203 -7.59 -5.87 -10.42
CA GLY B 203 -7.40 -7.27 -10.07
C GLY B 203 -6.40 -7.93 -10.98
N ALA B 204 -6.53 -7.68 -12.28
CA ALA B 204 -5.60 -8.25 -13.26
C ALA B 204 -4.18 -7.72 -13.03
N ALA B 205 -4.08 -6.45 -12.64
CA ALA B 205 -2.78 -5.82 -12.41
C ALA B 205 -2.09 -6.39 -11.18
N VAL B 206 -2.82 -6.53 -10.08
CA VAL B 206 -2.25 -7.09 -8.86
C VAL B 206 -1.75 -8.49 -9.18
N ASP B 207 -2.57 -9.26 -9.87
CA ASP B 207 -2.18 -10.59 -10.27
C ASP B 207 -0.84 -10.50 -11.00
N GLU B 208 -0.79 -9.68 -12.04
CA GLU B 208 0.40 -9.60 -12.89
C GLU B 208 1.66 -9.26 -12.09
N TYR B 209 1.57 -8.28 -11.20
CA TYR B 209 2.74 -7.86 -10.45
C TYR B 209 3.19 -8.92 -9.45
N PHE B 210 2.23 -9.58 -8.81
CA PHE B 210 2.52 -10.58 -7.79
C PHE B 210 2.88 -11.92 -8.45
N ARG B 211 2.69 -12.00 -9.76
CA ARG B 211 3.08 -13.17 -10.54
C ARG B 211 4.60 -13.20 -10.72
N GLN B 212 5.26 -12.10 -10.37
CA GLN B 212 6.70 -11.96 -10.59
C GLN B 212 7.54 -12.34 -9.38
N PRO B 213 8.39 -13.38 -9.51
CA PRO B 213 9.34 -13.59 -8.43
C PRO B 213 10.32 -12.44 -8.32
N VAL B 214 10.67 -12.07 -7.09
CA VAL B 214 11.58 -10.96 -6.86
C VAL B 214 13.00 -11.52 -6.75
N VAL B 215 13.85 -11.11 -7.68
CA VAL B 215 15.25 -11.53 -7.66
C VAL B 215 16.08 -10.43 -7.03
N ASP B 216 16.72 -10.74 -5.91
CA ASP B 216 17.65 -9.82 -5.26
C ASP B 216 18.14 -10.47 -3.97
N THR B 217 18.82 -9.71 -3.13
CA THR B 217 19.32 -10.24 -1.87
C THR B 217 18.62 -9.55 -0.71
N PHE B 218 18.82 -10.07 0.49
CA PHE B 218 18.14 -9.56 1.66
C PHE B 218 18.87 -9.95 2.93
N ASP B 219 18.50 -9.30 4.03
CA ASP B 219 19.04 -9.63 5.34
C ASP B 219 18.42 -10.93 5.84
N ILE B 220 19.26 -11.82 6.37
CA ILE B 220 18.82 -13.14 6.80
C ILE B 220 17.80 -13.07 7.93
N ARG B 221 17.72 -11.92 8.59
CA ARG B 221 16.84 -11.74 9.73
C ARG B 221 15.36 -11.56 9.33
N ILE B 222 15.08 -11.47 8.04
CA ILE B 222 13.70 -11.42 7.58
C ILE B 222 13.14 -12.83 7.52
N LEU B 223 14.01 -13.83 7.63
CA LEU B 223 13.57 -15.22 7.59
C LEU B 223 12.96 -15.60 8.93
N MET B 224 11.80 -16.22 8.87
CA MET B 224 10.98 -16.46 10.07
C MET B 224 11.01 -17.92 10.52
N ALA B 225 11.74 -18.75 9.79
CA ALA B 225 11.87 -20.15 10.15
C ALA B 225 13.08 -20.78 9.47
N LYS B 226 13.60 -21.85 10.05
CA LYS B 226 14.66 -22.61 9.42
C LYS B 226 14.16 -23.16 8.09
N SER B 227 15.03 -23.10 7.09
CA SER B 227 14.63 -23.44 5.73
C SER B 227 14.30 -24.91 5.56
N VAL B 228 13.48 -25.20 4.55
CA VAL B 228 13.21 -26.56 4.13
C VAL B 228 14.01 -26.84 2.86
N LYS B 229 14.53 -28.06 2.77
CA LYS B 229 15.44 -28.46 1.69
C LYS B 229 14.77 -29.46 0.76
N TYR B 230 14.92 -29.22 -0.54
CA TYR B 230 14.51 -30.18 -1.56
C TYR B 230 15.74 -30.53 -2.41
N THR B 231 16.10 -31.80 -2.45
CA THR B 231 17.35 -32.21 -3.08
C THR B 231 17.12 -32.94 -4.40
N VAL B 232 17.87 -32.54 -5.42
CA VAL B 232 17.90 -33.25 -6.70
C VAL B 232 19.27 -33.90 -6.88
N ASN B 233 19.28 -35.22 -6.96
CA ASN B 233 20.51 -35.96 -7.21
C ASN B 233 20.69 -36.17 -8.72
N PHE B 234 21.64 -35.45 -9.30
CA PHE B 234 21.83 -35.43 -10.75
C PHE B 234 22.32 -36.78 -11.29
N LEU B 235 22.95 -37.58 -10.44
CA LEU B 235 23.39 -38.91 -10.82
C LEU B 235 22.22 -39.87 -11.00
N GLU B 236 21.14 -39.61 -10.28
CA GLU B 236 20.02 -40.55 -10.21
C GLU B 236 18.80 -40.09 -10.98
N ALA B 237 18.59 -38.79 -11.03
CA ALA B 237 17.35 -38.24 -11.58
C ALA B 237 17.23 -38.48 -13.08
N LYS B 238 15.98 -38.49 -13.55
CA LYS B 238 15.68 -38.56 -14.97
C LYS B 238 15.20 -37.19 -15.44
N GLU B 239 15.30 -36.94 -16.73
CA GLU B 239 14.77 -35.73 -17.33
C GLU B 239 13.33 -35.51 -16.88
N GLY B 240 12.52 -36.52 -17.09
CA GLY B 240 11.09 -36.45 -16.82
C GLY B 240 10.78 -36.05 -15.39
N ASP B 241 11.73 -36.28 -14.48
CA ASP B 241 11.52 -35.95 -13.08
C ASP B 241 11.34 -34.45 -12.87
N LEU B 242 11.80 -33.64 -13.81
CA LEU B 242 11.77 -32.19 -13.64
C LEU B 242 10.61 -31.51 -14.38
N HIS B 243 9.73 -32.30 -14.97
CA HIS B 243 8.55 -31.73 -15.62
C HIS B 243 7.55 -31.27 -14.57
N ARG B 244 7.48 -32.00 -13.46
CA ARG B 244 6.62 -31.62 -12.35
C ARG B 244 7.37 -31.81 -11.04
N ILE B 245 7.68 -30.70 -10.37
CA ILE B 245 8.46 -30.74 -9.13
C ILE B 245 7.57 -30.30 -7.97
N GLU B 246 7.24 -31.23 -7.09
CA GLU B 246 6.38 -30.94 -5.94
C GLU B 246 7.20 -30.90 -4.66
N ILE B 247 7.25 -29.73 -4.03
CA ILE B 247 8.03 -29.52 -2.82
C ILE B 247 7.10 -29.25 -1.64
N PRO B 248 6.75 -30.29 -0.87
CA PRO B 248 5.95 -30.05 0.33
C PRO B 248 6.80 -29.44 1.45
N PHE B 249 6.18 -28.61 2.29
CA PHE B 249 6.91 -27.99 3.38
C PHE B 249 6.04 -27.83 4.64
N LYS B 250 6.71 -27.95 5.79
CA LYS B 250 6.11 -27.74 7.10
C LYS B 250 7.07 -26.93 7.96
N PHE B 251 6.84 -25.62 8.03
CA PHE B 251 7.71 -24.72 8.79
C PHE B 251 7.27 -24.55 10.23
N HIS B 252 8.25 -24.62 11.13
CA HIS B 252 8.03 -24.29 12.55
C HIS B 252 8.47 -22.86 12.77
N MET B 253 7.49 -21.97 12.89
CA MET B 253 7.75 -20.53 12.93
C MET B 253 8.55 -20.14 14.16
N LEU B 254 9.64 -19.43 13.94
CA LEU B 254 10.52 -19.00 15.03
C LEU B 254 10.19 -17.59 15.49
N HIS B 255 9.48 -16.84 14.66
CA HIS B 255 9.10 -15.47 15.00
C HIS B 255 7.64 -15.21 14.68
N SER B 256 7.02 -14.30 15.42
CA SER B 256 5.65 -13.88 15.16
C SER B 256 5.62 -12.76 14.13
N GLY B 257 4.61 -12.75 13.27
CA GLY B 257 4.45 -11.68 12.32
C GLY B 257 3.73 -12.08 11.05
N LEU B 258 3.78 -11.18 10.08
CA LEU B 258 3.21 -11.42 8.76
C LEU B 258 4.21 -12.12 7.87
N VAL B 259 3.80 -13.27 7.34
CA VAL B 259 4.56 -13.95 6.32
C VAL B 259 4.08 -13.41 4.99
N HIS B 260 5.00 -12.75 4.27
CA HIS B 260 4.68 -12.09 3.02
C HIS B 260 4.98 -13.00 1.84
N GLY B 261 5.69 -14.09 2.10
CA GLY B 261 5.98 -15.06 1.07
C GLY B 261 7.12 -15.99 1.39
N LEU B 262 7.59 -16.69 0.36
CA LEU B 262 8.65 -17.67 0.53
C LEU B 262 9.91 -17.20 -0.20
N ALA B 263 11.05 -17.38 0.47
CA ALA B 263 12.35 -17.07 -0.09
C ALA B 263 13.04 -18.35 -0.52
N PHE B 264 13.72 -18.26 -1.65
CA PHE B 264 14.34 -19.40 -2.31
C PHE B 264 15.81 -19.12 -2.59
N TRP B 265 16.64 -20.13 -2.32
CA TRP B 265 18.02 -20.14 -2.80
C TRP B 265 18.46 -21.57 -3.04
N PHE B 266 19.67 -21.79 -3.54
CA PHE B 266 20.11 -23.15 -3.80
C PHE B 266 21.61 -23.36 -3.60
N ASP B 267 21.97 -24.61 -3.28
CA ASP B 267 23.36 -25.03 -3.19
C ASP B 267 23.56 -26.15 -4.21
N VAL B 268 24.77 -26.28 -4.73
CA VAL B 268 25.11 -27.47 -5.51
C VAL B 268 26.38 -28.05 -4.95
N ALA B 269 26.48 -29.38 -5.00
CA ALA B 269 27.65 -30.06 -4.46
C ALA B 269 28.39 -30.83 -5.54
N PHE B 270 29.69 -30.60 -5.59
CA PHE B 270 30.60 -31.36 -6.42
C PHE B 270 31.20 -32.45 -5.54
N ILE B 271 30.66 -33.64 -5.69
CA ILE B 271 31.06 -34.78 -4.88
C ILE B 271 32.14 -35.54 -5.63
N GLY B 272 33.38 -35.17 -5.38
CA GLY B 272 34.50 -35.80 -6.05
C GLY B 272 35.14 -36.88 -5.20
N SER B 273 36.12 -37.55 -5.78
CA SER B 273 36.79 -38.65 -5.11
C SER B 273 37.69 -38.15 -3.97
N ILE B 274 38.20 -36.94 -4.11
CA ILE B 274 39.13 -36.40 -3.13
C ILE B 274 38.37 -35.60 -2.07
N MET B 275 37.40 -34.82 -2.49
CA MET B 275 36.61 -34.03 -1.55
C MET B 275 35.31 -33.54 -2.17
N THR B 276 34.41 -33.09 -1.31
CA THR B 276 33.15 -32.49 -1.76
C THR B 276 33.25 -30.98 -1.66
N VAL B 277 32.96 -30.31 -2.77
CA VAL B 277 33.01 -28.86 -2.81
C VAL B 277 31.61 -28.30 -3.03
N TRP B 278 31.24 -27.33 -2.20
CA TRP B 278 29.91 -26.76 -2.26
C TRP B 278 29.92 -25.38 -2.91
N LEU B 279 28.94 -25.13 -3.77
CA LEU B 279 28.68 -23.79 -4.28
C LEU B 279 27.31 -23.37 -3.78
N SER B 280 27.27 -22.32 -2.98
CA SER B 280 26.04 -21.89 -2.31
C SER B 280 25.60 -20.50 -2.73
N THR B 281 24.31 -20.33 -2.94
CA THR B 281 23.72 -19.01 -3.23
C THR B 281 22.86 -18.55 -2.07
N ALA B 282 23.11 -19.08 -0.88
CA ALA B 282 22.33 -18.71 0.31
C ALA B 282 22.58 -17.27 0.71
N PRO B 283 21.60 -16.64 1.38
CA PRO B 283 21.76 -15.24 1.80
C PRO B 283 22.78 -15.07 2.93
N THR B 284 23.23 -16.18 3.50
CA THR B 284 24.30 -16.14 4.50
C THR B 284 25.67 -16.15 3.84
N GLU B 285 25.71 -16.43 2.55
CA GLU B 285 26.98 -16.53 1.82
C GLU B 285 27.19 -15.32 0.94
N PRO B 286 28.45 -15.08 0.51
CA PRO B 286 28.73 -13.97 -0.39
C PRO B 286 27.81 -13.99 -1.59
N LEU B 287 27.39 -12.81 -2.04
CA LEU B 287 26.41 -12.70 -3.09
C LEU B 287 26.93 -13.27 -4.39
N THR B 288 26.06 -13.95 -5.14
CA THR B 288 26.40 -14.41 -6.47
C THR B 288 25.43 -13.75 -7.43
N HIS B 289 25.69 -13.93 -8.72
CA HIS B 289 24.88 -13.32 -9.75
C HIS B 289 23.50 -13.98 -9.83
N TRP B 290 23.29 -15.04 -9.05
CA TRP B 290 21.97 -15.67 -8.92
C TRP B 290 21.13 -14.98 -7.84
N TYR B 291 21.80 -14.27 -6.92
CA TYR B 291 21.13 -13.60 -5.82
C TYR B 291 20.23 -14.57 -5.05
N GLN B 292 19.06 -14.10 -4.61
CA GLN B 292 18.04 -15.00 -4.08
C GLN B 292 16.69 -14.64 -4.71
N VAL B 293 15.73 -15.54 -4.56
CA VAL B 293 14.42 -15.34 -5.18
C VAL B 293 13.32 -15.37 -4.14
N ARG B 294 12.41 -14.40 -4.20
CA ARG B 294 11.28 -14.39 -3.28
C ARG B 294 9.95 -14.38 -4.02
N CYS B 295 9.07 -15.29 -3.62
CA CYS B 295 7.73 -15.32 -4.15
C CYS B 295 6.79 -14.75 -3.08
N LEU B 296 6.15 -13.65 -3.46
CA LEU B 296 5.23 -12.93 -2.59
C LEU B 296 3.85 -13.58 -2.57
N PHE B 297 3.19 -13.52 -1.43
CA PHE B 297 1.77 -13.84 -1.35
C PHE B 297 0.95 -12.61 -1.70
N GLN B 298 -0.19 -12.79 -2.36
CA GLN B 298 -1.07 -11.66 -2.65
C GLN B 298 -1.59 -11.10 -1.34
N SER B 299 -1.80 -11.98 -0.37
CA SER B 299 -2.17 -11.55 0.97
C SER B 299 -1.25 -12.25 1.96
N PRO B 300 -0.55 -11.48 2.81
CA PRO B 300 0.34 -12.13 3.78
C PRO B 300 -0.43 -12.95 4.80
N LEU B 301 0.23 -13.92 5.41
CA LEU B 301 -0.43 -14.74 6.43
C LEU B 301 0.15 -14.41 7.78
N PHE B 302 -0.71 -14.11 8.75
CA PHE B 302 -0.20 -13.85 10.09
C PHE B 302 0.05 -15.15 10.83
N ALA B 303 1.24 -15.27 11.41
CA ALA B 303 1.53 -16.43 12.26
C ALA B 303 2.33 -15.99 13.47
N LYS B 304 2.03 -16.56 14.64
CA LYS B 304 2.83 -16.30 15.82
C LYS B 304 3.88 -17.40 15.96
N ALA B 305 4.96 -17.10 16.68
CA ALA B 305 6.03 -18.07 16.91
C ALA B 305 5.49 -19.35 17.55
N GLY B 306 5.92 -20.49 17.01
CA GLY B 306 5.47 -21.79 17.48
C GLY B 306 4.42 -22.42 16.58
N ASP B 307 3.76 -21.58 15.79
CA ASP B 307 2.78 -22.05 14.82
C ASP B 307 3.46 -22.87 13.74
N THR B 308 2.66 -23.56 12.94
CA THR B 308 3.18 -24.33 11.83
C THR B 308 2.62 -23.79 10.51
N LEU B 309 3.52 -23.49 9.58
CA LEU B 309 3.14 -23.05 8.26
C LEU B 309 3.41 -24.16 7.25
N SER B 310 2.34 -24.80 6.78
CA SER B 310 2.49 -25.97 5.93
C SER B 310 1.88 -25.76 4.57
N GLY B 311 2.38 -26.50 3.59
CA GLY B 311 1.80 -26.47 2.26
C GLY B 311 2.72 -27.05 1.22
N THR B 312 2.59 -26.58 -0.02
CA THR B 312 3.38 -27.14 -1.11
C THR B 312 3.76 -26.06 -2.11
N CYS B 313 4.99 -26.16 -2.59
CA CYS B 313 5.46 -25.38 -3.72
C CYS B 313 5.56 -26.29 -4.92
N LEU B 314 4.68 -26.06 -5.90
CA LEU B 314 4.60 -26.90 -7.09
C LEU B 314 5.10 -26.17 -8.34
N LEU B 315 6.10 -26.76 -8.99
CA LEU B 315 6.65 -26.22 -10.23
C LEU B 315 6.31 -27.09 -11.44
N ILE B 316 5.61 -26.48 -12.40
CA ILE B 316 5.24 -27.16 -13.62
C ILE B 316 6.02 -26.57 -14.80
N ALA B 317 6.86 -27.38 -15.41
CA ALA B 317 7.68 -26.91 -16.52
C ALA B 317 6.81 -26.49 -17.69
N ASN B 318 7.17 -25.39 -18.35
CA ASN B 318 6.43 -24.94 -19.54
C ASN B 318 7.35 -24.88 -20.74
N LYS B 319 6.77 -24.67 -21.93
CA LYS B 319 7.54 -24.71 -23.16
C LYS B 319 8.36 -23.44 -23.39
N ARG B 320 8.33 -22.51 -22.43
CA ARG B 320 9.17 -21.32 -22.52
C ARG B 320 10.43 -21.47 -21.65
N GLN B 321 10.86 -22.71 -21.47
CA GLN B 321 12.09 -23.01 -20.75
C GLN B 321 12.06 -22.45 -19.33
N SER B 322 10.90 -22.54 -18.69
CA SER B 322 10.75 -22.08 -17.32
C SER B 322 9.67 -22.87 -16.62
N TYR B 323 9.17 -22.34 -15.51
CA TYR B 323 8.18 -23.06 -14.70
C TYR B 323 7.02 -22.17 -14.30
N ASP B 324 5.84 -22.77 -14.28
CA ASP B 324 4.69 -22.17 -13.62
C ASP B 324 4.75 -22.59 -12.16
N ILE B 325 4.82 -21.59 -11.28
CA ILE B 325 4.94 -21.87 -9.85
C ILE B 325 3.61 -21.66 -9.15
N SER B 326 3.11 -22.70 -8.50
CA SER B 326 1.95 -22.53 -7.64
C SER B 326 2.40 -22.79 -6.22
N ILE B 327 2.19 -21.82 -5.36
CA ILE B 327 2.56 -21.96 -3.96
C ILE B 327 1.28 -21.91 -3.16
N VAL B 328 1.09 -22.95 -2.37
CA VAL B 328 -0.05 -22.98 -1.46
C VAL B 328 0.52 -23.14 -0.06
N ALA B 329 0.11 -22.24 0.83
CA ALA B 329 0.64 -22.19 2.18
C ALA B 329 -0.50 -21.99 3.16
N GLN B 330 -0.38 -22.59 4.34
CA GLN B 330 -1.43 -22.45 5.34
C GLN B 330 -0.87 -22.46 6.76
N VAL B 331 -1.42 -21.59 7.59
CA VAL B 331 -1.15 -21.61 9.02
C VAL B 331 -2.05 -22.69 9.62
N ASP B 332 -1.43 -23.78 10.05
CA ASP B 332 -2.18 -24.95 10.50
C ASP B 332 -3.10 -24.64 11.68
N GLN B 333 -2.65 -23.77 12.57
CA GLN B 333 -3.38 -23.47 13.80
C GLN B 333 -4.66 -22.67 13.57
N THR B 334 -4.75 -21.98 12.44
CA THR B 334 -5.86 -21.07 12.18
C THR B 334 -6.59 -21.36 10.86
N GLY B 335 -5.98 -22.17 10.01
CA GLY B 335 -6.57 -22.47 8.71
C GLY B 335 -6.44 -21.34 7.72
N SER B 336 -5.69 -20.30 8.10
CA SER B 336 -5.44 -19.17 7.21
C SER B 336 -4.61 -19.69 6.05
N LYS B 337 -5.16 -19.55 4.85
CA LYS B 337 -4.58 -20.18 3.67
C LYS B 337 -4.27 -19.15 2.62
N SER B 338 -3.21 -19.37 1.87
CA SER B 338 -2.86 -18.50 0.77
C SER B 338 -2.45 -19.36 -0.41
N SER B 339 -2.87 -18.95 -1.59
CA SER B 339 -2.53 -19.65 -2.81
C SER B 339 -1.91 -18.59 -3.69
N ASN B 340 -0.93 -18.97 -4.49
CA ASN B 340 -0.35 -18.02 -5.42
C ASN B 340 0.22 -18.69 -6.66
N LEU B 341 0.19 -17.93 -7.75
CA LEU B 341 0.73 -18.37 -9.03
C LEU B 341 1.78 -17.40 -9.51
N LEU B 342 2.95 -17.92 -9.85
CA LEU B 342 4.05 -17.07 -10.29
C LEU B 342 4.62 -17.59 -11.60
N ASP B 343 5.11 -16.64 -12.39
CA ASP B 343 5.71 -16.94 -13.69
C ASP B 343 7.21 -16.72 -13.59
N LEU B 344 7.94 -17.82 -13.43
CA LEU B 344 9.37 -17.74 -13.18
C LEU B 344 10.14 -17.16 -14.36
N LYS B 345 9.51 -17.19 -15.54
CA LYS B 345 10.18 -16.69 -16.75
C LYS B 345 10.30 -15.17 -16.72
N ASN B 346 9.36 -14.51 -16.05
CA ASN B 346 9.32 -13.05 -16.01
C ASN B 346 9.50 -12.50 -14.60
N PRO B 347 10.73 -12.62 -14.05
CA PRO B 347 10.96 -12.15 -12.69
C PRO B 347 11.27 -10.66 -12.62
N PHE B 348 11.20 -10.10 -11.43
CA PHE B 348 11.52 -8.70 -11.20
C PHE B 348 12.91 -8.55 -10.57
N PHE B 349 13.83 -8.00 -11.35
CA PHE B 349 15.19 -7.76 -10.91
C PHE B 349 15.23 -6.47 -10.11
N ARG B 350 15.35 -6.59 -8.79
CA ARG B 350 15.18 -5.46 -7.89
C ARG B 350 16.52 -4.85 -7.49
N TYR B 351 17.57 -5.66 -7.53
CA TYR B 351 18.89 -5.20 -7.11
C TYR B 351 19.32 -3.96 -7.90
N SER C 10 -39.45 -4.13 24.90
CA SER C 10 -38.54 -5.28 24.97
C SER C 10 -37.63 -5.16 26.18
N VAL C 11 -37.02 -6.28 26.56
CA VAL C 11 -36.14 -6.30 27.73
C VAL C 11 -34.95 -5.37 27.53
N PHE C 12 -34.41 -5.31 26.31
CA PHE C 12 -33.24 -4.48 26.06
C PHE C 12 -33.55 -3.00 26.25
N SER C 13 -34.57 -2.52 25.58
CA SER C 13 -34.91 -1.10 25.60
C SER C 13 -35.34 -0.66 27.00
N GLU C 14 -35.95 -1.57 27.74
CA GLU C 14 -36.41 -1.27 29.08
C GLU C 14 -35.24 -1.09 30.04
N ARG C 15 -34.11 -1.73 29.76
CA ARG C 15 -32.94 -1.62 30.63
C ARG C 15 -31.88 -0.68 30.07
N THR C 16 -32.17 -0.04 28.94
CA THR C 16 -31.17 0.77 28.25
C THR C 16 -31.69 2.13 27.82
N GLU C 17 -30.95 3.17 28.20
CA GLU C 17 -31.19 4.52 27.70
C GLU C 17 -30.95 4.50 26.20
N GLU C 18 -31.91 5.00 25.43
CA GLU C 18 -31.82 4.92 23.98
C GLU C 18 -30.56 5.59 23.44
N SER C 19 -30.20 6.75 24.00
CA SER C 19 -29.00 7.48 23.58
C SER C 19 -27.77 6.58 23.61
N SER C 20 -27.65 5.83 24.70
CA SER C 20 -26.55 4.91 24.91
C SER C 20 -26.60 3.81 23.86
N ALA C 21 -27.80 3.34 23.57
CA ALA C 21 -27.99 2.28 22.58
C ALA C 21 -27.57 2.75 21.19
N VAL C 22 -28.03 3.94 20.83
CA VAL C 22 -27.67 4.55 19.54
C VAL C 22 -26.16 4.57 19.44
N GLN C 23 -25.51 5.21 20.40
CA GLN C 23 -24.05 5.32 20.39
C GLN C 23 -23.42 3.92 20.32
N TYR C 24 -23.94 3.00 21.13
CA TYR C 24 -23.42 1.65 21.24
C TYR C 24 -23.43 0.92 19.90
N PHE C 25 -24.57 0.92 19.22
CA PHE C 25 -24.67 0.18 17.97
C PHE C 25 -24.06 0.95 16.80
N GLN C 26 -23.95 2.28 16.91
CA GLN C 26 -23.17 3.01 15.93
C GLN C 26 -21.70 2.58 16.04
N PHE C 27 -21.20 2.46 17.26
CA PHE C 27 -19.82 2.02 17.49
C PHE C 27 -19.49 0.72 16.78
N TYR C 28 -20.35 -0.28 16.89
CA TYR C 28 -20.06 -1.60 16.33
C TYR C 28 -20.45 -1.73 14.86
N GLY C 29 -21.06 -0.68 14.30
CA GLY C 29 -21.39 -0.66 12.89
C GLY C 29 -20.17 -0.43 12.01
N TYR C 30 -19.05 -0.07 12.63
CA TYR C 30 -17.81 0.20 11.89
C TYR C 30 -17.01 -1.05 11.64
N LEU C 31 -16.61 -1.25 10.39
CA LEU C 31 -15.77 -2.37 10.03
C LEU C 31 -14.46 -2.29 10.79
N SER C 32 -14.02 -1.07 11.08
CA SER C 32 -12.76 -0.84 11.77
C SER C 32 -12.75 -1.40 13.19
N GLN C 33 -13.90 -1.33 13.86
CA GLN C 33 -14.01 -1.80 15.24
C GLN C 33 -14.07 -3.32 15.22
N GLN C 34 -14.83 -3.86 14.26
CA GLN C 34 -14.89 -5.30 14.05
C GLN C 34 -13.49 -5.83 13.79
N GLN C 35 -12.79 -5.14 12.88
CA GLN C 35 -11.41 -5.46 12.55
C GLN C 35 -10.56 -5.40 13.81
N ASN C 36 -10.76 -4.35 14.60
CA ASN C 36 -10.03 -4.18 15.85
C ASN C 36 -10.19 -5.43 16.70
N MET C 37 -11.42 -5.91 16.87
CA MET C 37 -11.65 -7.13 17.63
C MET C 37 -11.06 -8.36 16.95
N MET C 38 -11.20 -8.44 15.63
CA MET C 38 -10.75 -9.61 14.87
C MET C 38 -9.24 -9.77 14.87
N GLN C 39 -8.51 -8.65 14.89
CA GLN C 39 -7.05 -8.70 14.87
C GLN C 39 -6.44 -8.99 16.23
N ASP C 40 -7.27 -9.06 17.27
CA ASP C 40 -6.81 -9.54 18.56
C ASP C 40 -6.64 -11.05 18.44
N TYR C 41 -5.41 -11.50 18.19
CA TYR C 41 -5.16 -12.89 17.84
C TYR C 41 -5.52 -13.87 18.96
N VAL C 42 -5.22 -13.48 20.20
CA VAL C 42 -5.55 -14.34 21.34
C VAL C 42 -7.04 -14.61 21.38
N ARG C 43 -7.82 -13.54 21.34
CA ARG C 43 -9.28 -13.62 21.40
C ARG C 43 -9.82 -14.52 20.29
N THR C 44 -9.59 -14.10 19.05
CA THR C 44 -10.17 -14.77 17.89
C THR C 44 -9.64 -16.20 17.76
N GLY C 45 -8.32 -16.35 17.89
CA GLY C 45 -7.69 -17.65 17.79
C GLY C 45 -8.18 -18.60 18.86
N THR C 46 -8.34 -18.09 20.08
CA THR C 46 -8.82 -18.92 21.17
C THR C 46 -10.26 -19.34 20.93
N TYR C 47 -11.10 -18.42 20.47
CA TYR C 47 -12.48 -18.80 20.11
C TYR C 47 -12.46 -19.91 19.06
N GLN C 48 -11.66 -19.71 18.01
CA GLN C 48 -11.56 -20.71 16.94
C GLN C 48 -11.09 -22.06 17.50
N ARG C 49 -10.08 -22.02 18.36
CA ARG C 49 -9.55 -23.23 18.98
C ARG C 49 -10.62 -23.95 19.80
N ALA C 50 -11.32 -23.18 20.62
CA ALA C 50 -12.36 -23.73 21.48
C ALA C 50 -13.44 -24.40 20.64
N ILE C 51 -13.83 -23.75 19.56
CA ILE C 51 -14.89 -24.28 18.71
C ILE C 51 -14.43 -25.52 17.92
N LEU C 52 -13.28 -25.43 17.26
CA LEU C 52 -12.84 -26.53 16.40
C LEU C 52 -12.38 -27.75 17.20
N GLN C 53 -11.69 -27.54 18.32
CA GLN C 53 -11.23 -28.65 19.14
C GLN C 53 -12.38 -29.33 19.88
N ASN C 54 -13.55 -28.69 19.90
CA ASN C 54 -14.76 -29.29 20.43
C ASN C 54 -15.78 -29.49 19.32
N HIS C 55 -15.34 -30.05 18.20
CA HIS C 55 -16.17 -30.17 17.01
C HIS C 55 -17.43 -31.01 17.23
N THR C 56 -17.37 -31.95 18.18
CA THR C 56 -18.51 -32.82 18.44
C THR C 56 -19.64 -32.04 19.09
N ASP C 57 -19.31 -30.89 19.66
CA ASP C 57 -20.32 -30.01 20.23
C ASP C 57 -21.00 -29.17 19.16
N PHE C 58 -20.54 -29.28 17.91
CA PHE C 58 -21.08 -28.45 16.83
C PHE C 58 -21.57 -29.24 15.62
N LYS C 59 -20.90 -30.36 15.32
CA LYS C 59 -21.22 -31.13 14.12
C LYS C 59 -22.69 -31.55 14.09
N ASP C 60 -23.40 -31.10 13.05
CA ASP C 60 -24.82 -31.41 12.87
C ASP C 60 -25.70 -30.81 13.97
N LYS C 61 -25.23 -29.70 14.55
CA LYS C 61 -25.96 -29.03 15.63
C LYS C 61 -26.62 -27.74 15.13
N ILE C 62 -27.61 -27.26 15.88
CA ILE C 62 -28.19 -25.94 15.66
C ILE C 62 -27.45 -24.97 16.57
N VAL C 63 -26.96 -23.86 16.02
CA VAL C 63 -26.14 -22.93 16.79
C VAL C 63 -26.78 -21.54 16.78
N LEU C 64 -26.68 -20.84 17.91
CA LEU C 64 -27.05 -19.43 17.94
C LEU C 64 -25.84 -18.55 18.24
N ASP C 65 -25.55 -17.61 17.35
CA ASP C 65 -24.44 -16.66 17.55
C ASP C 65 -25.00 -15.31 17.97
N VAL C 66 -24.81 -14.93 19.23
CA VAL C 66 -25.39 -13.69 19.75
C VAL C 66 -24.48 -12.50 19.49
N GLY C 67 -24.93 -11.59 18.63
CA GLY C 67 -24.13 -10.44 18.27
C GLY C 67 -22.98 -10.85 17.39
N CYS C 68 -23.30 -11.37 16.21
CA CYS C 68 -22.32 -12.02 15.36
C CYS C 68 -21.31 -11.06 14.75
N GLY C 69 -21.65 -9.77 14.74
CA GLY C 69 -20.79 -8.79 14.10
C GLY C 69 -20.53 -9.13 12.64
N SER C 70 -19.26 -9.30 12.29
CA SER C 70 -18.89 -9.70 10.93
C SER C 70 -19.34 -11.12 10.61
N GLY C 71 -19.58 -11.92 11.65
CA GLY C 71 -20.04 -13.28 11.49
C GLY C 71 -18.95 -14.32 11.71
N ILE C 72 -17.80 -13.88 12.19
CA ILE C 72 -16.60 -14.71 12.31
C ILE C 72 -16.85 -16.00 13.11
N LEU C 73 -17.52 -15.88 14.25
CA LEU C 73 -17.74 -17.03 15.11
C LEU C 73 -18.69 -18.04 14.45
N SER C 74 -19.62 -17.53 13.65
CA SER C 74 -20.55 -18.41 12.92
C SER C 74 -19.78 -19.19 11.87
N PHE C 75 -18.80 -18.56 11.24
CA PHE C 75 -17.96 -19.24 10.27
C PHE C 75 -17.15 -20.31 10.98
N PHE C 76 -16.63 -19.97 12.17
CA PHE C 76 -15.97 -21.00 12.98
C PHE C 76 -16.92 -22.15 13.28
N ALA C 77 -18.15 -21.83 13.66
CA ALA C 77 -19.17 -22.85 13.94
C ALA C 77 -19.41 -23.70 12.69
N ALA C 78 -19.40 -23.06 11.52
CA ALA C 78 -19.57 -23.76 10.27
C ALA C 78 -18.39 -24.69 10.00
N GLN C 79 -17.18 -24.20 10.26
CA GLN C 79 -15.97 -25.00 10.10
C GLN C 79 -16.04 -26.25 10.97
N ALA C 80 -16.71 -26.14 12.11
CA ALA C 80 -16.80 -27.24 13.06
C ALA C 80 -17.91 -28.23 12.67
N GLY C 81 -18.66 -27.91 11.63
CA GLY C 81 -19.64 -28.83 11.08
C GLY C 81 -21.09 -28.57 11.47
N ALA C 82 -21.39 -27.37 11.96
CA ALA C 82 -22.75 -27.04 12.36
C ALA C 82 -23.71 -27.16 11.18
N ARG C 83 -24.91 -27.65 11.46
CA ARG C 83 -25.92 -27.89 10.43
C ARG C 83 -26.62 -26.59 10.04
N LYS C 84 -26.89 -25.77 11.04
CA LYS C 84 -27.65 -24.53 10.88
C LYS C 84 -27.23 -23.52 11.95
N ILE C 85 -26.87 -22.31 11.52
CA ILE C 85 -26.41 -21.28 12.44
C ILE C 85 -27.25 -20.02 12.28
N TYR C 86 -27.93 -19.62 13.35
CA TYR C 86 -28.65 -18.35 13.37
C TYR C 86 -27.73 -17.27 13.95
N ALA C 87 -27.37 -16.30 13.13
CA ALA C 87 -26.44 -15.25 13.53
C ALA C 87 -27.16 -13.92 13.73
N VAL C 88 -27.40 -13.56 14.98
CA VAL C 88 -28.19 -12.37 15.30
C VAL C 88 -27.28 -11.16 15.49
N GLU C 89 -27.65 -10.06 14.85
CA GLU C 89 -26.85 -8.83 14.98
C GLU C 89 -27.72 -7.57 14.90
N ALA C 90 -27.56 -6.67 15.87
CA ALA C 90 -28.44 -5.52 16.01
C ALA C 90 -27.94 -4.27 15.27
N SER C 91 -26.63 -4.14 15.13
CA SER C 91 -26.04 -2.98 14.44
C SER C 91 -26.16 -3.17 12.93
N THR C 92 -25.68 -2.17 12.18
CA THR C 92 -25.69 -2.25 10.72
C THR C 92 -24.59 -3.18 10.18
N MET C 93 -23.84 -3.79 11.09
CA MET C 93 -22.83 -4.78 10.70
C MET C 93 -23.49 -6.05 10.16
N ALA C 94 -24.77 -6.22 10.46
CA ALA C 94 -25.53 -7.38 10.01
C ALA C 94 -25.51 -7.48 8.49
N GLN C 95 -25.51 -6.32 7.85
CA GLN C 95 -25.53 -6.23 6.39
C GLN C 95 -24.26 -6.83 5.79
N HIS C 96 -23.11 -6.49 6.39
CA HIS C 96 -21.82 -6.97 5.93
C HIS C 96 -21.66 -8.47 6.22
N ALA C 97 -22.22 -8.91 7.34
CA ALA C 97 -22.20 -10.33 7.69
C ALA C 97 -22.99 -11.09 6.63
N GLU C 98 -24.12 -10.53 6.24
CA GLU C 98 -24.94 -11.13 5.21
C GLU C 98 -24.11 -11.31 3.93
N VAL C 99 -23.38 -10.26 3.57
CA VAL C 99 -22.50 -10.29 2.41
C VAL C 99 -21.46 -11.40 2.51
N LEU C 100 -20.82 -11.52 3.67
CA LEU C 100 -19.77 -12.52 3.87
C LEU C 100 -20.32 -13.93 3.86
N VAL C 101 -21.53 -14.11 4.37
CA VAL C 101 -22.16 -15.43 4.34
C VAL C 101 -22.37 -15.84 2.89
N LYS C 102 -22.82 -14.90 2.07
CA LYS C 102 -23.06 -15.17 0.65
C LYS C 102 -21.76 -15.46 -0.08
N SER C 103 -20.76 -14.61 0.12
CA SER C 103 -19.50 -14.73 -0.60
C SER C 103 -18.72 -15.98 -0.18
N ASN C 104 -19.02 -16.51 1.00
CA ASN C 104 -18.38 -17.73 1.47
C ASN C 104 -19.28 -18.95 1.22
N ASN C 105 -20.35 -18.76 0.44
CA ASN C 105 -21.24 -19.85 0.05
C ASN C 105 -21.73 -20.67 1.22
N LEU C 106 -22.23 -20.02 2.26
CA LEU C 106 -22.75 -20.71 3.43
C LEU C 106 -24.16 -20.25 3.73
N THR C 107 -24.85 -19.79 2.70
CA THR C 107 -26.24 -19.31 2.84
C THR C 107 -27.17 -20.42 3.29
N ASP C 108 -26.79 -21.66 2.99
CA ASP C 108 -27.61 -22.82 3.33
C ASP C 108 -27.39 -23.25 4.77
N ARG C 109 -26.42 -22.63 5.44
CA ARG C 109 -26.03 -23.06 6.77
C ARG C 109 -26.11 -21.91 7.76
N ILE C 110 -25.81 -20.70 7.29
CA ILE C 110 -25.86 -19.50 8.12
C ILE C 110 -27.01 -18.57 7.74
N VAL C 111 -27.82 -18.21 8.72
CA VAL C 111 -28.90 -17.26 8.53
C VAL C 111 -28.64 -16.02 9.39
N VAL C 112 -28.34 -14.90 8.74
CA VAL C 112 -28.14 -13.65 9.46
C VAL C 112 -29.49 -13.04 9.78
N ILE C 113 -29.68 -12.75 11.06
CA ILE C 113 -30.88 -12.10 11.54
C ILE C 113 -30.56 -10.72 12.10
N PRO C 114 -30.95 -9.66 11.33
CA PRO C 114 -30.73 -8.30 11.82
C PRO C 114 -31.71 -7.96 12.94
N GLY C 115 -31.19 -7.39 14.02
CA GLY C 115 -32.01 -7.01 15.15
C GLY C 115 -31.44 -7.44 16.48
N LYS C 116 -32.08 -7.02 17.57
CA LYS C 116 -31.62 -7.38 18.90
C LYS C 116 -32.15 -8.76 19.30
N VAL C 117 -31.32 -9.53 19.99
CA VAL C 117 -31.65 -10.90 20.35
C VAL C 117 -32.87 -10.92 21.27
N GLU C 118 -33.12 -9.81 21.97
CA GLU C 118 -34.27 -9.72 22.85
C GLU C 118 -35.56 -9.43 22.08
N GLU C 119 -35.43 -9.11 20.79
CA GLU C 119 -36.57 -8.59 20.03
C GLU C 119 -36.91 -9.40 18.79
N VAL C 120 -35.90 -10.01 18.15
CA VAL C 120 -36.13 -10.80 16.96
C VAL C 120 -36.85 -12.08 17.33
N SER C 121 -37.40 -12.77 16.33
CA SER C 121 -37.99 -14.08 16.55
C SER C 121 -37.15 -15.15 15.88
N LEU C 122 -36.77 -16.16 16.65
CA LEU C 122 -36.07 -17.30 16.08
C LEU C 122 -37.07 -18.46 15.93
N PRO C 123 -36.94 -19.23 14.85
CA PRO C 123 -37.89 -20.31 14.58
C PRO C 123 -37.78 -21.56 15.47
N GLU C 124 -36.60 -21.85 16.00
CA GLU C 124 -36.41 -23.09 16.74
C GLU C 124 -35.40 -22.99 17.89
N GLN C 125 -35.39 -24.00 18.74
CA GLN C 125 -34.43 -24.10 19.83
C GLN C 125 -33.09 -24.59 19.30
N VAL C 126 -32.00 -24.16 19.94
CA VAL C 126 -30.65 -24.46 19.47
C VAL C 126 -29.94 -25.40 20.42
N ASP C 127 -28.90 -26.06 19.92
CA ASP C 127 -28.13 -26.99 20.74
C ASP C 127 -27.05 -26.26 21.53
N ILE C 128 -26.56 -25.15 20.98
CA ILE C 128 -25.48 -24.41 21.61
C ILE C 128 -25.50 -22.93 21.22
N ILE C 129 -25.18 -22.08 22.19
CA ILE C 129 -25.06 -20.65 21.91
C ILE C 129 -23.60 -20.23 21.98
N ILE C 130 -23.17 -19.46 20.97
CA ILE C 130 -21.85 -18.85 20.98
C ILE C 130 -21.98 -17.33 20.96
N SER C 131 -21.01 -16.66 21.58
CA SER C 131 -21.01 -15.21 21.62
C SER C 131 -19.71 -14.67 22.21
N GLU C 132 -19.41 -13.41 21.92
CA GLU C 132 -18.34 -12.70 22.62
C GLU C 132 -18.94 -11.43 23.22
N PRO C 133 -19.58 -11.56 24.39
CA PRO C 133 -20.27 -10.45 25.06
C PRO C 133 -19.48 -9.82 26.20
N MET C 134 -18.18 -10.11 26.29
CA MET C 134 -17.37 -9.61 27.40
C MET C 134 -16.89 -8.19 27.13
N GLY C 135 -16.98 -7.34 28.14
CA GLY C 135 -16.45 -6.00 28.09
C GLY C 135 -15.36 -5.80 29.14
N TYR C 136 -14.93 -4.55 29.33
CA TYR C 136 -13.99 -4.23 30.39
C TYR C 136 -14.52 -4.79 31.69
N MET C 137 -13.63 -5.34 32.51
CA MET C 137 -14.04 -5.98 33.75
C MET C 137 -15.12 -7.03 33.48
N LEU C 138 -15.08 -7.62 32.28
CA LEU C 138 -16.06 -8.64 31.89
C LEU C 138 -17.47 -8.08 31.68
N PHE C 139 -17.96 -7.31 32.65
CA PHE C 139 -19.38 -6.95 32.71
C PHE C 139 -19.75 -5.68 31.94
N ASN C 140 -18.78 -4.83 31.63
CA ASN C 140 -19.07 -3.58 30.93
C ASN C 140 -19.80 -3.85 29.62
N GLU C 141 -20.70 -2.95 29.25
CA GLU C 141 -21.55 -3.03 28.05
C GLU C 141 -22.83 -3.84 28.32
N ARG C 142 -22.82 -4.63 29.40
CA ARG C 142 -23.99 -5.39 29.81
C ARG C 142 -24.51 -6.36 28.76
N MET C 143 -23.64 -6.81 27.85
CA MET C 143 -24.09 -7.71 26.79
C MET C 143 -24.26 -9.13 27.32
N LEU C 144 -23.58 -9.46 28.41
CA LEU C 144 -23.70 -10.78 29.03
C LEU C 144 -25.16 -11.10 29.30
N GLU C 145 -25.92 -10.06 29.60
CA GLU C 145 -27.34 -10.21 29.86
C GLU C 145 -28.08 -10.60 28.59
N SER C 146 -27.62 -10.10 27.44
CA SER C 146 -28.23 -10.47 26.18
C SER C 146 -27.92 -11.94 25.91
N TYR C 147 -26.69 -12.32 26.21
CA TYR C 147 -26.21 -13.69 26.08
C TYR C 147 -27.06 -14.66 26.89
N LEU C 148 -27.30 -14.32 28.15
CA LEU C 148 -28.11 -15.17 29.03
C LEU C 148 -29.58 -15.18 28.60
N HIS C 149 -30.07 -14.03 28.16
CA HIS C 149 -31.45 -13.91 27.71
C HIS C 149 -31.72 -14.89 26.57
N ALA C 150 -30.73 -15.00 25.68
CA ALA C 150 -30.85 -15.88 24.53
C ALA C 150 -31.06 -17.33 24.94
N LYS C 151 -30.90 -17.66 26.22
CA LYS C 151 -31.09 -19.05 26.62
C LYS C 151 -32.56 -19.43 26.53
N LYS C 152 -33.43 -18.45 26.26
CA LYS C 152 -34.82 -18.82 25.98
C LYS C 152 -34.91 -19.64 24.69
N TYR C 153 -33.85 -19.59 23.87
CA TYR C 153 -33.78 -20.36 22.64
C TYR C 153 -32.92 -21.61 22.77
N LEU C 154 -32.40 -21.87 23.97
CA LEU C 154 -31.51 -23.00 24.20
C LEU C 154 -32.25 -24.24 24.71
N LYS C 155 -31.99 -25.38 24.08
CA LYS C 155 -32.55 -26.64 24.56
C LYS C 155 -32.10 -26.86 26.02
N PRO C 156 -32.93 -27.52 26.83
CA PRO C 156 -32.57 -27.78 28.24
C PRO C 156 -31.19 -28.45 28.41
N SER C 157 -30.74 -29.19 27.41
CA SER C 157 -29.45 -29.89 27.50
C SER C 157 -28.39 -29.23 26.62
N GLY C 158 -28.63 -27.98 26.25
CA GLY C 158 -27.72 -27.23 25.41
C GLY C 158 -26.50 -26.70 26.12
N ASN C 159 -25.57 -26.11 25.36
CA ASN C 159 -24.33 -25.59 25.92
C ASN C 159 -24.11 -24.11 25.58
N MET C 160 -23.17 -23.51 26.30
CA MET C 160 -22.84 -22.10 26.15
C MET C 160 -21.34 -21.96 25.93
N PHE C 161 -20.98 -21.24 24.87
CA PHE C 161 -19.58 -20.99 24.54
C PHE C 161 -19.33 -19.48 24.44
N PRO C 162 -18.73 -18.87 25.47
CA PRO C 162 -18.13 -19.49 26.65
C PRO C 162 -19.14 -20.04 27.65
N THR C 163 -18.67 -20.95 28.48
CA THR C 163 -19.52 -21.63 29.45
C THR C 163 -19.48 -20.88 30.77
N ILE C 164 -18.29 -20.45 31.16
CA ILE C 164 -18.19 -19.66 32.39
C ILE C 164 -17.32 -18.43 32.21
N GLY C 165 -17.54 -17.45 33.09
CA GLY C 165 -16.69 -16.26 33.14
C GLY C 165 -16.21 -15.97 34.55
N ASP C 166 -14.89 -15.83 34.70
CA ASP C 166 -14.28 -15.47 35.97
C ASP C 166 -13.77 -14.05 35.96
N VAL C 167 -14.23 -13.22 36.92
CA VAL C 167 -13.62 -11.92 37.11
C VAL C 167 -12.66 -12.02 38.29
N HIS C 168 -11.43 -11.55 38.07
CA HIS C 168 -10.39 -11.53 39.09
C HIS C 168 -10.14 -10.11 39.58
N LEU C 169 -10.10 -10.00 40.92
CA LEU C 169 -9.77 -8.76 41.62
C LEU C 169 -8.49 -8.94 42.44
N ALA C 170 -7.61 -7.95 42.42
CA ALA C 170 -6.43 -8.01 43.29
C ALA C 170 -5.97 -6.62 43.74
N PRO C 171 -5.49 -6.50 44.99
CA PRO C 171 -5.03 -5.18 45.43
C PRO C 171 -3.71 -4.81 44.76
N PHE C 172 -3.52 -3.53 44.43
CA PHE C 172 -2.27 -3.13 43.79
C PHE C 172 -1.65 -1.91 44.47
N THR C 173 -0.36 -1.73 44.24
CA THR C 173 0.33 -0.51 44.65
C THR C 173 0.93 0.15 43.43
N ASP C 174 0.60 1.42 43.25
CA ASP C 174 1.15 2.21 42.16
C ASP C 174 1.15 3.66 42.60
N GLU C 175 2.20 4.05 43.30
CA GLU C 175 2.30 5.38 43.89
C GLU C 175 2.16 6.45 42.81
N GLN C 176 2.80 6.22 41.67
CA GLN C 176 2.84 7.21 40.60
C GLN C 176 1.45 7.42 39.98
N LEU C 177 0.72 6.34 39.77
CA LEU C 177 -0.64 6.41 39.24
C LEU C 177 -1.52 7.22 40.19
N TYR C 178 -1.43 6.92 41.47
CA TYR C 178 -2.22 7.63 42.48
C TYR C 178 -1.88 9.12 42.46
N MET C 179 -0.59 9.45 42.53
CA MET C 179 -0.15 10.84 42.59
C MET C 179 -0.47 11.61 41.30
N GLU C 180 -0.50 10.88 40.19
CA GLU C 180 -0.87 11.45 38.90
C GLU C 180 -2.20 12.20 38.93
N GLN C 181 -3.17 11.65 39.65
CA GLN C 181 -4.51 12.22 39.68
C GLN C 181 -4.44 13.64 40.24
N PHE C 182 -3.71 13.78 41.34
CA PHE C 182 -3.52 15.08 41.97
C PHE C 182 -2.66 16.01 41.13
N THR C 183 -1.63 15.45 40.47
CA THR C 183 -0.82 16.28 39.59
C THR C 183 -1.71 16.91 38.53
N LYS C 184 -2.60 16.12 37.93
CA LYS C 184 -3.53 16.66 36.93
C LYS C 184 -4.55 17.62 37.55
N ALA C 185 -5.14 17.22 38.67
CA ALA C 185 -6.15 18.04 39.32
C ALA C 185 -5.58 19.37 39.80
N ASN C 186 -4.31 19.39 40.18
CA ASN C 186 -3.68 20.59 40.71
C ASN C 186 -3.51 21.68 39.66
N PHE C 187 -3.86 21.39 38.42
CA PHE C 187 -3.93 22.43 37.41
C PHE C 187 -4.85 23.53 37.92
N TRP C 188 -5.92 23.13 38.60
CA TRP C 188 -6.91 24.08 39.06
C TRP C 188 -6.48 24.78 40.34
N TYR C 189 -5.37 24.35 40.94
CA TYR C 189 -4.96 24.95 42.20
C TYR C 189 -3.93 26.05 41.97
N GLN C 190 -4.37 27.14 41.37
CA GLN C 190 -3.51 28.28 41.08
C GLN C 190 -4.38 29.53 41.18
N PRO C 191 -3.90 30.57 41.88
CA PRO C 191 -4.71 31.75 42.15
C PRO C 191 -4.84 32.73 40.98
N SER C 192 -4.06 32.55 39.93
CA SER C 192 -4.13 33.47 38.80
C SER C 192 -3.78 32.81 37.47
N PHE C 193 -4.66 31.93 37.00
CA PHE C 193 -4.56 31.40 35.66
C PHE C 193 -5.12 32.44 34.70
N HIS C 194 -4.23 33.14 34.00
CA HIS C 194 -4.64 34.26 33.17
C HIS C 194 -5.49 35.24 33.98
N GLY C 195 -5.12 35.43 35.25
CA GLY C 195 -5.81 36.36 36.11
C GLY C 195 -7.00 35.78 36.84
N VAL C 196 -7.25 34.48 36.64
CA VAL C 196 -8.40 33.83 37.26
C VAL C 196 -7.96 32.85 38.34
N ASP C 197 -8.60 32.95 39.50
CA ASP C 197 -8.35 32.02 40.59
C ASP C 197 -9.21 30.77 40.37
N LEU C 198 -8.56 29.65 40.05
CA LEU C 198 -9.26 28.42 39.71
C LEU C 198 -9.41 27.45 40.88
N SER C 199 -8.77 27.77 42.00
CA SER C 199 -8.59 26.80 43.08
C SER C 199 -9.89 26.20 43.62
N ALA C 200 -10.97 26.97 43.56
CA ALA C 200 -12.24 26.52 44.13
C ALA C 200 -12.77 25.26 43.45
N LEU C 201 -12.23 24.93 42.29
CA LEU C 201 -12.68 23.75 41.55
C LEU C 201 -11.71 22.58 41.69
N ARG C 202 -10.67 22.73 42.50
CA ARG C 202 -9.67 21.67 42.64
C ARG C 202 -10.28 20.37 43.17
N GLY C 203 -11.14 20.49 44.18
CA GLY C 203 -11.78 19.34 44.78
C GLY C 203 -12.63 18.57 43.78
N ALA C 204 -13.41 19.30 43.00
CA ALA C 204 -14.27 18.70 41.99
C ALA C 204 -13.44 17.97 40.94
N ALA C 205 -12.29 18.53 40.60
CA ALA C 205 -11.41 17.92 39.61
C ALA C 205 -10.86 16.60 40.12
N VAL C 206 -10.44 16.59 41.38
CA VAL C 206 -9.95 15.37 42.02
C VAL C 206 -11.02 14.28 42.00
N ASP C 207 -12.22 14.66 42.43
CA ASP C 207 -13.36 13.74 42.44
C ASP C 207 -13.55 13.12 41.05
N GLU C 208 -13.61 13.98 40.04
CA GLU C 208 -13.85 13.54 38.68
C GLU C 208 -12.83 12.50 38.23
N TYR C 209 -11.57 12.74 38.54
CA TYR C 209 -10.51 11.82 38.10
C TYR C 209 -10.62 10.47 38.82
N PHE C 210 -11.01 10.49 40.09
CA PHE C 210 -11.08 9.26 40.86
C PHE C 210 -12.33 8.43 40.54
N ARG C 211 -13.31 9.05 39.89
CA ARG C 211 -14.50 8.32 39.46
C ARG C 211 -14.26 7.50 38.20
N GLN C 212 -13.11 7.71 37.56
CA GLN C 212 -12.81 7.01 36.31
C GLN C 212 -11.99 5.75 36.55
N PRO C 213 -12.55 4.57 36.21
CA PRO C 213 -11.66 3.40 36.26
C PRO C 213 -10.57 3.54 35.21
N VAL C 214 -9.35 3.11 35.54
CA VAL C 214 -8.22 3.27 34.64
C VAL C 214 -8.03 2.03 33.79
N VAL C 215 -8.17 2.19 32.48
CA VAL C 215 -7.96 1.09 31.55
C VAL C 215 -6.55 1.16 31.01
N ASP C 216 -5.76 0.12 31.30
CA ASP C 216 -4.43 -0.04 30.72
C ASP C 216 -3.79 -1.26 31.35
N THR C 217 -2.51 -1.49 31.07
CA THR C 217 -1.84 -2.65 31.62
C THR C 217 -0.73 -2.23 32.58
N PHE C 218 -0.15 -3.21 33.26
CA PHE C 218 0.84 -2.95 34.28
C PHE C 218 1.72 -4.16 34.53
N ASP C 219 2.84 -3.95 35.21
CA ASP C 219 3.72 -5.03 35.59
C ASP C 219 3.09 -5.81 36.75
N ILE C 220 3.09 -7.14 36.65
CA ILE C 220 2.40 -7.97 37.64
C ILE C 220 3.00 -7.83 39.04
N ARG C 221 4.17 -7.24 39.14
CA ARG C 221 4.85 -7.13 40.43
C ARG C 221 4.21 -6.06 41.33
N ILE C 222 3.27 -5.29 40.78
CA ILE C 222 2.56 -4.30 41.58
C ILE C 222 1.43 -4.96 42.36
N LEU C 223 1.11 -6.21 42.01
CA LEU C 223 0.05 -6.93 42.68
C LEU C 223 0.53 -7.45 44.04
N MET C 224 -0.28 -7.21 45.07
CA MET C 224 0.14 -7.47 46.44
C MET C 224 -0.52 -8.68 47.08
N ALA C 225 -1.38 -9.37 46.33
CA ALA C 225 -2.03 -10.56 46.83
C ALA C 225 -2.55 -11.37 45.67
N LYS C 226 -2.67 -12.68 45.86
CA LYS C 226 -3.26 -13.52 44.84
C LYS C 226 -4.69 -13.03 44.67
N SER C 227 -5.17 -12.99 43.43
CA SER C 227 -6.47 -12.40 43.14
C SER C 227 -7.62 -13.21 43.75
N VAL C 228 -8.74 -12.53 43.94
CA VAL C 228 -9.98 -13.19 44.33
C VAL C 228 -10.82 -13.31 43.07
N LYS C 229 -11.48 -14.46 42.96
CA LYS C 229 -12.21 -14.82 41.75
C LYS C 229 -13.71 -14.85 41.99
N TYR C 230 -14.47 -14.23 41.10
CA TYR C 230 -15.92 -14.30 41.12
C TYR C 230 -16.38 -14.93 39.82
N THR C 231 -17.11 -16.03 39.95
CA THR C 231 -17.47 -16.86 38.79
C THR C 231 -18.94 -16.73 38.42
N VAL C 232 -19.18 -16.51 37.13
CA VAL C 232 -20.53 -16.55 36.58
C VAL C 232 -20.61 -17.77 35.67
N ASN C 233 -21.49 -18.70 36.04
CA ASN C 233 -21.75 -19.88 35.23
C ASN C 233 -22.90 -19.57 34.28
N PHE C 234 -22.57 -19.39 33.00
CA PHE C 234 -23.55 -18.93 32.02
C PHE C 234 -24.64 -19.96 31.73
N LEU C 235 -24.36 -21.23 31.99
CA LEU C 235 -25.38 -22.26 31.82
C LEU C 235 -26.47 -22.18 32.88
N GLU C 236 -26.12 -21.68 34.05
CA GLU C 236 -27.01 -21.71 35.21
C GLU C 236 -27.56 -20.33 35.54
N ALA C 237 -26.77 -19.30 35.26
CA ALA C 237 -27.10 -17.93 35.68
C ALA C 237 -28.32 -17.38 34.94
N LYS C 238 -28.98 -16.41 35.55
CA LYS C 238 -30.05 -15.67 34.89
C LYS C 238 -29.57 -14.27 34.54
N GLU C 239 -30.30 -13.63 33.62
CA GLU C 239 -30.08 -12.23 33.30
C GLU C 239 -29.98 -11.41 34.58
N GLY C 240 -31.01 -11.52 35.42
CA GLY C 240 -31.13 -10.72 36.61
C GLY C 240 -29.95 -10.84 37.56
N ASP C 241 -29.23 -11.95 37.47
CA ASP C 241 -28.07 -12.17 38.32
C ASP C 241 -27.00 -11.11 38.10
N LEU C 242 -27.04 -10.44 36.95
CA LEU C 242 -25.99 -9.48 36.63
C LEU C 242 -26.40 -8.02 36.83
N HIS C 243 -27.61 -7.80 37.35
CA HIS C 243 -28.07 -6.45 37.65
C HIS C 243 -27.38 -5.91 38.90
N ARG C 244 -27.12 -6.80 39.84
CA ARG C 244 -26.42 -6.47 41.07
C ARG C 244 -25.38 -7.54 41.34
N ILE C 245 -24.11 -7.18 41.19
CA ILE C 245 -23.05 -8.16 41.38
C ILE C 245 -22.24 -7.79 42.60
N GLU C 246 -22.37 -8.58 43.66
CA GLU C 246 -21.65 -8.32 44.89
C GLU C 246 -20.47 -9.26 44.98
N ILE C 247 -19.28 -8.70 44.95
CA ILE C 247 -18.05 -9.47 44.99
C ILE C 247 -17.38 -9.18 46.32
N PRO C 248 -17.64 -10.03 47.33
CA PRO C 248 -16.91 -9.85 48.59
C PRO C 248 -15.49 -10.33 48.42
N PHE C 249 -14.55 -9.71 49.12
CA PHE C 249 -13.16 -10.14 49.02
C PHE C 249 -12.46 -10.04 50.35
N LYS C 250 -11.55 -10.98 50.55
CA LYS C 250 -10.69 -11.02 51.71
C LYS C 250 -9.30 -11.44 51.20
N PHE C 251 -8.45 -10.45 50.98
CA PHE C 251 -7.13 -10.68 50.41
C PHE C 251 -6.09 -10.97 51.47
N HIS C 252 -5.27 -11.99 51.20
CA HIS C 252 -4.13 -12.34 52.04
C HIS C 252 -2.88 -11.70 51.46
N MET C 253 -2.42 -10.63 52.11
CA MET C 253 -1.34 -9.82 51.55
C MET C 253 -0.03 -10.58 51.48
N LEU C 254 0.57 -10.57 50.29
CA LEU C 254 1.84 -11.24 50.05
C LEU C 254 3.00 -10.27 50.24
N HIS C 255 2.71 -8.99 50.15
CA HIS C 255 3.73 -7.94 50.26
C HIS C 255 3.27 -6.84 51.20
N SER C 256 4.22 -6.20 51.86
CA SER C 256 3.93 -5.05 52.71
C SER C 256 3.94 -3.78 51.87
N GLY C 257 3.06 -2.84 52.19
CA GLY C 257 3.06 -1.56 51.50
C GLY C 257 1.73 -0.84 51.45
N LEU C 258 1.69 0.22 50.65
CA LEU C 258 0.48 1.00 50.46
C LEU C 258 -0.36 0.43 49.32
N VAL C 259 -1.60 0.08 49.65
CA VAL C 259 -2.56 -0.37 48.65
C VAL C 259 -3.34 0.84 48.14
N HIS C 260 -3.21 1.12 46.85
CA HIS C 260 -3.82 2.29 46.23
C HIS C 260 -5.17 1.96 45.59
N GLY C 261 -5.45 0.68 45.43
CA GLY C 261 -6.73 0.27 44.84
C GLY C 261 -6.77 -1.17 44.37
N LEU C 262 -7.79 -1.48 43.57
CA LEU C 262 -8.00 -2.83 43.08
C LEU C 262 -7.84 -2.92 41.57
N ALA C 263 -7.16 -3.97 41.15
CA ALA C 263 -6.95 -4.29 39.74
C ALA C 263 -7.92 -5.40 39.35
N PHE C 264 -8.45 -5.29 38.14
CA PHE C 264 -9.47 -6.18 37.62
C PHE C 264 -9.05 -6.77 36.29
N TRP C 265 -9.28 -8.06 36.15
CA TRP C 265 -9.22 -8.72 34.83
C TRP C 265 -10.21 -9.88 34.81
N PHE C 266 -10.31 -10.58 33.69
CA PHE C 266 -11.26 -11.69 33.59
C PHE C 266 -10.79 -12.83 32.67
N ASP C 267 -11.28 -14.03 32.96
CA ASP C 267 -11.08 -15.19 32.10
C ASP C 267 -12.45 -15.70 31.67
N VAL C 268 -12.52 -16.36 30.51
CA VAL C 268 -13.71 -17.12 30.16
C VAL C 268 -13.29 -18.53 29.78
N ALA C 269 -14.14 -19.49 30.11
CA ALA C 269 -13.85 -20.88 29.78
C ALA C 269 -14.94 -21.46 28.90
N PHE C 270 -14.48 -22.07 27.80
CA PHE C 270 -15.30 -22.88 26.90
C PHE C 270 -15.18 -24.33 27.30
N ILE C 271 -16.20 -24.83 27.98
CA ILE C 271 -16.22 -26.20 28.49
C ILE C 271 -16.95 -27.11 27.51
N GLY C 272 -16.21 -27.72 26.59
CA GLY C 272 -16.79 -28.58 25.58
C GLY C 272 -16.70 -30.05 25.94
N SER C 273 -17.27 -30.89 25.08
CA SER C 273 -17.32 -32.33 25.32
C SER C 273 -15.93 -32.97 25.23
N ILE C 274 -15.07 -32.37 24.42
CA ILE C 274 -13.73 -32.91 24.20
C ILE C 274 -12.72 -32.27 25.15
N MET C 275 -12.80 -30.96 25.35
CA MET C 275 -11.87 -30.27 26.24
C MET C 275 -12.35 -28.89 26.66
N THR C 276 -11.70 -28.34 27.67
CA THR C 276 -11.97 -26.99 28.14
C THR C 276 -10.89 -26.03 27.63
N VAL C 277 -11.31 -24.96 26.96
CA VAL C 277 -10.35 -23.98 26.45
C VAL C 277 -10.55 -22.66 27.19
N TRP C 278 -9.44 -22.09 27.66
CA TRP C 278 -9.47 -20.85 28.43
C TRP C 278 -9.01 -19.64 27.62
N LEU C 279 -9.76 -18.55 27.76
CA LEU C 279 -9.33 -17.24 27.25
C LEU C 279 -9.12 -16.30 28.42
N SER C 280 -7.88 -15.84 28.59
CA SER C 280 -7.52 -15.03 29.75
C SER C 280 -7.04 -13.64 29.36
N THR C 281 -7.46 -12.64 30.14
CA THR C 281 -7.00 -11.26 29.96
C THR C 281 -6.14 -10.84 31.15
N ALA C 282 -5.57 -11.82 31.84
CA ALA C 282 -4.74 -11.55 33.01
C ALA C 282 -3.48 -10.81 32.61
N PRO C 283 -2.90 -10.03 33.54
CA PRO C 283 -1.67 -9.28 33.27
C PRO C 283 -0.45 -10.18 33.15
N THR C 284 -0.62 -11.47 33.48
CA THR C 284 0.42 -12.46 33.31
C THR C 284 0.41 -13.02 31.89
N GLU C 285 -0.67 -12.72 31.15
CA GLU C 285 -0.86 -13.25 29.80
C GLU C 285 -0.65 -12.17 28.76
N PRO C 286 -0.43 -12.57 27.50
CA PRO C 286 -0.29 -11.60 26.41
C PRO C 286 -1.45 -10.59 26.39
N LEU C 287 -1.15 -9.35 26.06
CA LEU C 287 -2.11 -8.26 26.13
C LEU C 287 -3.26 -8.44 25.14
N THR C 288 -4.47 -8.08 25.57
CA THR C 288 -5.64 -8.07 24.69
C THR C 288 -6.25 -6.67 24.63
N HIS C 289 -7.24 -6.49 23.76
CA HIS C 289 -7.87 -5.18 23.59
C HIS C 289 -8.73 -4.84 24.81
N TRP C 290 -8.87 -5.79 25.74
CA TRP C 290 -9.56 -5.53 27.00
C TRP C 290 -8.58 -4.94 28.03
N TYR C 291 -7.28 -5.16 27.81
CA TYR C 291 -6.25 -4.69 28.74
C TYR C 291 -6.58 -5.16 30.15
N GLN C 292 -6.32 -4.33 31.14
CA GLN C 292 -6.81 -4.54 32.50
C GLN C 292 -7.38 -3.25 33.06
N VAL C 293 -8.13 -3.36 34.15
CA VAL C 293 -8.79 -2.19 34.72
C VAL C 293 -8.39 -1.98 36.17
N ARG C 294 -8.06 -0.75 36.55
CA ARG C 294 -7.76 -0.47 37.95
C ARG C 294 -8.66 0.61 38.52
N CYS C 295 -9.25 0.29 39.66
CA CYS C 295 -10.04 1.24 40.43
C CYS C 295 -9.28 1.68 41.68
N LEU C 296 -9.04 2.97 41.79
CA LEU C 296 -8.31 3.54 42.92
C LEU C 296 -9.15 3.68 44.17
N PHE C 297 -8.51 3.55 45.33
CA PHE C 297 -9.11 3.97 46.59
C PHE C 297 -8.90 5.48 46.70
N GLN C 298 -9.85 6.16 47.32
CA GLN C 298 -9.72 7.60 47.53
C GLN C 298 -8.52 7.87 48.42
N SER C 299 -8.27 6.97 49.37
CA SER C 299 -7.09 7.04 50.24
C SER C 299 -6.37 5.69 50.30
N PRO C 300 -5.05 5.69 50.08
CA PRO C 300 -4.39 4.37 50.13
C PRO C 300 -4.44 3.76 51.52
N LEU C 301 -4.37 2.43 51.57
CA LEU C 301 -4.38 1.71 52.86
C LEU C 301 -3.05 0.99 53.07
N PHE C 302 -2.43 1.18 54.23
CA PHE C 302 -1.21 0.44 54.52
C PHE C 302 -1.54 -0.97 54.96
N ALA C 303 -0.85 -1.94 54.38
CA ALA C 303 -1.02 -3.33 54.78
C ALA C 303 0.33 -4.03 54.89
N LYS C 304 0.46 -4.86 55.92
CA LYS C 304 1.67 -5.65 56.13
C LYS C 304 1.50 -7.00 55.46
N ALA C 305 2.61 -7.63 55.08
CA ALA C 305 2.53 -8.99 54.56
C ALA C 305 1.92 -9.86 55.65
N GLY C 306 0.90 -10.63 55.31
CA GLY C 306 0.23 -11.47 56.29
C GLY C 306 -1.08 -10.86 56.78
N ASP C 307 -1.21 -9.54 56.65
CA ASP C 307 -2.45 -8.87 57.01
C ASP C 307 -3.56 -9.29 56.06
N THR C 308 -4.79 -8.94 56.41
CA THR C 308 -5.93 -9.27 55.57
C THR C 308 -6.65 -8.01 55.11
N LEU C 309 -6.85 -7.89 53.80
CA LEU C 309 -7.59 -6.75 53.26
C LEU C 309 -8.96 -7.21 52.83
N SER C 310 -9.99 -6.82 53.58
CA SER C 310 -11.32 -7.35 53.32
C SER C 310 -12.29 -6.25 52.96
N GLY C 311 -13.32 -6.62 52.21
CA GLY C 311 -14.37 -5.68 51.86
C GLY C 311 -15.23 -6.16 50.71
N THR C 312 -15.80 -5.22 49.98
CA THR C 312 -16.74 -5.57 48.93
C THR C 312 -16.62 -4.68 47.70
N CYS C 313 -16.72 -5.32 46.54
CA CYS C 313 -16.91 -4.62 45.30
C CYS C 313 -18.32 -4.89 44.81
N LEU C 314 -19.15 -3.85 44.82
CA LEU C 314 -20.54 -3.97 44.43
C LEU C 314 -20.71 -3.30 43.08
N LEU C 315 -21.19 -4.07 42.11
CA LEU C 315 -21.38 -3.57 40.76
C LEU C 315 -22.88 -3.41 40.55
N ILE C 316 -23.29 -2.17 40.30
CA ILE C 316 -24.70 -1.88 40.10
C ILE C 316 -24.94 -1.44 38.66
N ALA C 317 -25.68 -2.27 37.93
CA ALA C 317 -25.98 -2.01 36.53
C ALA C 317 -26.83 -0.76 36.36
N ASN C 318 -26.50 0.04 35.34
CA ASN C 318 -27.30 1.22 35.02
C ASN C 318 -27.80 1.17 33.58
N LYS C 319 -28.70 2.08 33.22
CA LYS C 319 -29.34 2.08 31.91
C LYS C 319 -28.43 2.62 30.81
N ARG C 320 -27.18 2.92 31.16
CA ARG C 320 -26.20 3.38 30.20
C ARG C 320 -25.28 2.23 29.77
N GLN C 321 -25.82 1.02 29.86
CA GLN C 321 -25.10 -0.19 29.43
C GLN C 321 -23.77 -0.33 30.15
N SER C 322 -23.75 0.04 31.42
CA SER C 322 -22.54 -0.08 32.21
C SER C 322 -22.88 -0.26 33.68
N TYR C 323 -21.89 -0.03 34.53
CA TYR C 323 -22.03 -0.26 35.96
C TYR C 323 -21.47 0.88 36.78
N ASP C 324 -22.15 1.17 37.88
CA ASP C 324 -21.57 1.97 38.95
C ASP C 324 -20.83 1.01 39.88
N ILE C 325 -19.54 1.27 40.09
CA ILE C 325 -18.69 0.41 40.89
C ILE C 325 -18.55 1.01 42.28
N SER C 326 -18.95 0.26 43.30
CA SER C 326 -18.74 0.70 44.68
C SER C 326 -17.74 -0.23 45.36
N ILE C 327 -16.64 0.33 45.83
CA ILE C 327 -15.61 -0.44 46.50
C ILE C 327 -15.43 0.01 47.94
N VAL C 328 -15.56 -0.94 48.87
CA VAL C 328 -15.23 -0.68 50.27
C VAL C 328 -14.19 -1.68 50.70
N ALA C 329 -13.10 -1.20 51.30
CA ALA C 329 -12.00 -2.06 51.72
C ALA C 329 -11.46 -1.63 53.07
N GLN C 330 -11.02 -2.61 53.87
CA GLN C 330 -10.42 -2.33 55.16
C GLN C 330 -9.35 -3.35 55.51
N VAL C 331 -8.28 -2.88 56.13
CA VAL C 331 -7.27 -3.75 56.70
C VAL C 331 -7.76 -4.25 58.06
N ASP C 332 -8.07 -5.53 58.14
CA ASP C 332 -8.68 -6.09 59.34
C ASP C 332 -7.81 -5.90 60.57
N GLN C 333 -6.48 -6.00 60.39
CA GLN C 333 -5.56 -5.96 61.52
C GLN C 333 -5.45 -4.56 62.14
N THR C 334 -5.82 -3.53 61.38
CA THR C 334 -5.64 -2.15 61.84
C THR C 334 -6.94 -1.35 61.77
N GLY C 335 -7.93 -1.86 61.05
CA GLY C 335 -9.20 -1.17 60.91
C GLY C 335 -9.16 0.03 59.98
N SER C 336 -8.02 0.24 59.33
CA SER C 336 -7.88 1.33 58.37
C SER C 336 -8.79 1.06 57.17
N LYS C 337 -9.69 2.00 56.89
CA LYS C 337 -10.74 1.76 55.90
C LYS C 337 -10.72 2.80 54.78
N SER C 338 -10.97 2.34 53.55
CA SER C 338 -11.10 3.23 52.41
C SER C 338 -12.15 2.73 51.42
N SER C 339 -12.87 3.66 50.81
CA SER C 339 -13.90 3.35 49.81
C SER C 339 -13.75 4.19 48.55
N ASN C 340 -14.34 3.73 47.45
CA ASN C 340 -14.46 4.57 46.26
C ASN C 340 -15.70 4.21 45.44
N LEU C 341 -16.21 5.19 44.71
CA LEU C 341 -17.35 5.00 43.82
C LEU C 341 -16.95 5.42 42.41
N LEU C 342 -17.14 4.54 41.44
CA LEU C 342 -16.65 4.77 40.08
C LEU C 342 -17.70 4.56 39.00
N ASP C 343 -17.52 5.28 37.89
CA ASP C 343 -18.42 5.19 36.75
C ASP C 343 -17.73 4.47 35.59
N LEU C 344 -18.05 3.18 35.45
CA LEU C 344 -17.37 2.32 34.49
C LEU C 344 -17.67 2.69 33.02
N LYS C 345 -18.74 3.43 32.79
CA LYS C 345 -19.11 3.81 31.44
C LYS C 345 -18.10 4.80 30.88
N ASN C 346 -17.49 5.57 31.77
CA ASN C 346 -16.55 6.60 31.37
C ASN C 346 -15.16 6.38 31.95
N PRO C 347 -14.44 5.35 31.47
CA PRO C 347 -13.11 5.07 32.00
C PRO C 347 -12.02 5.93 31.36
N PHE C 348 -10.84 5.95 31.98
CA PHE C 348 -9.72 6.73 31.45
C PHE C 348 -8.75 5.79 30.74
N PHE C 349 -8.63 5.94 29.42
CA PHE C 349 -7.69 5.10 28.68
C PHE C 349 -6.29 5.66 28.82
N ARG C 350 -5.50 4.99 29.66
CA ARG C 350 -4.19 5.46 30.08
C ARG C 350 -3.05 4.83 29.29
N TYR C 351 -3.31 3.67 28.70
CA TYR C 351 -2.29 2.87 28.02
C TYR C 351 -1.47 3.65 26.99
N THR C 352 -0.16 3.47 27.06
CA THR C 352 0.79 4.11 26.17
C THR C 352 1.73 3.10 25.54
N SER D 10 -37.28 24.35 19.80
CA SER D 10 -36.24 25.35 19.65
C SER D 10 -35.36 25.03 18.44
N VAL D 11 -34.62 26.04 17.99
CA VAL D 11 -33.77 25.88 16.81
C VAL D 11 -32.73 24.79 17.03
N PHE D 12 -32.20 24.69 18.24
CA PHE D 12 -31.16 23.71 18.51
C PHE D 12 -31.69 22.28 18.37
N SER D 13 -32.78 21.99 19.06
CA SER D 13 -33.35 20.64 19.08
C SER D 13 -33.85 20.20 17.71
N GLU D 14 -34.32 21.17 16.90
CA GLU D 14 -34.84 20.85 15.57
C GLU D 14 -33.72 20.37 14.65
N ARG D 15 -32.50 20.88 14.88
CA ARG D 15 -31.37 20.53 14.02
C ARG D 15 -30.44 19.50 14.67
N THR D 16 -30.83 18.99 15.84
CA THR D 16 -29.93 18.12 16.60
C THR D 16 -30.64 16.85 17.11
N GLU D 17 -30.06 15.71 16.78
CA GLU D 17 -30.47 14.43 17.34
C GLU D 17 -30.17 14.39 18.84
N GLU D 18 -31.15 13.97 19.63
CA GLU D 18 -30.98 13.93 21.09
C GLU D 18 -29.75 13.13 21.50
N SER D 19 -29.57 11.99 20.87
CA SER D 19 -28.44 11.11 21.17
C SER D 19 -27.12 11.88 21.07
N SER D 20 -26.98 12.67 20.01
CA SER D 20 -25.78 13.46 19.78
C SER D 20 -25.62 14.56 20.83
N ALA D 21 -26.74 15.21 21.15
CA ALA D 21 -26.73 16.32 22.11
C ALA D 21 -26.31 15.86 23.49
N VAL D 22 -26.89 14.75 23.93
CA VAL D 22 -26.55 14.17 25.22
C VAL D 22 -25.05 14.00 25.35
N GLN D 23 -24.50 13.22 24.42
CA GLN D 23 -23.07 12.94 24.37
C GLN D 23 -22.27 14.24 24.30
N TYR D 24 -22.71 15.15 23.45
CA TYR D 24 -22.02 16.42 23.24
C TYR D 24 -21.88 17.23 24.53
N PHE D 25 -22.99 17.46 25.23
CA PHE D 25 -22.93 18.30 26.43
C PHE D 25 -22.42 17.51 27.63
N GLN D 26 -22.51 16.19 27.57
CA GLN D 26 -21.86 15.34 28.55
C GLN D 26 -20.35 15.49 28.44
N PHE D 27 -19.85 15.48 27.20
CA PHE D 27 -18.43 15.64 26.93
C PHE D 27 -17.87 16.91 27.56
N TYR D 28 -18.59 18.02 27.41
CA TYR D 28 -18.10 19.31 27.89
C TYR D 28 -18.42 19.52 29.37
N GLY D 29 -19.12 18.57 29.97
CA GLY D 29 -19.39 18.61 31.39
C GLY D 29 -18.18 18.22 32.23
N TYR D 30 -17.16 17.67 31.58
CA TYR D 30 -15.95 17.23 32.28
C TYR D 30 -14.94 18.36 32.44
N LEU D 31 -14.49 18.55 33.68
CA LEU D 31 -13.49 19.56 34.01
C LEU D 31 -12.18 19.32 33.25
N SER D 32 -11.87 18.05 32.99
CA SER D 32 -10.62 17.71 32.31
C SER D 32 -10.57 18.26 30.89
N GLN D 33 -11.72 18.32 30.23
CA GLN D 33 -11.78 18.83 28.86
C GLN D 33 -11.64 20.35 28.88
N GLN D 34 -12.29 20.98 29.85
CA GLN D 34 -12.14 22.41 30.06
C GLN D 34 -10.67 22.70 30.28
N GLN D 35 -10.03 21.90 31.13
CA GLN D 35 -8.61 22.02 31.37
C GLN D 35 -7.83 21.85 30.06
N ASN D 36 -8.20 20.83 29.30
CA ASN D 36 -7.54 20.55 28.03
C ASN D 36 -7.57 21.79 27.13
N MET D 37 -8.73 22.40 27.00
CA MET D 37 -8.87 23.61 26.19
C MET D 37 -8.12 24.79 26.80
N MET D 38 -8.21 24.94 28.12
CA MET D 38 -7.60 26.08 28.79
C MET D 38 -6.07 26.01 28.74
N GLN D 39 -5.53 24.80 28.74
CA GLN D 39 -4.08 24.64 28.73
C GLN D 39 -3.50 24.84 27.32
N ASP D 40 -4.37 25.00 26.33
CA ASP D 40 -3.91 25.43 25.01
C ASP D 40 -3.57 26.92 25.13
N TYR D 41 -2.30 27.20 25.38
CA TYR D 41 -1.88 28.57 25.69
C TYR D 41 -2.06 29.51 24.51
N VAL D 42 -1.85 29.01 23.30
CA VAL D 42 -2.05 29.81 22.10
C VAL D 42 -3.50 30.31 22.08
N ARG D 43 -4.44 29.37 22.19
CA ARG D 43 -5.87 29.67 22.19
C ARG D 43 -6.21 30.71 23.26
N THR D 44 -5.98 30.32 24.51
CA THR D 44 -6.39 31.10 25.66
C THR D 44 -5.69 32.45 25.67
N GLY D 45 -4.38 32.41 25.46
CA GLY D 45 -3.59 33.62 25.43
C GLY D 45 -4.02 34.56 24.31
N THR D 46 -4.33 34.01 23.14
CA THR D 46 -4.75 34.84 22.04
C THR D 46 -6.11 35.47 22.33
N TYR D 47 -7.04 34.68 22.88
CA TYR D 47 -8.33 35.24 23.28
C TYR D 47 -8.17 36.38 24.29
N GLN D 48 -7.37 36.14 25.33
CA GLN D 48 -7.13 37.16 26.34
C GLN D 48 -6.50 38.40 25.72
N ARG D 49 -5.54 38.19 24.83
CA ARG D 49 -4.87 39.28 24.14
C ARG D 49 -5.89 40.08 23.32
N ALA D 50 -6.73 39.38 22.57
CA ALA D 50 -7.75 40.01 21.74
C ALA D 50 -8.73 40.83 22.57
N ILE D 51 -9.15 40.27 23.71
CA ILE D 51 -10.12 40.96 24.56
C ILE D 51 -9.49 42.15 25.29
N LEU D 52 -8.34 41.94 25.92
CA LEU D 52 -7.73 42.99 26.75
C LEU D 52 -7.16 44.15 25.94
N GLN D 53 -6.54 43.86 24.79
CA GLN D 53 -5.97 44.93 23.98
C GLN D 53 -7.08 45.72 23.28
N ASN D 54 -8.29 45.17 23.28
CA ASN D 54 -9.47 45.88 22.80
C ASN D 54 -10.42 46.15 23.96
N HIS D 55 -9.85 46.61 25.07
CA HIS D 55 -10.62 46.78 26.30
C HIS D 55 -11.75 47.79 26.14
N THR D 56 -11.60 48.72 25.20
CA THR D 56 -12.60 49.75 24.98
C THR D 56 -13.87 49.20 24.32
N ASP D 57 -13.75 48.02 23.71
CA ASP D 57 -14.91 47.33 23.15
C ASP D 57 -15.69 46.60 24.25
N PHE D 58 -15.17 46.67 25.47
CA PHE D 58 -15.74 45.94 26.60
C PHE D 58 -16.05 46.90 27.76
N LYS D 59 -15.30 48.00 27.85
CA LYS D 59 -15.44 48.94 28.96
C LYS D 59 -16.87 49.41 29.15
N ASP D 60 -17.45 49.05 30.29
CA ASP D 60 -18.80 49.45 30.68
C ASP D 60 -19.84 48.93 29.69
N LYS D 61 -19.54 47.82 29.03
CA LYS D 61 -20.45 47.25 28.04
C LYS D 61 -21.14 46.00 28.55
N ILE D 62 -22.26 45.65 27.90
CA ILE D 62 -22.94 44.40 28.16
C ILE D 62 -22.42 43.35 27.20
N VAL D 63 -22.07 42.20 27.76
CA VAL D 63 -21.42 41.14 27.00
C VAL D 63 -22.24 39.87 27.04
N LEU D 64 -22.28 39.15 25.91
CA LEU D 64 -22.83 37.80 25.90
C LEU D 64 -21.72 36.81 25.57
N ASP D 65 -21.50 35.85 26.47
CA ASP D 65 -20.52 34.79 26.23
C ASP D 65 -21.24 33.51 25.87
N VAL D 66 -21.17 33.11 24.59
CA VAL D 66 -21.92 31.95 24.15
C VAL D 66 -21.10 30.69 24.39
N GLY D 67 -21.56 29.85 25.33
CA GLY D 67 -20.85 28.65 25.70
C GLY D 67 -19.62 28.93 26.53
N CYS D 68 -19.84 29.50 27.72
CA CYS D 68 -18.75 30.02 28.54
C CYS D 68 -17.86 28.94 29.13
N GLY D 69 -18.36 27.72 29.20
CA GLY D 69 -17.62 26.64 29.84
C GLY D 69 -17.24 27.01 31.26
N SER D 70 -15.94 27.00 31.52
CA SER D 70 -15.42 27.39 32.84
C SER D 70 -15.67 28.88 33.11
N GLY D 71 -15.86 29.65 32.04
CA GLY D 71 -16.15 31.08 32.16
C GLY D 71 -14.95 31.97 31.88
N ILE D 72 -13.88 31.35 31.39
CA ILE D 72 -12.60 32.03 31.23
C ILE D 72 -12.74 33.31 30.39
N LEU D 73 -13.47 33.22 29.29
CA LEU D 73 -13.63 34.36 28.39
C LEU D 73 -14.41 35.48 29.06
N SER D 74 -15.36 35.12 29.91
CA SER D 74 -16.14 36.11 30.65
C SER D 74 -15.25 36.82 31.67
N PHE D 75 -14.34 36.06 32.29
CA PHE D 75 -13.39 36.66 33.22
C PHE D 75 -12.49 37.62 32.46
N PHE D 76 -12.06 37.22 31.26
CA PHE D 76 -11.32 38.15 30.41
C PHE D 76 -12.16 39.40 30.13
N ALA D 77 -13.43 39.20 29.81
CA ALA D 77 -14.34 40.32 29.56
C ALA D 77 -14.45 41.21 30.79
N ALA D 78 -14.46 40.58 31.97
CA ALA D 78 -14.52 41.31 33.24
C ALA D 78 -13.25 42.12 33.48
N GLN D 79 -12.11 41.52 33.18
CA GLN D 79 -10.82 42.18 33.31
C GLN D 79 -10.74 43.43 32.43
N ALA D 80 -11.44 43.40 31.29
CA ALA D 80 -11.41 44.49 30.33
C ALA D 80 -12.38 45.62 30.70
N GLY D 81 -13.15 45.42 31.77
CA GLY D 81 -14.00 46.47 32.30
C GLY D 81 -15.48 46.39 31.96
N ALA D 82 -15.94 45.22 31.51
CA ALA D 82 -17.35 45.06 31.15
C ALA D 82 -18.23 45.30 32.37
N ARG D 83 -19.38 45.93 32.17
CA ARG D 83 -20.28 46.24 33.28
C ARG D 83 -21.01 44.98 33.71
N LYS D 84 -21.46 44.21 32.74
CA LYS D 84 -22.25 43.02 33.02
C LYS D 84 -22.08 42.01 31.89
N ILE D 85 -21.78 40.77 32.24
CA ILE D 85 -21.52 39.72 31.25
C ILE D 85 -22.48 38.57 31.48
N TYR D 86 -23.28 38.26 30.46
CA TYR D 86 -24.15 37.08 30.53
C TYR D 86 -23.42 35.89 29.93
N ALA D 87 -23.15 34.90 30.78
CA ALA D 87 -22.39 33.73 30.40
C ALA D 87 -23.31 32.53 30.24
N VAL D 88 -23.65 32.20 29.00
CA VAL D 88 -24.61 31.15 28.73
C VAL D 88 -23.89 29.83 28.58
N GLU D 89 -24.36 28.80 29.29
CA GLU D 89 -23.73 27.49 29.20
C GLU D 89 -24.76 26.37 29.41
N ALA D 90 -24.76 25.42 28.47
CA ALA D 90 -25.80 24.38 28.44
C ALA D 90 -25.41 23.12 29.21
N SER D 91 -24.12 22.84 29.32
CA SER D 91 -23.67 21.65 30.04
C SER D 91 -23.67 21.91 31.54
N THR D 92 -23.33 20.88 32.32
CA THR D 92 -23.27 21.01 33.77
C THR D 92 -22.01 21.75 34.22
N MET D 93 -21.22 22.23 33.27
CA MET D 93 -20.07 23.06 33.58
C MET D 93 -20.52 24.43 34.09
N ALA D 94 -21.77 24.78 33.82
CA ALA D 94 -22.31 26.08 34.25
C ALA D 94 -22.25 26.22 35.77
N GLN D 95 -22.45 25.12 36.47
CA GLN D 95 -22.42 25.12 37.93
C GLN D 95 -21.03 25.47 38.43
N HIS D 96 -20.01 24.89 37.79
CA HIS D 96 -18.63 25.13 38.17
C HIS D 96 -18.20 26.55 37.83
N ALA D 97 -18.71 27.08 36.72
CA ALA D 97 -18.43 28.45 36.33
C ALA D 97 -18.94 29.40 37.39
N GLU D 98 -20.16 29.16 37.87
CA GLU D 98 -20.74 29.97 38.92
C GLU D 98 -19.85 29.95 40.17
N VAL D 99 -19.37 28.75 40.52
CA VAL D 99 -18.47 28.62 41.66
C VAL D 99 -17.28 29.56 41.48
N LEU D 100 -16.71 29.58 40.28
CA LEU D 100 -15.55 30.42 40.01
C LEU D 100 -15.91 31.90 40.05
N VAL D 101 -17.12 32.22 39.60
CA VAL D 101 -17.59 33.60 39.63
C VAL D 101 -17.63 34.08 41.08
N LYS D 102 -18.13 33.22 41.97
CA LYS D 102 -18.21 33.58 43.38
C LYS D 102 -16.83 33.67 44.04
N SER D 103 -15.98 32.67 43.81
CA SER D 103 -14.67 32.65 44.45
C SER D 103 -13.78 33.78 43.95
N ASN D 104 -14.09 34.33 42.77
CA ASN D 104 -13.34 35.45 42.23
C ASN D 104 -14.05 36.79 42.49
N ASN D 105 -15.11 36.74 43.31
CA ASN D 105 -15.83 37.96 43.71
C ASN D 105 -16.22 38.82 42.52
N LEU D 106 -16.85 38.20 41.53
CA LEU D 106 -17.30 38.89 40.32
C LEU D 106 -18.78 38.66 40.09
N THR D 107 -19.51 38.41 41.18
CA THR D 107 -20.95 38.15 41.11
C THR D 107 -21.69 39.37 40.57
N ASP D 108 -21.10 40.54 40.74
CA ASP D 108 -21.76 41.77 40.32
C ASP D 108 -21.59 42.03 38.83
N ARG D 109 -20.73 41.28 38.15
CA ARG D 109 -20.49 41.53 36.74
C ARG D 109 -20.67 40.30 35.84
N ILE D 110 -20.42 39.09 36.35
CA ILE D 110 -20.63 37.88 35.54
C ILE D 110 -21.89 37.16 36.03
N VAL D 111 -22.80 36.94 35.09
CA VAL D 111 -24.07 36.26 35.35
C VAL D 111 -24.16 34.99 34.52
N VAL D 112 -24.10 33.83 35.18
CA VAL D 112 -24.22 32.55 34.48
C VAL D 112 -25.67 32.25 34.16
N ILE D 113 -25.94 31.95 32.89
CA ILE D 113 -27.27 31.56 32.45
C ILE D 113 -27.17 30.10 32.00
N PRO D 114 -27.68 29.18 32.84
CA PRO D 114 -27.68 27.76 32.47
C PRO D 114 -28.68 27.47 31.35
N GLY D 115 -28.25 26.76 30.31
CA GLY D 115 -29.14 26.40 29.22
C GLY D 115 -28.54 26.68 27.86
N LYS D 116 -29.27 26.29 26.81
CA LYS D 116 -28.81 26.52 25.45
C LYS D 116 -29.14 27.94 25.02
N VAL D 117 -28.22 28.55 24.27
CA VAL D 117 -28.36 29.96 23.90
C VAL D 117 -29.60 30.16 23.03
N GLU D 118 -30.06 29.09 22.40
CA GLU D 118 -31.26 29.15 21.57
C GLU D 118 -32.54 29.12 22.41
N GLU D 119 -32.42 28.87 23.70
CA GLU D 119 -33.58 28.60 24.54
C GLU D 119 -33.71 29.53 25.75
N VAL D 120 -32.58 29.99 26.30
CA VAL D 120 -32.63 30.85 27.48
C VAL D 120 -33.17 32.24 27.12
N SER D 121 -33.55 32.99 28.15
CA SER D 121 -33.96 34.38 27.97
C SER D 121 -32.97 35.33 28.65
N LEU D 122 -32.55 36.35 27.93
CA LEU D 122 -31.70 37.39 28.51
C LEU D 122 -32.53 38.62 28.86
N PRO D 123 -32.17 39.32 29.96
CA PRO D 123 -32.94 40.51 30.34
C PRO D 123 -32.80 41.69 29.38
N GLU D 124 -31.67 41.77 28.68
CA GLU D 124 -31.40 42.93 27.83
C GLU D 124 -30.54 42.57 26.62
N GLN D 125 -30.46 43.48 25.66
CA GLN D 125 -29.59 43.32 24.50
C GLN D 125 -28.16 43.63 24.90
N VAL D 126 -27.20 43.00 24.22
CA VAL D 126 -25.80 43.13 24.59
C VAL D 126 -25.05 43.95 23.55
N ASP D 127 -23.91 44.50 23.96
CA ASP D 127 -23.09 45.33 23.08
C ASP D 127 -22.15 44.48 22.24
N ILE D 128 -21.77 43.32 22.78
CA ILE D 128 -20.80 42.47 22.13
C ILE D 128 -20.99 41.01 22.50
N ILE D 129 -20.78 40.13 21.53
CA ILE D 129 -20.85 38.71 21.77
C ILE D 129 -19.44 38.15 21.71
N ILE D 130 -19.09 37.37 22.73
CA ILE D 130 -17.85 36.62 22.72
C ILE D 130 -18.18 35.14 22.76
N SER D 131 -17.33 34.36 22.12
CA SER D 131 -17.48 32.93 22.08
C SER D 131 -16.23 32.34 21.45
N GLU D 132 -16.02 31.07 21.75
CA GLU D 132 -15.03 30.28 21.06
C GLU D 132 -15.79 29.09 20.54
N PRO D 133 -16.46 29.22 19.38
CA PRO D 133 -17.29 28.14 18.86
C PRO D 133 -16.67 27.29 17.74
N MET D 134 -15.36 27.40 17.55
CA MET D 134 -14.69 26.72 16.44
C MET D 134 -14.40 25.26 16.75
N GLY D 135 -14.67 24.39 15.78
CA GLY D 135 -14.33 22.98 15.89
C GLY D 135 -13.33 22.56 14.83
N TYR D 136 -13.08 21.25 14.72
CA TYR D 136 -12.24 20.71 13.66
C TYR D 136 -12.73 21.21 12.30
N MET D 137 -11.80 21.57 11.42
CA MET D 137 -12.15 22.12 10.13
C MET D 137 -13.09 23.31 10.32
N LEU D 138 -12.95 23.98 11.47
CA LEU D 138 -13.75 25.15 11.86
C LEU D 138 -15.20 24.82 12.16
N PHE D 139 -15.88 24.12 11.26
CA PHE D 139 -17.33 24.00 11.32
C PHE D 139 -17.86 22.84 12.16
N ASN D 140 -17.00 21.88 12.49
CA ASN D 140 -17.44 20.72 13.27
C ASN D 140 -18.07 21.16 14.58
N GLU D 141 -19.08 20.40 15.01
CA GLU D 141 -19.87 20.66 16.23
C GLU D 141 -21.04 21.61 15.99
N ARG D 142 -21.02 22.31 14.86
CA ARG D 142 -22.13 23.19 14.48
C ARG D 142 -22.41 24.30 15.49
N MET D 143 -21.42 24.67 16.29
CA MET D 143 -21.65 25.69 17.31
C MET D 143 -21.65 27.10 16.71
N LEU D 144 -21.02 27.28 15.55
CA LEU D 144 -21.05 28.57 14.88
C LEU D 144 -22.48 29.05 14.69
N GLU D 145 -23.39 28.09 14.50
CA GLU D 145 -24.79 28.41 14.31
C GLU D 145 -25.41 28.96 15.60
N SER D 146 -24.98 28.46 16.75
CA SER D 146 -25.44 28.98 18.02
C SER D 146 -24.90 30.40 18.21
N TYR D 147 -23.63 30.57 17.87
CA TYR D 147 -22.96 31.85 17.93
C TYR D 147 -23.70 32.88 17.08
N LEU D 148 -24.04 32.50 15.85
CA LEU D 148 -24.78 33.38 14.96
C LEU D 148 -26.22 33.56 15.45
N HIS D 149 -26.79 32.49 15.98
CA HIS D 149 -28.16 32.53 16.51
C HIS D 149 -28.24 33.56 17.62
N ALA D 150 -27.19 33.61 18.44
CA ALA D 150 -27.14 34.55 19.56
C ALA D 150 -27.22 36.02 19.13
N LYS D 151 -27.10 36.30 17.84
CA LYS D 151 -27.13 37.69 17.39
C LYS D 151 -28.52 38.31 17.55
N LYS D 152 -29.50 37.50 17.90
CA LYS D 152 -30.82 38.03 18.23
C LYS D 152 -30.75 38.90 19.48
N TYR D 153 -29.68 38.73 20.25
CA TYR D 153 -29.46 39.52 21.45
C TYR D 153 -28.48 40.67 21.24
N LEU D 154 -28.01 40.85 20.01
CA LEU D 154 -27.01 41.85 19.74
C LEU D 154 -27.64 43.17 19.27
N LYS D 155 -27.22 44.27 19.90
CA LYS D 155 -27.63 45.60 19.48
C LYS D 155 -27.25 45.79 18.01
N PRO D 156 -27.98 46.66 17.29
CA PRO D 156 -27.74 46.85 15.85
C PRO D 156 -26.27 47.03 15.46
N SER D 157 -25.56 47.93 16.13
CA SER D 157 -24.16 48.19 15.79
C SER D 157 -23.19 47.45 16.71
N GLY D 158 -23.65 46.36 17.33
CA GLY D 158 -22.81 45.63 18.25
C GLY D 158 -21.73 44.84 17.54
N ASN D 159 -20.82 44.25 18.32
CA ASN D 159 -19.67 43.56 17.75
C ASN D 159 -19.56 42.10 18.19
N MET D 160 -18.74 41.36 17.46
CA MET D 160 -18.54 39.93 17.70
C MET D 160 -17.07 39.54 17.75
N PHE D 161 -16.72 38.80 18.80
CA PHE D 161 -15.37 38.32 19.01
C PHE D 161 -15.39 36.79 19.09
N PRO D 162 -14.94 36.10 18.02
CA PRO D 162 -14.30 36.59 16.79
C PRO D 162 -15.26 37.28 15.83
N THR D 163 -14.69 38.07 14.92
CA THR D 163 -15.48 38.82 13.95
C THR D 163 -15.64 38.05 12.66
N ILE D 164 -14.54 37.46 12.18
CA ILE D 164 -14.57 36.66 10.97
C ILE D 164 -13.81 35.35 11.17
N GLY D 165 -14.14 34.37 10.34
CA GLY D 165 -13.42 33.11 10.29
C GLY D 165 -13.01 32.74 8.88
N ASP D 166 -11.72 32.45 8.70
CA ASP D 166 -11.21 32.00 7.42
C ASP D 166 -10.88 30.52 7.43
N VAL D 167 -11.47 29.78 6.49
CA VAL D 167 -11.09 28.39 6.26
C VAL D 167 -10.12 28.35 5.09
N HIS D 168 -8.98 27.70 5.31
CA HIS D 168 -7.98 27.51 4.27
C HIS D 168 -7.94 26.06 3.80
N LEU D 169 -7.96 25.92 2.47
CA LEU D 169 -7.85 24.65 1.76
C LEU D 169 -6.57 24.60 0.92
N ALA D 170 -5.84 23.48 0.96
CA ALA D 170 -4.71 23.33 0.05
C ALA D 170 -4.44 21.87 -0.30
N PRO D 171 -4.07 21.58 -1.57
CA PRO D 171 -3.77 20.18 -1.90
C PRO D 171 -2.47 19.71 -1.29
N PHE D 172 -2.39 18.46 -0.86
CA PHE D 172 -1.16 17.94 -0.27
C PHE D 172 -0.71 16.62 -0.87
N THR D 173 0.56 16.29 -0.67
CA THR D 173 1.09 14.97 -1.01
C THR D 173 1.66 14.32 0.25
N ASP D 174 1.17 13.13 0.57
CA ASP D 174 1.66 12.36 1.70
C ASP D 174 1.38 10.87 1.48
N GLU D 175 2.25 10.22 0.74
CA GLU D 175 2.06 8.82 0.39
C GLU D 175 1.94 7.92 1.60
N GLN D 176 2.75 8.17 2.64
CA GLN D 176 2.75 7.26 3.78
C GLN D 176 1.40 7.29 4.49
N LEU D 177 0.79 8.46 4.59
CA LEU D 177 -0.55 8.57 5.17
C LEU D 177 -1.53 7.74 4.34
N TYR D 178 -1.46 7.92 3.03
CA TYR D 178 -2.33 7.22 2.10
C TYR D 178 -2.20 5.71 2.26
N MET D 179 -0.98 5.21 2.17
CA MET D 179 -0.74 3.78 2.30
C MET D 179 -1.03 3.33 3.72
N GLU D 180 -0.83 4.22 4.70
CA GLU D 180 -1.17 3.89 6.08
C GLU D 180 -2.65 3.52 6.17
N GLN D 181 -3.51 4.36 5.59
CA GLN D 181 -4.94 4.06 5.56
C GLN D 181 -5.30 2.85 4.68
N PHE D 182 -4.67 2.78 3.52
CA PHE D 182 -4.92 1.70 2.58
C PHE D 182 -4.54 0.36 3.23
N THR D 183 -3.45 0.37 3.99
CA THR D 183 -3.00 -0.80 4.73
C THR D 183 -4.09 -1.28 5.67
N LYS D 184 -4.72 -0.35 6.37
CA LYS D 184 -5.79 -0.69 7.30
C LYS D 184 -6.96 -1.27 6.53
N ALA D 185 -7.33 -0.63 5.43
CA ALA D 185 -8.46 -1.12 4.63
C ALA D 185 -8.17 -2.49 4.04
N ASN D 186 -6.92 -2.76 3.71
CA ASN D 186 -6.54 -4.01 3.08
C ASN D 186 -6.65 -5.24 3.98
N PHE D 187 -6.95 -5.04 5.26
CA PHE D 187 -7.24 -6.17 6.14
C PHE D 187 -8.40 -6.97 5.55
N TRP D 188 -9.34 -6.23 4.97
CA TRP D 188 -10.56 -6.79 4.41
C TRP D 188 -10.33 -7.34 3.00
N TYR D 189 -9.07 -7.35 2.58
CA TYR D 189 -8.64 -7.89 1.31
C TYR D 189 -8.35 -9.39 1.44
N GLN D 190 -8.18 -9.85 2.67
CA GLN D 190 -7.82 -11.22 2.95
C GLN D 190 -8.81 -12.27 2.42
N PRO D 191 -8.31 -13.24 1.64
CA PRO D 191 -9.20 -14.30 1.14
C PRO D 191 -9.41 -15.42 2.13
N SER D 192 -8.59 -15.48 3.18
CA SER D 192 -8.67 -16.54 4.16
C SER D 192 -8.15 -16.11 5.53
N PHE D 193 -8.89 -15.21 6.17
CA PHE D 193 -8.62 -14.82 7.56
C PHE D 193 -9.22 -15.84 8.52
N HIS D 194 -8.35 -16.65 9.11
CA HIS D 194 -8.81 -17.80 9.91
C HIS D 194 -9.75 -18.67 9.09
N GLY D 195 -9.46 -18.79 7.80
CA GLY D 195 -10.26 -19.62 6.91
C GLY D 195 -11.46 -18.93 6.30
N VAL D 196 -11.61 -17.63 6.58
CA VAL D 196 -12.77 -16.87 6.10
C VAL D 196 -12.38 -15.87 5.02
N ASP D 197 -13.14 -15.86 3.93
CA ASP D 197 -12.92 -14.90 2.84
C ASP D 197 -13.60 -13.57 3.13
N LEU D 198 -12.80 -12.54 3.36
CA LEU D 198 -13.32 -11.23 3.73
C LEU D 198 -13.39 -10.26 2.53
N SER D 199 -12.87 -10.70 1.39
CA SER D 199 -12.60 -9.79 0.26
C SER D 199 -13.85 -9.05 -0.22
N ALA D 200 -15.02 -9.67 -0.07
CA ALA D 200 -16.25 -9.07 -0.57
C ALA D 200 -16.57 -7.75 0.11
N LEU D 201 -15.92 -7.50 1.24
CA LEU D 201 -16.14 -6.27 2.02
C LEU D 201 -15.01 -5.28 1.83
N ARG D 202 -14.06 -5.59 0.95
CA ARG D 202 -12.88 -4.74 0.78
C ARG D 202 -13.30 -3.32 0.39
N GLY D 203 -14.27 -3.22 -0.52
CA GLY D 203 -14.77 -1.93 -0.95
C GLY D 203 -15.37 -1.10 0.17
N ALA D 204 -16.21 -1.73 0.98
CA ALA D 204 -16.85 -1.05 2.09
C ALA D 204 -15.81 -0.57 3.09
N ALA D 205 -14.75 -1.36 3.27
CA ALA D 205 -13.69 -1.02 4.21
C ALA D 205 -12.91 0.21 3.73
N VAL D 206 -12.57 0.24 2.45
CA VAL D 206 -11.89 1.39 1.87
C VAL D 206 -12.74 2.64 2.05
N ASP D 207 -14.02 2.53 1.71
CA ASP D 207 -14.94 3.64 1.89
C ASP D 207 -14.92 4.15 3.32
N GLU D 208 -15.12 3.24 4.28
CA GLU D 208 -15.20 3.62 5.68
C GLU D 208 -13.94 4.34 6.15
N TYR D 209 -12.78 3.79 5.83
CA TYR D 209 -11.52 4.38 6.29
C TYR D 209 -11.25 5.72 5.65
N PHE D 210 -11.54 5.85 4.36
CA PHE D 210 -11.25 7.08 3.65
C PHE D 210 -12.32 8.15 3.90
N ARG D 211 -13.43 7.77 4.52
CA ARG D 211 -14.44 8.76 4.92
C ARG D 211 -13.98 9.53 6.15
N GLN D 212 -12.87 9.08 6.74
CA GLN D 212 -12.38 9.70 7.97
C GLN D 212 -11.39 10.82 7.69
N PRO D 213 -11.75 12.06 8.08
CA PRO D 213 -10.72 13.10 8.00
C PRO D 213 -9.59 12.82 8.97
N VAL D 214 -8.36 13.10 8.55
CA VAL D 214 -7.20 12.83 9.38
C VAL D 214 -6.87 14.10 10.15
N VAL D 215 -6.97 14.03 11.48
CA VAL D 215 -6.63 15.16 12.33
C VAL D 215 -5.21 14.97 12.82
N ASP D 216 -4.35 15.92 12.48
CA ASP D 216 -2.98 15.93 12.96
C ASP D 216 -2.26 17.12 12.33
N THR D 217 -0.94 17.18 12.52
CA THR D 217 -0.16 18.25 11.94
C THR D 217 0.82 17.67 10.93
N PHE D 218 1.47 18.55 10.16
CA PHE D 218 2.36 18.12 9.11
C PHE D 218 3.31 19.24 8.71
N ASP D 219 4.36 18.90 7.99
CA ASP D 219 5.29 19.89 7.45
C ASP D 219 4.64 20.61 6.28
N ILE D 220 4.80 21.94 6.24
CA ILE D 220 4.14 22.77 5.25
C ILE D 220 4.58 22.48 3.81
N ARG D 221 5.71 21.82 3.64
CA ARG D 221 6.22 21.54 2.30
C ARG D 221 5.50 20.39 1.61
N ILE D 222 4.59 19.73 2.30
CA ILE D 222 3.80 18.68 1.66
C ILE D 222 2.70 19.34 0.85
N LEU D 223 2.50 20.64 1.06
CA LEU D 223 1.48 21.39 0.34
C LEU D 223 1.96 21.70 -1.06
N MET D 224 1.06 21.50 -2.03
CA MET D 224 1.42 21.52 -3.45
C MET D 224 0.95 22.81 -4.12
N ALA D 225 0.29 23.67 -3.35
CA ALA D 225 -0.19 24.94 -3.88
C ALA D 225 -0.52 25.90 -2.75
N LYS D 226 -0.50 27.19 -3.05
CA LYS D 226 -0.95 28.19 -2.10
C LYS D 226 -2.41 27.93 -1.77
N SER D 227 -2.78 28.10 -0.51
CA SER D 227 -4.13 27.76 -0.06
C SER D 227 -5.19 28.67 -0.67
N VAL D 228 -6.41 28.15 -0.73
CA VAL D 228 -7.59 28.93 -1.09
C VAL D 228 -8.32 29.26 0.20
N LYS D 229 -8.86 30.48 0.26
CA LYS D 229 -9.48 30.99 1.48
C LYS D 229 -10.99 31.14 1.31
N TYR D 230 -11.74 30.65 2.31
CA TYR D 230 -13.18 30.87 2.37
C TYR D 230 -13.53 31.58 3.67
N THR D 231 -14.17 32.74 3.55
CA THR D 231 -14.39 33.61 4.70
C THR D 231 -15.85 33.64 5.14
N VAL D 232 -16.05 33.46 6.44
CA VAL D 232 -17.36 33.66 7.05
C VAL D 232 -17.30 34.90 7.93
N ASN D 233 -18.10 35.89 7.58
CA ASN D 233 -18.22 37.12 8.35
C ASN D 233 -19.36 36.96 9.37
N PHE D 234 -19.00 36.79 10.64
CA PHE D 234 -19.97 36.48 11.67
C PHE D 234 -20.91 37.64 11.95
N LEU D 235 -20.48 38.86 11.61
CA LEU D 235 -21.34 40.03 11.77
C LEU D 235 -22.48 40.00 10.76
N GLU D 236 -22.25 39.37 9.62
CA GLU D 236 -23.20 39.41 8.51
C GLU D 236 -23.93 38.08 8.34
N ALA D 237 -23.25 36.98 8.63
CA ALA D 237 -23.82 35.66 8.35
C ALA D 237 -25.01 35.33 9.23
N LYS D 238 -25.90 34.51 8.69
CA LYS D 238 -27.02 33.94 9.44
C LYS D 238 -26.81 32.45 9.65
N GLU D 239 -27.53 31.88 10.61
CA GLU D 239 -27.48 30.43 10.85
C GLU D 239 -27.55 29.63 9.56
N GLY D 240 -28.62 29.86 8.80
CA GLY D 240 -28.91 29.06 7.63
C GLY D 240 -27.79 29.01 6.61
N ASP D 241 -26.92 30.01 6.64
CA ASP D 241 -25.80 30.08 5.71
C ASP D 241 -24.86 28.89 5.92
N LEU D 242 -24.92 28.28 7.09
CA LEU D 242 -24.01 27.20 7.43
C LEU D 242 -24.62 25.80 7.29
N HIS D 243 -25.85 25.73 6.79
CA HIS D 243 -26.50 24.44 6.57
C HIS D 243 -25.91 23.74 5.34
N ARG D 244 -25.58 24.54 4.34
CA ARG D 244 -24.95 24.06 3.12
C ARG D 244 -23.85 25.03 2.72
N ILE D 245 -22.59 24.58 2.84
CA ILE D 245 -21.45 25.44 2.58
C ILE D 245 -20.73 24.97 1.32
N GLU D 246 -20.81 25.76 0.26
CA GLU D 246 -20.17 25.40 -1.00
C GLU D 246 -18.90 26.23 -1.20
N ILE D 247 -17.76 25.56 -1.21
CA ILE D 247 -16.46 26.20 -1.35
C ILE D 247 -15.81 25.78 -2.66
N PRO D 248 -15.97 26.60 -3.71
CA PRO D 248 -15.27 26.29 -4.97
C PRO D 248 -13.78 26.62 -4.87
N PHE D 249 -12.94 25.88 -5.60
CA PHE D 249 -11.51 26.14 -5.58
C PHE D 249 -10.83 25.93 -6.93
N LYS D 250 -9.79 26.75 -7.14
CA LYS D 250 -8.92 26.67 -8.30
C LYS D 250 -7.46 26.84 -7.85
N PHE D 251 -6.77 25.73 -7.68
CA PHE D 251 -5.38 25.74 -7.22
C PHE D 251 -4.41 25.81 -8.39
N HIS D 252 -3.41 26.66 -8.28
CA HIS D 252 -2.33 26.72 -9.26
C HIS D 252 -1.15 25.92 -8.72
N MET D 253 -0.95 24.73 -9.26
CA MET D 253 0.02 23.79 -8.72
C MET D 253 1.44 24.35 -8.81
N LEU D 254 2.13 24.37 -7.68
CA LEU D 254 3.50 24.88 -7.61
C LEU D 254 4.51 23.75 -7.76
N HIS D 255 4.07 22.52 -7.50
CA HIS D 255 4.93 21.35 -7.58
C HIS D 255 4.27 20.23 -8.36
N SER D 256 5.08 19.41 -9.02
CA SER D 256 4.58 18.23 -9.71
C SER D 256 4.51 17.06 -8.73
N GLY D 257 3.51 16.21 -8.89
CA GLY D 257 3.39 15.02 -8.06
C GLY D 257 1.97 14.52 -7.85
N LEU D 258 1.85 13.59 -6.93
CA LEU D 258 0.55 13.03 -6.54
C LEU D 258 -0.12 13.86 -5.48
N VAL D 259 -1.34 14.30 -5.78
CA VAL D 259 -2.19 14.96 -4.81
C VAL D 259 -3.00 13.85 -4.14
N HIS D 260 -2.79 13.67 -2.85
CA HIS D 260 -3.44 12.60 -2.09
C HIS D 260 -4.71 13.11 -1.43
N GLY D 261 -4.88 14.42 -1.40
CA GLY D 261 -6.07 15.02 -0.84
C GLY D 261 -5.92 16.49 -0.52
N LEU D 262 -6.89 16.98 0.25
CA LEU D 262 -6.91 18.40 0.60
C LEU D 262 -6.69 18.57 2.10
N ALA D 263 -5.86 19.54 2.44
CA ALA D 263 -5.61 19.91 3.82
C ALA D 263 -6.39 21.17 4.16
N PHE D 264 -6.91 21.16 5.39
CA PHE D 264 -7.80 22.19 5.90
C PHE D 264 -7.26 22.74 7.20
N TRP D 265 -7.30 24.06 7.32
CA TRP D 265 -7.12 24.71 8.61
C TRP D 265 -7.93 25.99 8.63
N PHE D 266 -7.91 26.73 9.74
CA PHE D 266 -8.68 27.96 9.82
C PHE D 266 -8.04 29.03 10.71
N ASP D 267 -8.36 30.29 10.39
CA ASP D 267 -7.99 31.43 11.20
C ASP D 267 -9.26 32.12 11.65
N VAL D 268 -9.22 32.78 12.79
CA VAL D 268 -10.31 33.67 13.17
C VAL D 268 -9.72 35.02 13.53
N ALA D 269 -10.45 36.08 13.23
CA ALA D 269 -9.95 37.42 13.53
C ALA D 269 -10.88 38.16 14.48
N PHE D 270 -10.28 38.71 15.53
CA PHE D 270 -10.97 39.61 16.44
C PHE D 270 -10.68 41.02 15.98
N ILE D 271 -11.66 41.61 15.29
CA ILE D 271 -11.52 42.94 14.72
C ILE D 271 -12.08 43.95 15.71
N GLY D 272 -11.20 44.43 16.59
CA GLY D 272 -11.60 45.38 17.61
C GLY D 272 -11.26 46.81 17.26
N SER D 273 -11.68 47.73 18.14
CA SER D 273 -11.51 49.16 17.91
C SER D 273 -10.06 49.62 18.01
N ILE D 274 -9.26 48.94 18.82
CA ILE D 274 -7.88 49.35 19.03
C ILE D 274 -6.98 48.60 18.04
N MET D 275 -7.23 47.32 17.83
CA MET D 275 -6.44 46.55 16.87
C MET D 275 -7.13 45.25 16.48
N THR D 276 -6.62 44.62 15.42
CA THR D 276 -7.12 43.34 14.97
C THR D 276 -6.19 42.23 15.45
N VAL D 277 -6.76 41.24 16.12
CA VAL D 277 -5.96 40.13 16.63
C VAL D 277 -6.36 38.83 15.93
N TRP D 278 -5.37 38.08 15.45
CA TRP D 278 -5.63 36.84 14.72
C TRP D 278 -5.32 35.61 15.57
N LEU D 279 -6.21 34.62 15.49
CA LEU D 279 -5.93 33.30 16.05
C LEU D 279 -5.88 32.32 14.88
N SER D 280 -4.71 31.71 14.67
CA SER D 280 -4.46 30.86 13.51
C SER D 280 -4.13 29.42 13.90
N THR D 281 -4.69 28.48 13.16
CA THR D 281 -4.37 27.06 13.34
C THR D 281 -3.63 26.53 12.12
N ALA D 282 -2.98 27.42 11.38
CA ALA D 282 -2.23 27.05 10.18
C ALA D 282 -1.02 26.20 10.55
N PRO D 283 -0.57 25.34 9.62
CA PRO D 283 0.60 24.49 9.89
C PRO D 283 1.91 25.29 9.95
N THR D 284 1.85 26.57 9.57
CA THR D 284 2.99 27.46 9.67
C THR D 284 3.07 28.08 11.08
N GLU D 285 2.00 27.92 11.85
CA GLU D 285 1.89 28.54 13.16
C GLU D 285 2.06 27.50 14.27
N PRO D 286 2.36 27.96 15.50
CA PRO D 286 2.45 27.02 16.61
C PRO D 286 1.22 26.12 16.73
N LEU D 287 1.45 24.87 17.09
CA LEU D 287 0.40 23.88 17.12
C LEU D 287 -0.66 24.23 18.16
N THR D 288 -1.93 24.00 17.81
CA THR D 288 -3.02 24.15 18.75
C THR D 288 -3.74 22.81 18.84
N HIS D 289 -4.70 22.73 19.74
CA HIS D 289 -5.46 21.50 19.93
C HIS D 289 -6.39 21.20 18.76
N TRP D 290 -6.52 22.12 17.82
CA TRP D 290 -7.28 21.88 16.60
C TRP D 290 -6.42 21.17 15.56
N TYR D 291 -5.11 21.31 15.69
CA TYR D 291 -4.18 20.71 14.73
C TYR D 291 -4.57 21.13 13.32
N GLN D 292 -4.46 20.22 12.36
CA GLN D 292 -5.02 20.46 11.04
C GLN D 292 -5.79 19.24 10.59
N VAL D 293 -6.60 19.41 9.55
CA VAL D 293 -7.46 18.32 9.09
C VAL D 293 -7.17 18.01 7.64
N ARG D 294 -7.01 16.73 7.31
CA ARG D 294 -6.80 16.37 5.92
C ARG D 294 -7.82 15.36 5.41
N CYS D 295 -8.39 15.67 4.25
CA CYS D 295 -9.30 14.74 3.59
C CYS D 295 -8.59 14.07 2.43
N LEU D 296 -8.47 12.75 2.53
CA LEU D 296 -7.80 11.91 1.54
C LEU D 296 -8.68 11.62 0.33
N PHE D 297 -8.06 11.52 -0.83
CA PHE D 297 -8.69 10.94 -2.00
C PHE D 297 -8.52 9.43 -1.95
N GLN D 298 -9.51 8.68 -2.43
CA GLN D 298 -9.38 7.23 -2.48
C GLN D 298 -8.26 6.85 -3.43
N SER D 299 -8.12 7.64 -4.49
CA SER D 299 -7.03 7.50 -5.44
C SER D 299 -6.41 8.88 -5.68
N PRO D 300 -5.08 9.00 -5.52
CA PRO D 300 -4.45 10.32 -5.73
C PRO D 300 -4.50 10.80 -7.17
N LEU D 301 -4.37 12.11 -7.37
CA LEU D 301 -4.38 12.69 -8.71
C LEU D 301 -2.99 13.19 -9.07
N PHE D 302 -2.47 12.79 -10.23
CA PHE D 302 -1.18 13.29 -10.65
C PHE D 302 -1.30 14.67 -11.30
N ALA D 303 -0.48 15.61 -10.87
CA ALA D 303 -0.46 16.93 -11.50
C ALA D 303 0.97 17.46 -11.65
N LYS D 304 1.23 18.12 -12.77
CA LYS D 304 2.52 18.79 -12.97
C LYS D 304 2.44 20.23 -12.50
N ALA D 305 3.60 20.80 -12.16
CA ALA D 305 3.68 22.20 -11.79
C ALA D 305 3.15 23.07 -12.91
N GLY D 306 2.29 24.01 -12.58
CA GLY D 306 1.67 24.88 -13.57
C GLY D 306 0.25 24.49 -13.90
N ASP D 307 -0.11 23.24 -13.62
CA ASP D 307 -1.48 22.79 -13.82
C ASP D 307 -2.43 23.49 -12.86
N THR D 308 -3.72 23.37 -13.13
CA THR D 308 -4.73 23.94 -12.25
C THR D 308 -5.60 22.80 -11.72
N LEU D 309 -5.74 22.75 -10.41
CA LEU D 309 -6.58 21.76 -9.77
C LEU D 309 -7.86 22.43 -9.31
N SER D 310 -8.95 22.12 -9.98
CA SER D 310 -10.21 22.85 -9.75
C SER D 310 -11.28 21.94 -9.21
N GLY D 311 -12.22 22.53 -8.48
CA GLY D 311 -13.36 21.76 -8.01
C GLY D 311 -14.15 22.43 -6.91
N THR D 312 -14.80 21.61 -6.10
CA THR D 312 -15.67 22.12 -5.06
C THR D 312 -15.61 21.26 -3.82
N CYS D 313 -15.59 21.93 -2.67
CA CYS D 313 -15.77 21.30 -1.38
C CYS D 313 -17.13 21.70 -0.82
N LEU D 314 -18.03 20.71 -0.74
CA LEU D 314 -19.39 20.94 -0.30
C LEU D 314 -19.59 20.36 1.10
N LEU D 315 -19.99 21.21 2.04
CA LEU D 315 -20.19 20.80 3.42
C LEU D 315 -21.68 20.82 3.74
N ILE D 316 -22.25 19.67 4.08
CA ILE D 316 -23.68 19.62 4.42
C ILE D 316 -23.87 19.30 5.89
N ALA D 317 -24.46 20.24 6.62
CA ALA D 317 -24.67 20.06 8.06
C ALA D 317 -25.61 18.88 8.28
N ASN D 318 -25.32 18.05 9.28
CA ASN D 318 -26.18 16.92 9.60
C ASN D 318 -26.69 17.04 11.04
N LYS D 319 -27.63 16.16 11.39
CA LYS D 319 -28.30 16.26 12.66
C LYS D 319 -27.44 15.71 13.81
N ARG D 320 -26.21 15.29 13.49
CA ARG D 320 -25.28 14.84 14.52
C ARG D 320 -24.25 15.91 14.84
N GLN D 321 -24.63 17.17 14.64
CA GLN D 321 -23.77 18.30 14.96
C GLN D 321 -22.43 18.23 14.24
N SER D 322 -22.48 17.83 12.98
CA SER D 322 -21.28 17.73 12.17
C SER D 322 -21.64 17.97 10.70
N TYR D 323 -20.75 17.58 9.79
CA TYR D 323 -20.96 17.80 8.37
C TYR D 323 -20.66 16.57 7.54
N ASP D 324 -21.46 16.38 6.50
CA ASP D 324 -21.13 15.46 5.43
C ASP D 324 -20.29 16.23 4.44
N ILE D 325 -19.08 15.75 4.19
CA ILE D 325 -18.13 16.44 3.33
C ILE D 325 -18.08 15.79 1.97
N SER D 326 -18.35 16.58 0.94
CA SER D 326 -18.19 16.13 -0.43
C SER D 326 -17.07 16.91 -1.10
N ILE D 327 -16.04 16.22 -1.56
CA ILE D 327 -14.94 16.90 -2.24
C ILE D 327 -14.85 16.37 -3.67
N VAL D 328 -14.96 17.29 -4.62
CA VAL D 328 -14.74 16.96 -6.03
C VAL D 328 -13.63 17.84 -6.56
N ALA D 329 -12.63 17.20 -7.13
CA ALA D 329 -11.46 17.90 -7.63
C ALA D 329 -10.99 17.31 -8.95
N GLN D 330 -10.48 18.14 -9.84
CA GLN D 330 -9.99 17.67 -11.12
C GLN D 330 -8.79 18.48 -11.62
N VAL D 331 -7.86 17.77 -12.25
CA VAL D 331 -6.77 18.42 -12.96
C VAL D 331 -7.34 18.87 -14.30
N ASP D 332 -7.48 20.18 -14.47
CA ASP D 332 -8.16 20.72 -15.65
C ASP D 332 -7.45 20.32 -16.95
N GLN D 333 -6.13 20.23 -16.92
CA GLN D 333 -5.34 20.00 -18.12
C GLN D 333 -5.48 18.58 -18.67
N THR D 334 -5.90 17.63 -17.83
CA THR D 334 -5.94 16.23 -18.22
C THR D 334 -7.31 15.61 -18.00
N GLY D 335 -8.17 16.30 -17.26
CA GLY D 335 -9.49 15.77 -16.96
C GLY D 335 -9.49 14.72 -15.87
N SER D 336 -8.34 14.52 -15.22
CA SER D 336 -8.25 13.57 -14.12
C SER D 336 -9.10 14.08 -12.97
N LYS D 337 -10.08 13.28 -12.57
CA LYS D 337 -11.11 13.71 -11.64
C LYS D 337 -11.18 12.78 -10.44
N SER D 338 -11.50 13.37 -9.30
CA SER D 338 -11.69 12.60 -8.08
C SER D 338 -12.88 13.17 -7.34
N SER D 339 -13.68 12.26 -6.80
CA SER D 339 -14.83 12.62 -6.01
C SER D 339 -14.62 11.92 -4.70
N ASN D 340 -15.03 12.53 -3.59
CA ASN D 340 -14.90 11.86 -2.32
C ASN D 340 -15.97 12.32 -1.33
N LEU D 341 -16.31 11.41 -0.42
CA LEU D 341 -17.27 11.69 0.63
C LEU D 341 -16.67 11.37 1.99
N LEU D 342 -16.73 12.31 2.92
CA LEU D 342 -16.13 12.12 4.23
C LEU D 342 -17.13 12.45 5.34
N ASP D 343 -16.97 11.76 6.46
CA ASP D 343 -17.83 11.94 7.63
C ASP D 343 -17.05 12.61 8.74
N LEU D 344 -17.24 13.92 8.89
CA LEU D 344 -16.47 14.71 9.83
C LEU D 344 -16.72 14.30 11.28
N LYS D 345 -17.82 13.59 11.50
CA LYS D 345 -18.18 13.12 12.85
C LYS D 345 -17.24 12.02 13.33
N ASN D 346 -16.65 11.28 12.40
CA ASN D 346 -15.79 10.14 12.73
C ASN D 346 -14.36 10.37 12.23
N PRO D 347 -13.64 11.31 12.85
CA PRO D 347 -12.28 11.56 12.36
C PRO D 347 -11.24 10.60 12.91
N PHE D 348 -10.08 10.56 12.27
CA PHE D 348 -8.97 9.74 12.71
C PHE D 348 -7.91 10.59 13.41
N PHE D 349 -7.79 10.42 14.72
CA PHE D 349 -6.80 11.15 15.50
C PHE D 349 -5.46 10.42 15.38
N ARG D 350 -4.55 11.00 14.61
CA ARG D 350 -3.30 10.34 14.25
C ARG D 350 -2.15 10.78 15.14
#